data_9IXM
#
_entry.id   9IXM
#
_cell.length_a   1.00
_cell.length_b   1.00
_cell.length_c   1.00
_cell.angle_alpha   90.00
_cell.angle_beta   90.00
_cell.angle_gamma   90.00
#
_symmetry.space_group_name_H-M   'P 1'
#
loop_
_entity.id
_entity.type
_entity.pdbx_description
1 polymer DdmD
2 polymer DdmE
3 polymer 'DNA (30-MER)'
4 polymer "DNA (5'-D(P*TP*GP*AP*CP*GP*GP*CP*TP*CP*TP*AP*AP*TP*CP*T)-3')"
5 polymer 'DNA (30-MER)'
6 non-polymer 'MAGNESIUM ION'
#
loop_
_entity_poly.entity_id
_entity_poly.type
_entity_poly.pdbx_seq_one_letter_code
_entity_poly.pdbx_strand_id
1 'polypeptide(L)'
;MQVSDFSGMIKKLQSQSPEHALMLLNAPTGTGKSYTIIRALCRYAIKHENFRAFFVTDQKKNLKEQDFEVAWREESGAVH
KAFSERVAVVRSLEDTVNKLINDWDRQQIPDLYRSSPIFKKSLENLGNAFKSFGMMKENEFDLKNAWTMLSRAEYQVRRA
MITILADKAHVKLKNISEAGASAFKLDSISKGKIREFVSKQPKADSKWLNETYPTFDLEKKQIIILTTAKFIKSYTPFFE
KRSKAFRYSPILKDALVVLDEFDSTKKQILESAIDEALKIQADLNSLFVDLSKGLNKVNEGQLPAKLGKSFTFRDAFKEI
LNDAEQLTAEFKLDFLYKMEEQGRDSGFVMRVPQTNWVSVGKPWNAYFDEELRQVVLGRQPRNDLNFQRMLPRISVFLKG
ATKFILNRAREYQVSENQKLSSLDDAMTIEDACFSIYAALGLSKSQAKILFSLGHDFSSPTKVKTTYHAHSGRRFQQRGL
SLFQFTNDPQHDLQTKINACFFNETPERYLLNLLSKANVLGLSATATLPTVLDNYDLGYLREMLGPRLLDGVHYLSDTTI
KEFDFESRYAKQKIEVKVETGIVDRFFSEILPKNNQKIDNKKIWELDAELAKLVNCIPASEQSRIDKKYFARRYLNLFNS
FVIFLTDPSMTSFLGLQSLLPGADGRMDENYIKETFTTLKDLVGGQDGVNTELRIVSSRNQEGIQEQLSEALNLVSQGGK
RVYILSAYQTIGIGQNLQHEMNEFEREQAANIAPKGVSKSDRRQHTIDLAGMYLGEVTHILSSNLPFRMDAAGLRSIIEQ
EYLFDANEINIKYLNKYLKGLQHQRLERHPEYARSLYVSYSRTIIQALGRMNRSFNKMPLIRLVMPVNVLQMVTDSGIDV
EKTSQEYRCLLTAAKDWERDFEKPSAEIAKQNATFNTFRDYRFVLAYLQTSKSWAQIYHDTRWFYVRHPTVSDKDLKSSQ
VFQQRDDEFGLQYLLNEHLDVSYEVKPINHDNGQFDFSGTGMEVSAEAAGLVAMCRYPGLKEAFESLDIPTKWEPNERIL
NPAQFYNYRGLLGEVSGQFIFQNEWSLKLADFGKPENYELFDFHWEGKVVIDFKNWRDAPDVDTKAERQKVEAKLAKLQA
NTQREWRVIIINILASNQTRPVMTVDGKILEISGLIDHQGKFLLTPEQKLNVWRFLNGTAVNDSNDTIRLQN
;
A,C
2 'polypeptide(L)'
;MEQQSMIRTTRLDYKINMMQLQADFKFLVVKIIDRSAFKDYNKLLASWSPEAVTSIRGRYKKGDYLMMFRQLPAIPTIAG
LELHEILLEDMGEFKIYPNHLLQLLLNQQSANEKSLLEPCKTPELLISGEEWYREFRDMRQQYYALKLKVNWQQDLEMSV
QTFTQVTEFQWDKQIYQFDEKRGRFQLCYQPSPGIYFVQGNHSANRNYIDFLSLQNKSSFYKSKVGVVQLVLDNLNLNAE
KYLLRPVTFHKSLVEHSSRLKLSKRETIWQQLAGSSLNIYAQVNDRLSQELADQLADHLIRSQLVRKNSVHVVRSQKIQS
GFNIQVIRDVRGRAAEDGYEVAKNDQIVQHLTVENFGHYQEGDKEITWKPKVSGKHHDPARDVAIVKLIQELCIKRDLAN
GKLKTVEPKLASLTQPLEFYYFAFLKKSFDPEVMVIKLAFTPEMELRFSKKKVRLNALTSDDEYTQVCKRVFDSLAAPKF
YSAWDSVDCVVRSGNKQLLIQRLNRTIMPDGKQIRKQLELNRPDKTLWRDKVVEELGELRPMVSGDSDYVAAYEQLQALV
TGMRPSFPLKDLDEAARKAGLNPKRRDMRQVNQFLTENATFTLKTTLQRELPDSPLAGMKWIGLTRIEEGEGHFNTFYFV
GSDKSLKPVVNRAVTLRRLLPLAGDAGIIDELFPKLAAMMSVEFVRSGQYTVVPYPVKYLREYWYSILRQHPEYR
;
B
3 'polydeoxyribonucleotide'
;(DC)(DA)(DC)(DT)(DA)(DA)(DT)(DA)(DG)(DA)(DT)(DT)(DA)(DG)(DA)(DG)(DC)(DC)(DG)(DT)
(DC)(DA)(DC)(DG)(DT)(DA)(DT)(DC)(DA)(DA)
;
E
4 'polydeoxyribonucleotide' (DT)(DG)(DA)(DC)(DG)(DG)(DC)(DT)(DC)(DT)(DA)(DA)(DT)(DC)(DT) D
5 'polydeoxyribonucleotide'
;(DT)(DT)(DG)(DA)(DT)(DA)(DC)(DG)(DA)(DC)(DT)(DG)(DC)(DC)(DG)(DA)(DG)(DA)(DT)(DT)
(DA)(DG)(DA)(DT)(DA)(DA)(DA)(DG)(DT)(DG)
;
F
#
# COMPACT_ATOMS: atom_id res chain seq x y z
N MET A 1 4.51 27.96 41.05
CA MET A 1 5.78 27.25 40.89
C MET A 1 6.34 26.82 42.24
N GLN A 2 5.54 27.00 43.29
CA GLN A 2 5.96 26.64 44.64
C GLN A 2 5.48 25.24 44.98
N VAL A 3 6.25 24.56 45.84
CA VAL A 3 5.97 23.17 46.16
C VAL A 3 4.65 23.02 46.90
N SER A 4 4.24 24.04 47.65
CA SER A 4 2.99 23.95 48.40
C SER A 4 1.79 23.81 47.48
N ASP A 5 1.80 24.51 46.34
CA ASP A 5 0.69 24.38 45.40
C ASP A 5 0.57 22.95 44.88
N PHE A 6 1.70 22.34 44.52
CA PHE A 6 1.66 20.97 44.01
C PHE A 6 1.27 19.98 45.10
N SER A 7 1.73 20.21 46.33
CA SER A 7 1.33 19.34 47.44
C SER A 7 -0.18 19.42 47.68
N GLY A 8 -0.73 20.64 47.65
CA GLY A 8 -2.17 20.79 47.78
C GLY A 8 -2.94 20.15 46.64
N MET A 9 -2.38 20.24 45.44
CA MET A 9 -3.00 19.58 44.29
C MET A 9 -3.03 18.07 44.46
N ILE A 10 -1.93 17.50 44.94
CA ILE A 10 -1.88 16.06 45.22
C ILE A 10 -2.89 15.69 46.29
N LYS A 11 -2.99 16.52 47.34
CA LYS A 11 -3.97 16.25 48.39
C LYS A 11 -5.40 16.29 47.85
N LYS A 12 -5.69 17.26 46.99
CA LYS A 12 -7.02 17.34 46.38
C LYS A 12 -7.30 16.11 45.53
N LEU A 13 -6.31 15.67 44.74
CA LEU A 13 -6.51 14.47 43.93
C LEU A 13 -6.74 13.24 44.79
N GLN A 14 -5.99 13.10 45.89
CA GLN A 14 -6.17 11.97 46.77
C GLN A 14 -7.49 12.02 47.54
N SER A 15 -8.03 13.21 47.75
CA SER A 15 -9.31 13.37 48.43
C SER A 15 -10.49 12.89 47.59
N GLN A 16 -10.28 12.58 46.31
CA GLN A 16 -11.33 12.13 45.41
C GLN A 16 -11.17 10.64 45.08
N SER A 17 -10.80 9.86 46.10
CA SER A 17 -10.55 8.43 45.89
C SER A 17 -11.75 7.67 45.34
N PRO A 18 -12.97 7.83 45.84
CA PRO A 18 -14.08 7.00 45.32
C PRO A 18 -14.39 7.23 43.85
N GLU A 19 -13.98 8.37 43.28
CA GLU A 19 -14.30 8.68 41.89
C GLU A 19 -13.11 8.65 40.95
N HIS A 20 -11.89 8.78 41.46
CA HIS A 20 -10.67 8.73 40.65
C HIS A 20 -10.69 9.79 39.55
N ALA A 21 -10.68 11.05 39.98
CA ALA A 21 -10.73 12.16 39.05
C ALA A 21 -9.41 12.29 38.28
N LEU A 22 -9.47 13.02 37.18
CA LEU A 22 -8.30 13.27 36.33
C LEU A 22 -7.95 14.75 36.37
N MET A 23 -6.66 15.04 36.52
CA MET A 23 -6.17 16.41 36.68
C MET A 23 -5.28 16.76 35.49
N LEU A 24 -5.51 17.92 34.91
CA LEU A 24 -4.65 18.44 33.85
C LEU A 24 -4.11 19.81 34.25
N LEU A 25 -2.83 20.03 33.98
CA LEU A 25 -2.17 21.29 34.32
C LEU A 25 -1.29 21.71 33.15
N ASN A 26 -1.51 22.92 32.65
CA ASN A 26 -0.74 23.45 31.53
C ASN A 26 0.03 24.69 32.00
N ALA A 27 1.35 24.58 32.03
CA ALA A 27 2.23 25.67 32.41
C ALA A 27 3.42 25.68 31.45
N PRO A 28 4.05 26.84 31.25
CA PRO A 28 5.18 26.92 30.32
C PRO A 28 6.34 26.05 30.78
N THR A 29 7.14 25.61 29.80
CA THR A 29 8.25 24.71 30.09
C THR A 29 9.32 25.39 30.93
N GLY A 30 9.46 26.71 30.80
CA GLY A 30 10.52 27.42 31.49
C GLY A 30 10.19 27.72 32.94
N THR A 31 9.58 26.77 33.64
CA THR A 31 9.27 26.93 35.06
C THR A 31 9.82 25.80 35.93
N GLY A 32 10.38 24.74 35.33
CA GLY A 32 10.86 23.62 36.13
C GLY A 32 9.76 22.92 36.91
N LYS A 33 8.61 22.71 36.27
CA LYS A 33 7.50 22.07 36.97
C LYS A 33 7.84 20.64 37.38
N SER A 34 8.70 19.96 36.63
CA SER A 34 9.09 18.60 36.98
C SER A 34 9.82 18.58 38.33
N TYR A 35 10.74 19.52 38.54
CA TYR A 35 11.48 19.57 39.80
C TYR A 35 10.53 19.86 40.96
N THR A 36 9.61 20.80 40.79
CA THR A 36 8.67 21.15 41.85
C THR A 36 7.76 19.97 42.18
N ILE A 37 7.26 19.29 41.15
CA ILE A 37 6.38 18.15 41.41
C ILE A 37 7.17 17.00 42.02
N ILE A 38 8.44 16.84 41.68
CA ILE A 38 9.26 15.82 42.31
C ILE A 38 9.39 16.10 43.81
N ARG A 39 9.69 17.35 44.15
CA ARG A 39 9.83 17.71 45.55
C ARG A 39 8.52 17.50 46.31
N ALA A 40 7.40 17.95 45.72
CA ALA A 40 6.11 17.82 46.40
C ALA A 40 5.71 16.36 46.54
N LEU A 41 5.94 15.56 45.50
CA LEU A 41 5.58 14.15 45.52
C LEU A 41 6.39 13.41 46.57
N CYS A 42 7.69 13.69 46.64
CA CYS A 42 8.55 13.10 47.66
C CYS A 42 8.14 13.51 49.06
N ARG A 43 7.81 14.78 49.28
CA ARG A 43 7.36 15.22 50.60
C ARG A 43 6.08 14.49 51.01
N TYR A 44 5.10 14.41 50.10
CA TYR A 44 3.85 13.74 50.43
C TYR A 44 4.06 12.26 50.70
N ALA A 45 4.87 11.60 49.88
CA ALA A 45 5.13 10.17 50.08
C ALA A 45 5.82 9.93 51.41
N ILE A 46 6.79 10.77 51.76
CA ILE A 46 7.48 10.62 53.04
C ILE A 46 6.51 10.83 54.19
N LYS A 47 5.63 11.83 54.07
CA LYS A 47 4.69 12.14 55.14
C LYS A 47 3.63 11.07 55.36
N HIS A 48 3.09 10.48 54.30
CA HIS A 48 1.90 9.63 54.45
C HIS A 48 2.18 8.14 54.62
N GLU A 49 3.21 7.59 53.96
CA GLU A 49 3.62 6.21 54.17
C GLU A 49 2.55 5.20 53.78
N ASN A 50 1.57 5.64 52.98
CA ASN A 50 0.56 4.73 52.47
C ASN A 50 0.20 5.10 51.04
N PHE A 51 0.88 6.11 50.50
CA PHE A 51 0.52 6.69 49.22
C PHE A 51 1.48 6.20 48.13
N ARG A 52 0.91 5.85 46.97
CA ARG A 52 1.67 5.37 45.83
C ARG A 52 1.65 6.41 44.71
N ALA A 53 2.74 6.46 43.95
CA ALA A 53 2.86 7.41 42.87
C ALA A 53 3.69 6.79 41.76
N PHE A 54 3.20 6.92 40.52
CA PHE A 54 3.93 6.45 39.34
C PHE A 54 4.33 7.67 38.52
N PHE A 55 5.60 8.05 38.58
CA PHE A 55 6.11 9.13 37.74
C PHE A 55 6.40 8.54 36.37
N VAL A 56 5.52 8.81 35.42
CA VAL A 56 5.57 8.21 34.09
C VAL A 56 5.88 9.30 33.08
N THR A 57 7.02 9.19 32.41
CA THR A 57 7.44 10.12 31.37
C THR A 57 7.65 9.36 30.07
N ASP A 58 8.05 10.10 29.03
CA ASP A 58 8.22 9.52 27.70
C ASP A 58 9.65 9.04 27.48
N GLN A 59 10.63 9.92 27.67
CA GLN A 59 12.02 9.62 27.36
C GLN A 59 12.81 9.35 28.64
N LYS A 60 13.88 8.58 28.49
CA LYS A 60 14.68 8.15 29.64
C LYS A 60 15.32 9.33 30.35
N LYS A 61 15.84 10.30 29.58
CA LYS A 61 16.53 11.43 30.19
C LYS A 61 15.58 12.29 31.03
N ASN A 62 14.28 12.19 30.82
CA ASN A 62 13.31 12.96 31.59
C ASN A 62 12.90 12.27 32.88
N LEU A 63 13.43 11.06 33.15
CA LEU A 63 13.10 10.38 34.40
C LEU A 63 13.60 11.17 35.61
N LYS A 64 14.81 11.73 35.51
CA LYS A 64 15.41 12.55 36.56
C LYS A 64 15.49 11.78 37.88
N GLU A 65 16.21 10.65 37.83
CA GLU A 65 16.43 9.87 39.04
C GLU A 65 17.29 10.63 40.05
N GLN A 66 18.32 11.34 39.57
CA GLN A 66 19.15 12.14 40.46
C GLN A 66 18.35 13.26 41.11
N ASP A 67 17.45 13.89 40.36
CA ASP A 67 16.58 14.90 40.94
C ASP A 67 15.71 14.30 42.05
N PHE A 68 15.17 13.11 41.80
CA PHE A 68 14.38 12.45 42.83
C PHE A 68 15.20 12.17 44.07
N GLU A 69 16.43 11.66 43.90
CA GLU A 69 17.24 11.32 45.07
C GLU A 69 17.67 12.57 45.83
N VAL A 70 17.99 13.65 45.13
CA VAL A 70 18.40 14.87 45.83
C VAL A 70 17.21 15.50 46.55
N ALA A 71 16.02 15.44 45.95
CA ALA A 71 14.83 15.94 46.63
C ALA A 71 14.52 15.11 47.87
N TRP A 72 14.65 13.79 47.77
CA TRP A 72 14.45 12.92 48.92
C TRP A 72 15.44 13.24 50.02
N ARG A 73 16.71 13.45 49.66
CA ARG A 73 17.71 13.83 50.65
C ARG A 73 17.40 15.17 51.29
N GLU A 74 16.93 16.14 50.51
CA GLU A 74 16.62 17.47 51.01
C GLU A 74 15.44 17.47 51.97
N GLU A 75 14.36 16.77 51.65
CA GLU A 75 13.15 16.80 52.44
C GLU A 75 12.80 15.44 53.03
N SER A 76 13.82 14.67 53.40
CA SER A 76 13.56 13.34 53.96
C SER A 76 13.45 13.36 55.48
N GLY A 77 12.59 14.23 56.00
CA GLY A 77 12.28 14.24 57.42
C GLY A 77 13.51 14.40 58.29
N ALA A 78 13.46 13.83 59.49
CA ALA A 78 14.63 13.72 60.36
C ALA A 78 15.00 12.30 60.74
N VAL A 79 14.05 11.37 60.74
CA VAL A 79 14.37 9.95 60.81
C VAL A 79 13.95 9.51 59.42
N HIS A 80 14.84 8.76 58.74
CA HIS A 80 14.67 8.53 57.32
C HIS A 80 14.89 7.05 57.00
N LYS A 81 14.30 6.65 55.88
CA LYS A 81 14.53 5.36 55.26
C LYS A 81 15.37 5.56 54.00
N ALA A 82 16.05 4.49 53.58
CA ALA A 82 16.91 4.59 52.40
C ALA A 82 16.09 4.96 51.17
N PHE A 83 16.62 5.87 50.36
CA PHE A 83 15.92 6.30 49.15
C PHE A 83 15.71 5.13 48.20
N SER A 84 16.69 4.22 48.11
CA SER A 84 16.55 3.06 47.25
C SER A 84 15.46 2.10 47.73
N GLU A 85 15.11 2.13 49.01
CA GLU A 85 14.07 1.25 49.51
C GLU A 85 12.68 1.72 49.11
N ARG A 86 12.42 3.02 49.12
CA ARG A 86 11.09 3.56 48.85
C ARG A 86 10.88 3.92 47.39
N VAL A 87 11.79 4.71 46.81
CA VAL A 87 11.66 5.18 45.44
C VAL A 87 12.65 4.41 44.59
N ALA A 88 12.14 3.69 43.59
CA ALA A 88 12.97 2.87 42.72
C ALA A 88 12.55 3.06 41.27
N VAL A 89 13.48 2.86 40.36
CA VAL A 89 13.25 3.03 38.93
C VAL A 89 13.11 1.66 38.30
N VAL A 90 12.01 1.45 37.57
CA VAL A 90 11.74 0.19 36.88
C VAL A 90 12.27 0.35 35.45
N ARG A 91 13.50 -0.10 35.23
CA ARG A 91 14.11 -0.01 33.91
C ARG A 91 13.66 -1.18 33.03
N SER A 92 14.03 -1.13 31.77
CA SER A 92 13.67 -2.20 30.86
C SER A 92 14.67 -3.32 30.96
N LEU A 93 14.40 -4.41 30.26
CA LEU A 93 15.29 -5.56 30.34
C LEU A 93 16.68 -5.23 29.79
N GLU A 94 16.75 -4.57 28.66
CA GLU A 94 18.04 -4.24 28.13
C GLU A 94 18.75 -3.38 29.15
N ASP A 95 18.16 -2.27 29.52
CA ASP A 95 18.83 -1.35 30.43
C ASP A 95 19.23 -2.05 31.71
N THR A 96 18.40 -2.96 32.22
CA THR A 96 18.75 -3.69 33.43
C THR A 96 19.99 -4.55 33.20
N VAL A 97 20.04 -5.25 32.06
CA VAL A 97 21.21 -6.06 31.75
C VAL A 97 22.45 -5.19 31.58
N ASN A 98 22.30 -4.04 30.91
CA ASN A 98 23.42 -3.14 30.73
C ASN A 98 23.96 -2.66 32.08
N LYS A 99 23.06 -2.26 32.98
CA LYS A 99 23.49 -1.80 34.29
C LYS A 99 24.14 -2.93 35.09
N LEU A 100 23.58 -4.14 34.99
CA LEU A 100 24.16 -5.28 35.72
C LEU A 100 25.57 -5.56 35.23
N ILE A 101 25.78 -5.56 33.91
CA ILE A 101 27.11 -5.83 33.37
C ILE A 101 28.08 -4.72 33.74
N ASN A 102 27.63 -3.47 33.66
CA ASN A 102 28.51 -2.35 34.01
C ASN A 102 28.90 -2.39 35.47
N ASP A 103 27.97 -2.77 36.36
CA ASP A 103 28.31 -2.96 37.76
C ASP A 103 29.27 -4.11 37.96
N TRP A 104 29.10 -5.19 37.19
CA TRP A 104 30.04 -6.30 37.27
C TRP A 104 31.44 -5.87 36.84
N ASP A 105 31.53 -4.97 35.86
CA ASP A 105 32.84 -4.51 35.40
C ASP A 105 33.53 -3.64 36.45
N ARG A 106 32.83 -2.67 37.03
CA ARG A 106 33.49 -1.86 38.03
C ARG A 106 33.35 -2.42 39.44
N GLN A 107 32.83 -3.64 39.57
CA GLN A 107 32.77 -4.38 40.83
C GLN A 107 31.92 -3.67 41.89
N GLN A 108 30.79 -3.11 41.48
CA GLN A 108 29.82 -2.64 42.46
C GLN A 108 29.01 -3.78 43.08
N ILE A 109 29.09 -4.97 42.51
CA ILE A 109 28.34 -6.11 43.04
C ILE A 109 28.88 -6.46 44.42
N PRO A 110 28.03 -6.69 45.41
CA PRO A 110 28.51 -7.05 46.75
C PRO A 110 29.22 -8.40 46.75
N ASP A 111 30.06 -8.60 47.76
CA ASP A 111 30.87 -9.82 47.85
C ASP A 111 30.00 -11.07 47.99
N LEU A 112 28.76 -10.92 48.45
CA LEU A 112 27.88 -12.08 48.59
C LEU A 112 27.62 -12.74 47.24
N TYR A 113 27.42 -11.93 46.20
CA TYR A 113 27.14 -12.47 44.88
C TYR A 113 28.39 -12.70 44.06
N ARG A 114 29.37 -11.79 44.13
CA ARG A 114 30.58 -11.94 43.32
C ARG A 114 31.38 -13.18 43.72
N SER A 115 31.35 -13.55 45.00
CA SER A 115 32.09 -14.73 45.44
C SER A 115 31.41 -16.03 45.03
N SER A 116 30.16 -15.97 44.59
CA SER A 116 29.46 -17.18 44.17
C SER A 116 29.99 -17.63 42.81
N PRO A 117 30.40 -18.89 42.66
CA PRO A 117 30.86 -19.36 41.36
C PRO A 117 29.73 -19.53 40.36
N ILE A 118 28.58 -20.05 40.84
CA ILE A 118 27.45 -20.28 39.95
C ILE A 118 26.89 -18.94 39.44
N PHE A 119 26.83 -17.94 40.32
CA PHE A 119 26.37 -16.63 39.88
C PHE A 119 27.37 -15.99 38.95
N LYS A 120 28.67 -16.22 39.18
CA LYS A 120 29.68 -15.72 38.26
C LYS A 120 29.51 -16.33 36.87
N LYS A 121 29.24 -17.64 36.81
CA LYS A 121 29.01 -18.29 35.53
C LYS A 121 27.76 -17.74 34.85
N SER A 122 26.68 -17.56 35.61
CA SER A 122 25.46 -17.03 35.03
C SER A 122 25.66 -15.61 34.50
N LEU A 123 26.43 -14.79 35.23
CA LEU A 123 26.68 -13.42 34.79
C LEU A 123 27.59 -13.41 33.57
N GLU A 124 28.54 -14.34 33.49
CA GLU A 124 29.36 -14.47 32.29
C GLU A 124 28.50 -14.84 31.09
N ASN A 125 27.55 -15.75 31.30
CA ASN A 125 26.62 -16.12 30.23
C ASN A 125 25.77 -14.92 29.81
N LEU A 126 25.34 -14.12 30.78
CA LEU A 126 24.56 -12.93 30.47
C LEU A 126 25.39 -11.93 29.66
N GLY A 127 26.66 -11.76 30.02
CA GLY A 127 27.52 -10.88 29.26
C GLY A 127 27.73 -11.37 27.84
N ASN A 128 27.92 -12.67 27.68
CA ASN A 128 28.05 -13.24 26.34
C ASN A 128 26.78 -13.04 25.53
N ALA A 129 25.62 -13.20 26.17
CA ALA A 129 24.36 -12.97 25.48
C ALA A 129 24.19 -11.51 25.08
N PHE A 130 24.56 -10.57 25.95
CA PHE A 130 24.41 -9.16 25.64
C PHE A 130 25.38 -8.72 24.53
N LYS A 131 26.59 -9.29 24.51
CA LYS A 131 27.55 -8.95 23.47
C LYS A 131 27.02 -9.39 22.11
N SER A 132 26.07 -10.32 22.11
CA SER A 132 25.39 -10.76 20.89
C SER A 132 24.13 -9.95 20.63
N PHE A 133 23.37 -9.71 21.67
CA PHE A 133 22.14 -8.96 21.53
C PHE A 133 22.52 -7.63 20.97
N GLY A 134 23.63 -7.10 21.44
CA GLY A 134 24.10 -5.82 20.97
C GLY A 134 24.32 -5.92 19.49
N MET A 135 25.08 -6.93 19.09
CA MET A 135 25.38 -7.14 17.70
C MET A 135 24.14 -7.45 16.88
N MET A 136 23.19 -8.18 17.45
CA MET A 136 21.97 -8.52 16.76
C MET A 136 21.23 -7.24 16.42
N LYS A 137 21.14 -6.35 17.42
CA LYS A 137 20.51 -5.06 17.28
C LYS A 137 21.19 -4.33 16.14
N GLU A 138 22.52 -4.26 16.22
CA GLU A 138 23.31 -3.56 15.23
C GLU A 138 23.33 -4.27 13.89
N ASN A 139 22.60 -5.38 13.74
CA ASN A 139 22.72 -6.12 12.48
C ASN A 139 21.85 -6.84 11.47
N GLU A 140 21.07 -7.83 11.93
CA GLU A 140 20.21 -8.69 11.12
C GLU A 140 18.81 -8.45 11.66
N PHE A 141 18.76 -7.94 12.89
CA PHE A 141 17.52 -7.64 13.60
C PHE A 141 16.61 -8.81 13.96
N ASP A 142 15.32 -8.67 13.67
CA ASP A 142 14.29 -9.67 14.02
C ASP A 142 14.44 -9.94 15.50
N LEU A 143 14.96 -8.91 16.15
CA LEU A 143 15.24 -8.88 17.57
C LEU A 143 14.25 -9.49 18.53
N LYS A 144 13.05 -9.89 18.08
CA LYS A 144 12.11 -10.54 18.97
C LYS A 144 12.77 -11.77 19.57
N ASN A 145 13.34 -12.60 18.73
CA ASN A 145 14.01 -13.79 19.21
C ASN A 145 15.17 -13.40 20.12
N ALA A 146 15.94 -12.42 19.70
CA ALA A 146 17.09 -12.03 20.49
C ALA A 146 16.62 -11.70 21.89
N TRP A 147 15.58 -10.90 21.97
CA TRP A 147 15.02 -10.49 23.23
C TRP A 147 14.63 -11.67 24.05
N THR A 148 13.99 -12.66 23.43
CA THR A 148 13.63 -13.84 24.22
C THR A 148 14.89 -14.49 24.82
N MET A 149 15.97 -14.54 24.03
CA MET A 149 17.23 -15.08 24.52
C MET A 149 17.76 -14.25 25.69
N LEU A 150 17.71 -12.93 25.56
CA LEU A 150 18.20 -12.06 26.63
C LEU A 150 17.35 -12.20 27.89
N SER A 151 16.04 -12.32 27.72
CA SER A 151 15.15 -12.51 28.86
C SER A 151 15.44 -13.84 29.55
N ARG A 152 15.68 -14.90 28.78
CA ARG A 152 16.01 -16.18 29.37
C ARG A 152 17.32 -16.12 30.15
N ALA A 153 18.34 -15.48 29.58
CA ALA A 153 19.61 -15.37 30.30
C ALA A 153 19.46 -14.55 31.58
N GLU A 154 18.72 -13.43 31.50
CA GLU A 154 18.50 -12.61 32.69
C GLU A 154 17.71 -13.37 33.75
N TYR A 155 16.75 -14.19 33.32
CA TYR A 155 16.00 -15.01 34.28
C TYR A 155 16.90 -16.05 34.92
N GLN A 156 17.85 -16.60 34.16
CA GLN A 156 18.81 -17.52 34.73
C GLN A 156 19.66 -16.84 35.80
N VAL A 157 20.10 -15.61 35.52
CA VAL A 157 20.88 -14.87 36.51
C VAL A 157 20.04 -14.59 37.75
N ARG A 158 18.79 -14.20 37.56
CA ARG A 158 17.90 -13.95 38.69
C ARG A 158 17.68 -15.22 39.50
N ARG A 159 17.55 -16.36 38.82
CA ARG A 159 17.42 -17.64 39.50
C ARG A 159 18.65 -17.93 40.34
N ALA A 160 19.84 -17.65 39.80
CA ALA A 160 21.06 -17.86 40.57
C ALA A 160 21.09 -17.00 41.82
N MET A 161 20.75 -15.71 41.69
CA MET A 161 20.83 -14.84 42.86
C MET A 161 19.76 -15.18 43.89
N ILE A 162 18.56 -15.56 43.45
CA ILE A 162 17.55 -15.95 44.44
C ILE A 162 17.94 -17.27 45.10
N THR A 163 18.60 -18.17 44.38
CA THR A 163 19.07 -19.40 44.98
C THR A 163 20.09 -19.12 46.07
N ILE A 164 21.08 -18.28 45.79
CA ILE A 164 22.07 -17.97 46.82
C ILE A 164 21.42 -17.18 47.96
N LEU A 165 20.45 -16.32 47.66
CA LEU A 165 19.77 -15.56 48.72
C LEU A 165 19.03 -16.50 49.66
N ALA A 166 18.33 -17.48 49.11
CA ALA A 166 17.64 -18.46 49.95
C ALA A 166 18.63 -19.31 50.72
N ASP A 167 19.78 -19.62 50.10
CA ASP A 167 20.81 -20.40 50.78
C ASP A 167 21.33 -19.65 52.01
N LYS A 168 21.56 -18.34 51.88
CA LYS A 168 22.05 -17.57 53.00
C LYS A 168 20.96 -17.17 53.99
N ALA A 169 19.69 -17.32 53.61
CA ALA A 169 18.57 -16.97 54.48
C ALA A 169 17.94 -18.18 55.14
N HIS A 170 18.57 -19.36 55.04
CA HIS A 170 18.07 -20.60 55.64
C HIS A 170 16.67 -20.93 55.12
N VAL A 171 16.50 -20.81 53.81
CA VAL A 171 15.26 -21.15 53.13
C VAL A 171 15.54 -22.23 52.11
N LYS A 172 14.72 -23.29 52.14
CA LYS A 172 14.91 -24.46 51.29
C LYS A 172 13.93 -24.35 50.12
N LEU A 173 14.46 -24.39 48.90
CA LEU A 173 13.65 -24.31 47.69
C LEU A 173 13.28 -25.73 47.26
N LYS A 174 12.00 -26.04 47.28
CA LYS A 174 11.55 -27.36 46.85
C LYS A 174 11.77 -27.54 45.36
N ASN A 175 12.28 -28.71 44.99
CA ASN A 175 12.58 -29.00 43.59
C ASN A 175 11.96 -30.32 43.17
N GLY A 180 10.75 -29.94 33.13
CA GLY A 180 12.07 -30.45 33.42
C GLY A 180 12.93 -29.48 34.21
N ALA A 181 12.29 -28.72 35.10
CA ALA A 181 13.00 -27.74 35.92
C ALA A 181 12.33 -27.69 37.29
N SER A 182 13.08 -27.18 38.26
CA SER A 182 12.57 -27.05 39.62
C SER A 182 11.43 -26.03 39.66
N ALA A 183 10.40 -26.34 40.45
CA ALA A 183 9.26 -25.45 40.61
C ALA A 183 9.66 -24.30 41.52
N PHE A 184 10.07 -23.18 40.92
CA PHE A 184 10.55 -22.06 41.72
C PHE A 184 9.39 -21.23 42.24
N LYS A 185 8.37 -21.89 42.78
CA LYS A 185 7.23 -21.16 43.33
C LYS A 185 7.43 -20.92 44.81
N LEU A 186 8.29 -19.97 45.15
CA LEU A 186 8.57 -19.73 46.56
C LEU A 186 7.32 -19.27 47.28
N ASP A 187 7.07 -19.83 48.46
CA ASP A 187 5.87 -19.49 49.22
C ASP A 187 5.88 -18.05 49.68
N SER A 188 4.72 -17.43 49.69
CA SER A 188 4.63 -16.05 50.12
C SER A 188 5.49 -15.83 51.35
N ILE A 189 5.57 -16.84 52.21
CA ILE A 189 6.30 -16.68 53.46
C ILE A 189 7.80 -16.70 53.19
N SER A 190 8.23 -17.52 52.24
CA SER A 190 9.64 -17.52 51.85
C SER A 190 10.06 -16.18 51.26
N LYS A 191 9.17 -15.57 50.47
CA LYS A 191 9.43 -14.22 49.99
C LYS A 191 9.60 -13.25 51.16
N GLY A 192 8.77 -13.42 52.19
CA GLY A 192 8.92 -12.59 53.37
C GLY A 192 10.25 -12.79 54.08
N LYS A 193 10.68 -14.04 54.20
CA LYS A 193 11.99 -14.30 54.81
C LYS A 193 13.11 -13.67 53.99
N ILE A 194 13.04 -13.78 52.66
CA ILE A 194 14.08 -13.16 51.83
C ILE A 194 14.09 -11.65 52.03
N ARG A 195 12.90 -11.04 52.06
CA ARG A 195 12.81 -9.58 52.22
C ARG A 195 13.38 -9.15 53.56
N GLU A 196 13.00 -9.83 54.65
CA GLU A 196 13.53 -9.44 55.95
C GLU A 196 15.02 -9.75 56.07
N PHE A 197 15.50 -10.78 55.37
CA PHE A 197 16.92 -11.07 55.37
C PHE A 197 17.72 -9.96 54.71
N VAL A 198 17.28 -9.50 53.55
CA VAL A 198 17.98 -8.39 52.90
C VAL A 198 17.80 -7.11 53.71
N SER A 199 16.70 -7.00 54.46
CA SER A 199 16.54 -5.84 55.35
C SER A 199 17.59 -5.88 56.46
N LYS A 200 17.83 -7.05 57.05
CA LYS A 200 18.82 -7.19 58.10
C LYS A 200 20.25 -7.09 57.58
N GLN A 201 20.47 -7.22 56.28
CA GLN A 201 21.81 -7.16 55.72
C GLN A 201 22.35 -5.74 55.78
N PRO A 202 23.67 -5.58 55.66
CA PRO A 202 24.25 -4.23 55.62
C PRO A 202 23.62 -3.37 54.53
N LYS A 203 23.78 -2.05 54.70
CA LYS A 203 23.07 -1.11 53.85
C LYS A 203 23.55 -1.16 52.41
N ALA A 204 24.84 -1.45 52.19
CA ALA A 204 25.39 -1.37 50.84
C ALA A 204 24.79 -2.44 49.93
N ASP A 205 24.79 -3.70 50.36
CA ASP A 205 24.31 -4.78 49.50
C ASP A 205 22.79 -4.70 49.32
N SER A 206 22.06 -4.37 50.38
CA SER A 206 20.62 -4.20 50.25
C SER A 206 20.29 -3.04 49.30
N LYS A 207 21.05 -1.95 49.40
CA LYS A 207 20.85 -0.82 48.50
C LYS A 207 21.09 -1.22 47.06
N TRP A 208 22.18 -1.97 46.81
CA TRP A 208 22.47 -2.41 45.45
C TRP A 208 21.38 -3.33 44.92
N LEU A 209 20.92 -4.28 45.75
CA LEU A 209 19.87 -5.19 45.32
C LEU A 209 18.57 -4.46 45.01
N ASN A 210 18.21 -3.49 45.85
CA ASN A 210 16.99 -2.73 45.61
C ASN A 210 17.11 -1.87 44.36
N GLU A 211 18.28 -1.27 44.14
CA GLU A 211 18.47 -0.45 42.94
C GLU A 211 18.41 -1.29 41.68
N THR A 212 19.06 -2.46 41.68
CA THR A 212 19.13 -3.27 40.48
C THR A 212 17.85 -4.08 40.23
N TYR A 213 16.99 -4.22 41.23
CA TYR A 213 15.76 -4.99 41.08
C TYR A 213 14.82 -4.19 41.96
N PRO A 214 13.83 -3.50 41.38
CA PRO A 214 12.85 -2.79 42.20
C PRO A 214 11.75 -3.79 42.49
N THR A 215 11.56 -4.78 41.62
CA THR A 215 10.51 -5.77 41.79
C THR A 215 10.75 -6.70 42.97
N PHE A 216 11.89 -6.58 43.65
CA PHE A 216 12.13 -7.41 44.83
C PHE A 216 11.05 -7.19 45.88
N ASP A 217 10.79 -5.92 46.22
CA ASP A 217 9.72 -5.54 47.13
C ASP A 217 9.01 -4.35 46.50
N LEU A 218 8.05 -4.62 45.62
CA LEU A 218 7.33 -3.56 44.93
C LEU A 218 6.16 -3.02 45.74
N GLU A 219 5.60 -3.84 46.64
CA GLU A 219 4.50 -3.37 47.48
C GLU A 219 4.95 -2.25 48.40
N LYS A 220 6.15 -2.36 48.96
CA LYS A 220 6.66 -1.33 49.86
C LYS A 220 7.12 -0.09 49.11
N LYS A 221 7.30 -0.17 47.79
CA LYS A 221 7.64 1.00 47.00
C LYS A 221 6.50 2.00 47.03
N GLN A 222 6.86 3.29 47.03
CA GLN A 222 5.89 4.37 47.05
C GLN A 222 5.90 5.19 45.77
N ILE A 223 7.07 5.62 45.31
CA ILE A 223 7.21 6.37 44.07
C ILE A 223 7.97 5.50 43.07
N ILE A 224 7.36 5.27 41.92
CA ILE A 224 7.94 4.44 40.87
C ILE A 224 8.17 5.32 39.65
N ILE A 225 9.40 5.34 39.16
CA ILE A 225 9.80 6.16 38.02
C ILE A 225 10.06 5.23 36.85
N LEU A 226 9.30 5.39 35.77
CA LEU A 226 9.44 4.51 34.62
C LEU A 226 8.90 5.21 33.39
N THR A 227 9.34 4.74 32.23
CA THR A 227 8.96 5.35 30.96
C THR A 227 7.52 4.96 30.59
N THR A 228 6.93 5.75 29.70
CA THR A 228 5.55 5.51 29.28
C THR A 228 5.43 4.18 28.56
N ALA A 229 6.38 3.88 27.67
CA ALA A 229 6.34 2.62 26.93
C ALA A 229 6.40 1.43 27.86
N LYS A 230 7.27 1.48 28.88
CA LYS A 230 7.32 0.43 29.88
C LYS A 230 6.07 0.38 30.75
N PHE A 231 5.52 1.54 31.12
CA PHE A 231 4.31 1.56 31.95
C PHE A 231 3.14 0.91 31.25
N ILE A 232 2.93 1.23 29.97
CA ILE A 232 1.85 0.59 29.22
C ILE A 232 2.19 -0.87 28.89
N LYS A 233 3.45 -1.25 28.98
CA LYS A 233 3.87 -2.62 28.75
C LYS A 233 3.88 -3.38 30.07
N SER A 234 4.47 -4.57 30.08
CA SER A 234 4.47 -5.43 31.25
C SER A 234 5.78 -5.28 32.04
N TYR A 235 5.86 -6.00 33.16
CA TYR A 235 7.05 -6.04 34.00
C TYR A 235 7.18 -7.43 34.59
N THR A 236 8.40 -7.79 34.97
CA THR A 236 8.71 -9.12 35.47
C THR A 236 8.94 -9.08 36.97
N PRO A 237 8.18 -9.82 37.78
CA PRO A 237 8.46 -9.89 39.21
C PRO A 237 9.82 -10.55 39.46
N PHE A 238 10.42 -10.19 40.59
CA PHE A 238 11.76 -10.68 40.90
C PHE A 238 11.81 -12.20 41.01
N PHE A 239 10.77 -12.82 41.55
CA PHE A 239 10.73 -14.25 41.74
C PHE A 239 9.99 -14.98 40.62
N GLU A 240 8.89 -14.41 40.13
CA GLU A 240 8.06 -15.11 39.17
C GLU A 240 8.71 -15.09 37.79
N LYS A 241 8.67 -16.23 37.10
CA LYS A 241 9.31 -16.34 35.78
C LYS A 241 8.62 -15.48 34.74
N ARG A 242 7.30 -15.58 34.62
CA ARG A 242 6.56 -14.82 33.62
C ARG A 242 6.50 -13.35 34.03
N SER A 243 5.79 -12.54 33.25
CA SER A 243 5.72 -11.10 33.48
C SER A 243 4.27 -10.66 33.66
N LYS A 244 4.03 -9.89 34.72
CA LYS A 244 2.73 -9.31 34.97
C LYS A 244 2.60 -7.98 34.24
N ALA A 245 1.36 -7.58 33.95
CA ALA A 245 1.08 -6.35 33.23
C ALA A 245 0.76 -5.25 34.24
N PHE A 246 1.36 -4.07 34.05
CA PHE A 246 1.07 -2.95 34.94
C PHE A 246 -0.41 -2.59 34.92
N ARG A 247 -1.05 -2.73 33.75
CA ARG A 247 -2.43 -2.29 33.61
C ARG A 247 -3.38 -3.09 34.49
N TYR A 248 -3.10 -4.38 34.69
CA TYR A 248 -3.95 -5.24 35.51
C TYR A 248 -3.39 -5.46 36.91
N SER A 249 -2.24 -4.87 37.22
CA SER A 249 -1.61 -5.13 38.51
C SER A 249 -2.42 -4.53 39.65
N PRO A 250 -2.53 -5.22 40.78
CA PRO A 250 -3.24 -4.64 41.93
C PRO A 250 -2.56 -3.41 42.50
N ILE A 251 -1.28 -3.18 42.16
CA ILE A 251 -0.55 -2.04 42.72
C ILE A 251 -1.08 -0.71 42.20
N LEU A 252 -1.87 -0.72 41.12
CA LEU A 252 -2.39 0.53 40.57
C LEU A 252 -3.60 1.04 41.34
N LYS A 253 -4.18 0.23 42.23
CA LYS A 253 -5.39 0.64 42.93
C LYS A 253 -5.09 1.81 43.86
N ASP A 254 -5.89 2.86 43.74
CA ASP A 254 -5.75 4.07 44.55
C ASP A 254 -4.35 4.68 44.45
N ALA A 255 -3.75 4.61 43.26
CA ALA A 255 -2.45 5.20 43.03
C ALA A 255 -2.60 6.58 42.41
N LEU A 256 -1.48 7.25 42.17
CA LEU A 256 -1.45 8.58 41.55
C LEU A 256 -0.39 8.56 40.46
N VAL A 257 -0.81 8.27 39.23
CA VAL A 257 0.12 8.27 38.10
C VAL A 257 0.29 9.70 37.61
N VAL A 258 1.56 10.11 37.47
CA VAL A 258 1.90 11.45 36.99
C VAL A 258 2.44 11.32 35.58
N LEU A 259 1.76 11.94 34.64
CA LEU A 259 2.10 11.84 33.21
C LEU A 259 2.81 13.12 32.80
N ASP A 260 4.12 13.15 33.01
CA ASP A 260 4.92 14.27 32.50
C ASP A 260 4.89 14.27 30.99
N GLU A 261 4.76 15.46 30.39
CA GLU A 261 4.49 15.60 28.97
C GLU A 261 3.26 14.80 28.58
N PHE A 262 2.13 15.21 29.17
CA PHE A 262 0.90 14.41 29.09
C PHE A 262 0.44 14.23 27.65
N ASP A 263 0.48 15.29 26.86
CA ASP A 263 0.00 15.22 25.49
C ASP A 263 0.85 14.32 24.61
N SER A 264 2.14 14.19 24.90
CA SER A 264 3.03 13.42 24.05
C SER A 264 2.88 11.91 24.24
N THR A 265 2.16 11.46 25.27
CA THR A 265 2.01 10.04 25.52
C THR A 265 1.04 9.38 24.55
N LYS A 266 0.15 10.15 23.92
CA LYS A 266 -0.86 9.55 23.06
C LYS A 266 -0.24 8.88 21.85
N LYS A 267 0.80 9.48 21.27
CA LYS A 267 1.45 8.86 20.11
C LYS A 267 2.03 7.50 20.46
N GLN A 268 2.75 7.42 21.58
CA GLN A 268 3.32 6.14 21.99
C GLN A 268 2.24 5.12 22.29
N ILE A 269 1.18 5.53 23.00
CA ILE A 269 0.12 4.59 23.35
C ILE A 269 -0.57 4.10 22.08
N LEU A 270 -0.84 4.99 21.12
CA LEU A 270 -1.51 4.60 19.89
C LEU A 270 -0.63 3.67 19.06
N GLU A 271 0.66 3.96 18.95
CA GLU A 271 1.53 3.09 18.15
C GLU A 271 1.63 1.71 18.80
N SER A 272 1.74 1.65 20.12
CA SER A 272 1.79 0.36 20.79
C SER A 272 0.48 -0.41 20.62
N ALA A 273 -0.65 0.28 20.72
CA ALA A 273 -1.94 -0.37 20.52
C ALA A 273 -2.07 -0.92 19.10
N ILE A 274 -1.62 -0.14 18.11
CA ILE A 274 -1.68 -0.61 16.72
C ILE A 274 -0.80 -1.83 16.55
N ASP A 275 0.42 -1.80 17.11
CA ASP A 275 1.31 -2.94 16.96
C ASP A 275 0.74 -4.19 17.61
N GLU A 276 0.17 -4.07 18.82
CA GLU A 276 -0.41 -5.23 19.48
C GLU A 276 -1.66 -5.72 18.76
N ALA A 277 -2.46 -4.80 18.21
CA ALA A 277 -3.64 -5.22 17.46
C ALA A 277 -3.26 -5.99 16.21
N LEU A 278 -2.22 -5.55 15.51
CA LEU A 278 -1.75 -6.26 14.33
C LEU A 278 -1.04 -7.57 14.68
N LYS A 279 -0.45 -7.66 15.87
CA LYS A 279 0.26 -8.88 16.25
C LYS A 279 -0.69 -10.05 16.43
N ILE A 280 -1.91 -9.77 16.89
CA ILE A 280 -2.90 -10.81 17.18
C ILE A 280 -3.88 -10.91 16.03
N GLN A 281 -3.96 -12.10 15.42
CA GLN A 281 -4.94 -12.39 14.38
C GLN A 281 -5.52 -13.77 14.62
N ALA A 282 -6.73 -13.99 14.13
CA ALA A 282 -7.39 -15.27 14.31
C ALA A 282 -8.36 -15.51 13.16
N ASP A 283 -8.67 -16.78 12.93
CA ASP A 283 -9.67 -17.16 11.95
C ASP A 283 -11.05 -16.89 12.52
N LEU A 284 -11.83 -16.04 11.85
CA LEU A 284 -13.13 -15.62 12.37
C LEU A 284 -14.08 -16.81 12.50
N ASN A 285 -14.14 -17.64 11.46
CA ASN A 285 -15.10 -18.74 11.43
C ASN A 285 -14.86 -19.71 12.58
N SER A 286 -13.61 -20.20 12.72
CA SER A 286 -13.31 -21.13 13.78
C SER A 286 -13.60 -20.50 15.14
N LEU A 287 -13.04 -19.31 15.39
CA LEU A 287 -13.23 -18.61 16.66
C LEU A 287 -14.70 -18.53 17.04
N PHE A 288 -15.54 -18.11 16.08
CA PHE A 288 -16.97 -17.98 16.35
C PHE A 288 -17.59 -19.34 16.69
N VAL A 289 -17.26 -20.37 15.92
CA VAL A 289 -17.88 -21.68 16.15
C VAL A 289 -17.46 -22.25 17.50
N ASP A 290 -16.18 -22.15 17.84
CA ASP A 290 -15.71 -22.64 19.12
C ASP A 290 -16.32 -21.87 20.28
N LEU A 291 -16.43 -20.54 20.14
CA LEU A 291 -17.07 -19.75 21.20
C LEU A 291 -18.54 -20.14 21.36
N SER A 292 -19.24 -20.33 20.25
CA SER A 292 -20.64 -20.72 20.33
C SER A 292 -20.80 -22.10 20.97
N LYS A 293 -19.92 -23.03 20.63
CA LYS A 293 -19.97 -24.36 21.24
C LYS A 293 -19.69 -24.29 22.73
N GLY A 294 -18.74 -23.44 23.14
CA GLY A 294 -18.51 -23.23 24.55
C GLY A 294 -19.71 -22.63 25.26
N LEU A 295 -20.39 -21.71 24.59
CA LEU A 295 -21.59 -21.09 25.16
C LEU A 295 -22.73 -22.09 25.24
N ASN A 296 -22.73 -23.10 24.36
CA ASN A 296 -23.67 -24.20 24.53
C ASN A 296 -23.22 -25.16 25.62
N LYS A 297 -21.91 -25.27 25.83
CA LYS A 297 -21.39 -26.17 26.86
C LYS A 297 -21.79 -25.73 28.26
N VAL A 298 -21.77 -24.43 28.53
CA VAL A 298 -22.19 -23.93 29.83
C VAL A 298 -23.69 -24.14 30.05
N ASN A 299 -24.49 -24.00 29.00
CA ASN A 299 -25.93 -24.17 29.15
C ASN A 299 -26.36 -25.61 28.87
N GLU A 300 -25.64 -26.57 29.46
CA GLU A 300 -26.10 -27.95 29.57
C GLU A 300 -25.67 -28.52 30.90
N GLY A 301 -25.22 -27.65 31.81
CA GLY A 301 -24.73 -28.07 33.11
C GLY A 301 -23.51 -28.96 33.03
N GLN A 302 -22.56 -28.62 32.17
CA GLN A 302 -21.33 -29.40 32.02
C GLN A 302 -20.11 -28.72 32.61
N LEU A 303 -20.19 -27.43 32.92
CA LEU A 303 -19.07 -26.67 33.47
C LEU A 303 -19.09 -26.78 34.99
N PRO A 304 -18.00 -26.42 35.68
CA PRO A 304 -18.00 -26.48 37.16
C PRO A 304 -19.08 -25.61 37.79
N ALA A 305 -19.25 -25.74 39.10
CA ALA A 305 -20.35 -25.12 39.83
C ALA A 305 -20.34 -23.60 39.74
N LYS A 306 -19.16 -22.99 39.91
CA LYS A 306 -19.07 -21.54 39.98
C LYS A 306 -19.51 -20.86 38.68
N LEU A 307 -18.95 -21.29 37.55
CA LEU A 307 -19.25 -20.64 36.28
C LEU A 307 -20.68 -20.90 35.82
N GLY A 308 -21.12 -22.16 35.90
CA GLY A 308 -22.43 -22.51 35.37
C GLY A 308 -23.56 -21.80 36.07
N LYS A 309 -23.47 -21.69 37.40
CA LYS A 309 -24.53 -21.02 38.17
C LYS A 309 -24.59 -19.53 37.83
N SER A 310 -23.44 -18.88 37.79
CA SER A 310 -23.40 -17.44 37.52
C SER A 310 -23.79 -17.12 36.08
N PHE A 311 -23.37 -17.97 35.14
CA PHE A 311 -23.63 -17.71 33.73
C PHE A 311 -25.11 -17.77 33.41
N THR A 312 -25.82 -18.74 34.00
CA THR A 312 -27.23 -18.92 33.67
C THR A 312 -28.12 -17.95 34.44
N PHE A 313 -27.53 -17.20 35.36
CA PHE A 313 -28.30 -16.34 36.26
C PHE A 313 -28.89 -15.12 35.56
N ARG A 314 -28.52 -14.87 34.32
CA ARG A 314 -28.96 -13.67 33.61
C ARG A 314 -29.62 -14.04 32.29
N ASP A 315 -30.59 -13.22 31.90
CA ASP A 315 -31.33 -13.44 30.66
C ASP A 315 -30.47 -13.12 29.44
N ALA A 316 -29.49 -12.22 29.61
CA ALA A 316 -28.60 -11.84 28.53
C ALA A 316 -27.87 -13.05 27.98
N PHE A 317 -27.57 -14.02 28.86
CA PHE A 317 -26.94 -15.25 28.42
C PHE A 317 -27.83 -16.01 27.43
N LYS A 318 -29.11 -16.14 27.76
CA LYS A 318 -30.04 -16.81 26.86
C LYS A 318 -30.22 -16.03 25.57
N GLU A 319 -30.22 -14.70 25.66
CA GLU A 319 -30.32 -13.87 24.47
C GLU A 319 -29.13 -14.09 23.55
N ILE A 320 -27.92 -14.16 24.12
CA ILE A 320 -26.72 -14.40 23.33
C ILE A 320 -26.75 -15.80 22.72
N LEU A 321 -27.24 -16.78 23.48
CA LEU A 321 -27.38 -18.13 22.94
C LEU A 321 -28.30 -18.13 21.72
N ASN A 322 -29.45 -17.47 21.83
CA ASN A 322 -30.38 -17.40 20.70
C ASN A 322 -29.74 -16.67 19.53
N ASP A 323 -29.00 -15.59 19.81
CA ASP A 323 -28.33 -14.85 18.76
C ASP A 323 -27.36 -15.74 17.99
N ALA A 324 -26.54 -16.51 18.71
CA ALA A 324 -25.59 -17.39 18.05
C ALA A 324 -26.31 -18.49 17.27
N GLU A 325 -27.36 -19.06 17.86
CA GLU A 325 -28.07 -20.16 17.21
C GLU A 325 -28.73 -19.71 15.92
N GLN A 326 -29.36 -18.52 15.91
CA GLN A 326 -29.96 -18.01 14.69
C GLN A 326 -28.93 -17.47 13.71
N LEU A 327 -27.80 -16.97 14.19
CA LEU A 327 -26.72 -16.49 13.31
C LEU A 327 -26.10 -17.63 12.52
N THR A 328 -25.89 -18.78 13.17
CA THR A 328 -25.34 -19.93 12.48
C THR A 328 -26.26 -20.36 11.33
N ALA A 329 -27.56 -20.41 11.58
CA ALA A 329 -28.50 -20.74 10.51
C ALA A 329 -28.54 -19.66 9.44
N GLU A 330 -28.45 -18.39 9.85
CA GLU A 330 -28.55 -17.29 8.89
C GLU A 330 -27.40 -17.32 7.90
N PHE A 331 -26.17 -17.53 8.38
CA PHE A 331 -25.02 -17.46 7.49
C PHE A 331 -24.33 -18.80 7.28
N LYS A 332 -24.91 -19.90 7.74
CA LYS A 332 -24.42 -21.25 7.48
C LYS A 332 -22.93 -21.38 7.83
N LEU A 333 -22.61 -21.04 9.07
CA LEU A 333 -21.24 -21.02 9.54
C LEU A 333 -20.76 -22.36 10.08
N ASP A 334 -21.65 -23.36 10.13
CA ASP A 334 -21.22 -24.71 10.46
C ASP A 334 -20.41 -25.35 9.34
N PHE A 335 -20.53 -24.84 8.12
CA PHE A 335 -19.76 -25.33 6.99
C PHE A 335 -18.45 -24.58 6.88
N LEU A 336 -17.73 -24.74 5.77
CA LEU A 336 -16.45 -24.08 5.58
C LEU A 336 -16.51 -23.22 4.32
N TYR A 337 -15.70 -22.16 4.32
CA TYR A 337 -15.62 -21.23 3.22
C TYR A 337 -14.35 -21.50 2.42
N LYS A 338 -14.47 -21.61 1.11
CA LYS A 338 -13.35 -21.96 0.25
C LYS A 338 -13.38 -21.07 -1.00
N MET A 339 -12.56 -20.01 -0.97
CA MET A 339 -12.38 -19.17 -2.15
C MET A 339 -11.55 -19.97 -3.14
N GLU A 340 -12.23 -20.66 -4.04
CA GLU A 340 -11.59 -21.58 -4.96
C GLU A 340 -10.61 -20.87 -5.89
N GLU A 341 -11.03 -19.74 -6.45
CA GLU A 341 -10.18 -19.01 -7.38
C GLU A 341 -8.96 -18.45 -6.66
N GLN A 342 -7.81 -18.51 -7.34
CA GLN A 342 -6.60 -17.89 -6.83
C GLN A 342 -6.64 -16.42 -7.23
N GLY A 343 -7.04 -15.57 -6.29
CA GLY A 343 -7.10 -14.15 -6.54
C GLY A 343 -5.76 -13.55 -6.87
N ARG A 344 -5.70 -12.73 -7.92
CA ARG A 344 -4.48 -12.01 -8.24
C ARG A 344 -4.06 -11.07 -7.12
N ASP A 345 -5.02 -10.63 -6.30
CA ASP A 345 -4.72 -9.87 -5.09
C ASP A 345 -5.87 -10.16 -4.13
N SER A 346 -5.60 -10.91 -3.07
CA SER A 346 -6.65 -11.27 -2.13
C SER A 346 -7.24 -10.04 -1.46
N GLY A 347 -6.39 -9.09 -1.07
CA GLY A 347 -6.87 -7.87 -0.47
C GLY A 347 -7.38 -8.09 0.94
N PHE A 348 -7.93 -7.03 1.51
CA PHE A 348 -8.48 -7.07 2.86
C PHE A 348 -9.76 -6.24 2.90
N VAL A 349 -10.66 -6.62 3.79
CA VAL A 349 -11.93 -5.93 3.97
C VAL A 349 -11.89 -5.24 5.33
N MET A 350 -11.88 -3.91 5.32
CA MET A 350 -11.87 -3.12 6.55
C MET A 350 -13.28 -2.64 6.85
N ARG A 351 -13.68 -2.75 8.11
CA ARG A 351 -15.02 -2.37 8.56
C ARG A 351 -14.88 -1.20 9.52
N VAL A 352 -14.83 0.02 8.98
CA VAL A 352 -14.84 1.22 9.79
C VAL A 352 -16.27 1.45 10.26
N PRO A 353 -16.49 2.23 11.33
CA PRO A 353 -17.88 2.47 11.79
C PRO A 353 -18.72 3.26 10.80
N GLN A 354 -18.15 3.62 9.66
CA GLN A 354 -18.87 4.36 8.61
C GLN A 354 -19.27 3.50 7.42
N THR A 355 -18.40 2.59 6.99
CA THR A 355 -18.68 1.79 5.80
C THR A 355 -17.89 0.50 5.84
N ASN A 356 -18.23 -0.41 4.94
CA ASN A 356 -17.51 -1.67 4.77
C ASN A 356 -16.64 -1.54 3.51
N TRP A 357 -15.40 -1.15 3.72
CA TRP A 357 -14.50 -0.85 2.61
C TRP A 357 -13.77 -2.11 2.17
N VAL A 358 -13.70 -2.31 0.85
CA VAL A 358 -13.00 -3.44 0.25
C VAL A 358 -11.78 -2.91 -0.46
N SER A 359 -10.67 -3.64 -0.35
CA SER A 359 -9.38 -3.13 -0.85
C SER A 359 -9.41 -2.91 -2.35
N VAL A 360 -9.80 -3.93 -3.11
CA VAL A 360 -9.75 -3.88 -4.57
C VAL A 360 -11.01 -4.52 -5.16
N GLY A 361 -11.50 -3.94 -6.24
CA GLY A 361 -12.46 -4.54 -7.14
C GLY A 361 -13.83 -4.78 -6.53
N LYS A 362 -14.56 -5.71 -7.13
CA LYS A 362 -15.92 -6.00 -6.74
C LYS A 362 -15.95 -6.62 -5.34
N PRO A 363 -16.91 -6.24 -4.51
CA PRO A 363 -16.98 -6.81 -3.15
C PRO A 363 -17.22 -8.31 -3.18
N TRP A 364 -16.66 -8.99 -2.20
CA TRP A 364 -16.78 -10.45 -2.12
C TRP A 364 -18.22 -10.86 -1.86
N ASN A 365 -18.60 -11.99 -2.45
CA ASN A 365 -19.93 -12.54 -2.27
C ASN A 365 -19.89 -14.00 -1.85
N TYR A 367 -22.13 -17.42 -2.08
CA TYR A 367 -23.39 -18.17 -2.10
C TYR A 367 -23.19 -19.59 -1.59
N PHE A 368 -24.22 -20.12 -0.94
CA PHE A 368 -24.20 -21.53 -0.56
C PHE A 368 -24.34 -22.40 -1.80
N ASP A 369 -23.56 -23.48 -1.87
CA ASP A 369 -23.49 -24.34 -3.04
C ASP A 369 -23.72 -25.77 -2.56
N GLU A 370 -24.99 -26.18 -2.51
CA GLU A 370 -25.39 -27.44 -1.90
C GLU A 370 -24.83 -28.66 -2.62
N GLU A 371 -24.87 -28.67 -3.96
CA GLU A 371 -24.41 -29.86 -4.69
C GLU A 371 -22.95 -30.16 -4.40
N LEU A 372 -22.15 -29.13 -4.15
CA LEU A 372 -20.78 -29.30 -3.69
C LEU A 372 -20.68 -29.13 -2.17
N ARG A 373 -21.77 -28.75 -1.51
CA ARG A 373 -21.87 -28.66 -0.06
C ARG A 373 -20.76 -27.79 0.52
N GLN A 374 -20.71 -26.55 0.04
CA GLN A 374 -19.65 -25.62 0.43
C GLN A 374 -20.11 -24.20 0.17
N VAL A 375 -19.39 -23.26 0.77
CA VAL A 375 -19.58 -21.83 0.53
C VAL A 375 -18.41 -21.33 -0.30
N VAL A 376 -18.72 -20.58 -1.36
CA VAL A 376 -17.73 -20.25 -2.37
C VAL A 376 -16.83 -19.09 -1.93
N LEU A 377 -17.43 -18.01 -1.45
CA LEU A 377 -16.71 -16.79 -1.10
C LEU A 377 -15.85 -16.31 -2.28
N GLY A 378 -16.55 -15.95 -3.36
CA GLY A 378 -15.88 -15.55 -4.57
C GLY A 378 -16.35 -14.22 -5.11
N ARG A 379 -15.72 -13.75 -6.17
CA ARG A 379 -16.05 -12.46 -6.80
C ARG A 379 -17.00 -12.65 -7.98
N GLN A 380 -18.17 -13.22 -7.73
CA GLN A 380 -19.16 -13.38 -8.80
C GLN A 380 -20.49 -12.73 -8.38
N PRO A 381 -21.31 -12.32 -9.36
CA PRO A 381 -22.59 -11.65 -9.03
C PRO A 381 -23.49 -12.47 -8.11
N ARG A 382 -23.34 -13.78 -8.12
CA ARG A 382 -24.20 -14.63 -7.31
C ARG A 382 -23.85 -14.65 -5.84
N ASN A 383 -24.75 -14.15 -5.00
CA ASN A 383 -24.53 -14.16 -3.56
C ASN A 383 -25.83 -14.31 -2.83
N ASP A 384 -25.92 -15.35 -2.02
CA ASP A 384 -27.12 -15.56 -1.24
C ASP A 384 -26.76 -15.15 0.16
N LEU A 385 -26.14 -16.04 0.91
CA LEU A 385 -25.70 -15.67 2.24
C LEU A 385 -24.92 -14.41 2.05
N ASN A 386 -25.30 -13.34 2.75
CA ASN A 386 -24.66 -12.07 2.52
C ASN A 386 -23.38 -11.95 3.34
N PHE A 387 -22.25 -11.90 2.66
CA PHE A 387 -20.98 -11.85 3.37
C PHE A 387 -20.75 -10.49 4.02
N GLN A 388 -20.79 -9.43 3.23
CA GLN A 388 -20.51 -8.09 3.75
C GLN A 388 -21.40 -7.78 4.95
N ARG A 389 -22.57 -8.40 5.02
CA ARG A 389 -23.38 -8.28 6.24
C ARG A 389 -22.83 -9.18 7.34
N MET A 390 -22.35 -10.37 6.98
CA MET A 390 -21.98 -11.34 8.00
C MET A 390 -20.75 -10.91 8.78
N LEU A 391 -19.80 -10.24 8.13
CA LEU A 391 -18.60 -9.90 8.89
C LEU A 391 -18.92 -8.91 10.02
N PRO A 392 -19.60 -7.77 9.77
CA PRO A 392 -20.03 -6.94 10.90
C PRO A 392 -20.92 -7.68 11.89
N ARG A 393 -21.82 -8.53 11.39
CA ARG A 393 -22.76 -9.22 12.27
C ARG A 393 -22.03 -10.15 13.22
N ILE A 394 -20.99 -10.83 12.72
CA ILE A 394 -20.19 -11.70 13.58
C ILE A 394 -19.36 -10.87 14.54
N SER A 395 -18.82 -9.73 14.08
CA SER A 395 -17.99 -8.90 14.94
C SER A 395 -18.77 -8.37 16.14
N VAL A 396 -20.00 -7.92 15.90
CA VAL A 396 -20.82 -7.36 16.98
C VAL A 396 -21.16 -8.44 18.00
N PHE A 397 -21.54 -9.63 17.52
CA PHE A 397 -21.84 -10.72 18.43
C PHE A 397 -20.62 -11.10 19.26
N LEU A 398 -19.45 -11.15 18.62
CA LEU A 398 -18.23 -11.47 19.35
C LEU A 398 -17.96 -10.43 20.43
N LYS A 399 -18.13 -9.15 20.10
CA LYS A 399 -17.90 -8.09 21.08
C LYS A 399 -18.85 -8.23 22.27
N GLY A 400 -20.14 -8.48 21.99
CA GLY A 400 -21.09 -8.64 23.07
C GLY A 400 -20.79 -9.84 23.95
N ALA A 401 -20.46 -10.98 23.33
CA ALA A 401 -20.13 -12.18 24.09
C ALA A 401 -18.88 -11.95 24.94
N THR A 402 -17.88 -11.26 24.39
CA THR A 402 -16.67 -10.98 25.16
C THR A 402 -16.96 -10.07 26.33
N LYS A 403 -17.83 -9.08 26.15
CA LYS A 403 -18.20 -8.20 27.26
C LYS A 403 -18.90 -8.99 28.35
N PHE A 404 -19.82 -9.87 27.97
CA PHE A 404 -20.52 -10.71 28.94
C PHE A 404 -19.54 -11.60 29.70
N ILE A 405 -18.61 -12.22 28.96
CA ILE A 405 -17.63 -13.11 29.59
C ILE A 405 -16.73 -12.33 30.52
N LEU A 406 -16.38 -11.09 30.15
CA LEU A 406 -15.57 -10.25 31.02
C LEU A 406 -16.29 -9.95 32.32
N ASN A 407 -17.59 -9.64 32.24
CA ASN A 407 -18.35 -9.38 33.45
C ASN A 407 -18.38 -10.61 34.36
N ARG A 408 -18.65 -11.78 33.77
CA ARG A 408 -18.69 -13.00 34.58
C ARG A 408 -17.32 -13.32 35.13
N ALA A 409 -16.25 -13.00 34.39
CA ALA A 409 -14.90 -13.26 34.85
C ALA A 409 -14.56 -12.37 36.05
N ARG A 410 -14.99 -11.11 36.02
CA ARG A 410 -14.78 -10.25 37.19
C ARG A 410 -15.57 -10.76 38.39
N GLU A 411 -16.80 -11.23 38.17
CA GLU A 411 -17.57 -11.82 39.27
C GLU A 411 -16.82 -13.01 39.87
N TYR A 412 -16.34 -13.91 39.02
CA TYR A 412 -15.60 -15.08 39.50
C TYR A 412 -14.32 -14.67 40.21
N GLN A 413 -13.63 -13.65 39.68
CA GLN A 413 -12.40 -13.19 40.29
C GLN A 413 -12.63 -12.66 41.70
N VAL A 414 -13.66 -11.83 41.88
CA VAL A 414 -13.92 -11.28 43.21
C VAL A 414 -14.36 -12.39 44.15
N SER A 415 -15.10 -13.38 43.63
CA SER A 415 -15.48 -14.53 44.45
C SER A 415 -14.25 -15.27 44.97
N GLU A 416 -13.35 -15.64 44.06
CA GLU A 416 -12.17 -16.40 44.45
C GLU A 416 -11.24 -15.56 45.32
N ASN A 417 -11.22 -14.25 45.12
CA ASN A 417 -10.38 -13.39 45.93
C ASN A 417 -10.89 -13.25 47.36
N GLN A 418 -12.21 -13.13 47.54
CA GLN A 418 -12.71 -13.09 48.91
C GLN A 418 -12.65 -14.47 49.56
N LYS A 419 -12.65 -15.54 48.74
CA LYS A 419 -12.49 -16.88 49.31
C LYS A 419 -11.10 -17.11 49.88
N LEU A 420 -10.06 -16.68 49.16
CA LEU A 420 -8.69 -17.02 49.53
C LEU A 420 -8.25 -16.17 50.73
N SER A 421 -7.23 -16.65 51.44
CA SER A 421 -6.71 -15.97 52.62
C SER A 421 -5.32 -15.42 52.37
N SER A 422 -4.62 -15.96 51.36
CA SER A 422 -3.31 -15.47 50.98
C SER A 422 -3.46 -14.24 50.08
N LEU A 423 -3.61 -13.07 50.71
CA LEU A 423 -3.95 -11.84 50.01
C LEU A 423 -2.84 -11.37 49.06
N ASP A 424 -1.58 -11.59 49.45
CA ASP A 424 -0.44 -10.98 48.77
C ASP A 424 -0.37 -11.29 47.27
N ASP A 425 -0.81 -12.49 46.88
CA ASP A 425 -0.72 -12.93 45.47
C ASP A 425 -1.99 -13.70 45.12
N ALA A 426 -2.89 -13.01 44.39
CA ALA A 426 -4.16 -13.56 43.94
C ALA A 426 -4.57 -13.13 42.53
N MET A 427 -5.61 -13.80 42.02
CA MET A 427 -6.19 -13.61 40.67
C MET A 427 -6.34 -12.11 40.41
N THR A 428 -5.68 -11.62 39.36
CA THR A 428 -5.68 -10.21 38.92
C THR A 428 -6.44 -9.91 37.62
N ILE A 429 -7.53 -10.62 37.39
CA ILE A 429 -8.42 -10.43 36.23
C ILE A 429 -7.92 -10.55 34.78
N GLU A 430 -6.78 -11.17 34.51
CA GLU A 430 -6.35 -11.32 33.15
C GLU A 430 -6.33 -12.80 33.24
N ASP A 431 -5.94 -13.24 34.42
CA ASP A 431 -5.92 -14.67 34.75
C ASP A 431 -7.33 -15.25 34.75
N ALA A 432 -8.28 -14.52 35.33
CA ALA A 432 -9.66 -15.02 35.39
C ALA A 432 -10.28 -15.16 34.01
N CYS A 433 -10.09 -14.15 33.15
CA CYS A 433 -10.63 -14.20 31.81
C CYS A 433 -10.00 -15.35 31.02
N PHE A 434 -8.69 -15.50 31.11
CA PHE A 434 -8.01 -16.59 30.41
C PHE A 434 -8.47 -17.95 30.94
N SER A 435 -8.69 -18.06 32.24
CA SER A 435 -9.16 -19.31 32.83
C SER A 435 -10.55 -19.66 32.31
N ILE A 436 -11.45 -18.67 32.27
CA ILE A 436 -12.79 -18.94 31.76
C ILE A 436 -12.75 -19.32 30.29
N TYR A 437 -11.97 -18.60 29.48
CA TYR A 437 -11.88 -18.92 28.06
C TYR A 437 -11.31 -20.31 27.83
N ALA A 438 -10.29 -20.69 28.60
CA ALA A 438 -9.74 -22.03 28.48
C ALA A 438 -10.73 -23.09 28.97
N ALA A 439 -11.53 -22.76 29.99
CA ALA A 439 -12.55 -23.69 30.45
C ALA A 439 -13.61 -23.91 29.38
N LEU A 440 -13.91 -22.87 28.60
CA LEU A 440 -14.85 -23.02 27.49
C LEU A 440 -14.31 -24.01 26.46
N GLY A 441 -13.00 -23.95 26.20
CA GLY A 441 -12.37 -24.89 25.29
C GLY A 441 -11.59 -24.26 24.17
N LEU A 442 -11.23 -22.98 24.33
CA LEU A 442 -10.51 -22.26 23.30
C LEU A 442 -9.00 -22.34 23.54
N SER A 443 -8.24 -22.11 22.48
CA SER A 443 -6.79 -22.14 22.55
C SER A 443 -6.26 -20.82 23.10
N LYS A 444 -4.93 -20.75 23.25
CA LYS A 444 -4.31 -19.54 23.79
C LYS A 444 -4.51 -18.35 22.86
N SER A 445 -4.33 -18.56 21.55
CA SER A 445 -4.51 -17.48 20.60
C SER A 445 -5.96 -17.00 20.58
N GLN A 446 -6.89 -17.94 20.61
CA GLN A 446 -8.31 -17.58 20.66
C GLN A 446 -8.62 -16.81 21.95
N ALA A 447 -8.04 -17.25 23.06
CA ALA A 447 -8.25 -16.54 24.33
C ALA A 447 -7.71 -15.12 24.25
N LYS A 448 -6.53 -14.94 23.66
CA LYS A 448 -5.95 -13.59 23.56
C LYS A 448 -6.81 -12.70 22.67
N ILE A 449 -7.23 -13.20 21.51
CA ILE A 449 -8.00 -12.36 20.60
C ILE A 449 -9.37 -12.04 21.18
N LEU A 450 -9.98 -12.97 21.91
CA LEU A 450 -11.28 -12.70 22.52
C LEU A 450 -11.18 -11.91 23.82
N PHE A 451 -10.00 -11.85 24.43
CA PHE A 451 -9.80 -11.01 25.60
C PHE A 451 -9.38 -9.60 25.25
N SER A 452 -8.81 -9.38 24.06
CA SER A 452 -8.46 -8.06 23.58
C SER A 452 -9.64 -7.37 22.91
N LEU A 453 -10.86 -7.84 23.18
CA LEU A 453 -12.07 -7.26 22.61
C LEU A 453 -12.85 -6.41 23.60
N GLY A 454 -13.25 -6.98 24.74
CA GLY A 454 -13.88 -6.20 25.79
C GLY A 454 -12.82 -5.64 26.71
N HIS A 455 -11.67 -6.30 26.76
CA HIS A 455 -10.50 -5.87 27.52
C HIS A 455 -11.18 -5.62 28.86
N ASP A 456 -10.84 -4.50 29.51
CA ASP A 456 -11.49 -4.13 30.77
C ASP A 456 -12.60 -3.08 30.88
N PHE A 457 -12.95 -2.36 29.82
CA PHE A 457 -13.93 -1.29 29.96
C PHE A 457 -15.31 -1.87 30.24
N SER A 458 -15.96 -1.33 31.27
CA SER A 458 -17.29 -1.77 31.67
C SER A 458 -17.95 -0.72 32.54
N SER A 459 -19.14 -1.03 33.07
CA SER A 459 -19.86 -0.11 33.94
C SER A 459 -19.52 -0.28 35.42
N PRO A 460 -18.46 -1.02 35.73
CA PRO A 460 -18.02 -1.27 37.10
C PRO A 460 -19.14 -1.92 37.93
N THR A 461 -19.52 -3.12 37.47
CA THR A 461 -20.57 -3.91 38.09
C THR A 461 -21.74 -2.91 38.14
N LYS A 462 -22.25 -2.65 39.33
CA LYS A 462 -23.34 -1.69 39.51
C LYS A 462 -23.00 -0.57 40.47
N VAL A 463 -22.62 0.59 39.93
CA VAL A 463 -22.29 1.76 40.73
C VAL A 463 -23.06 2.96 40.17
N LYS A 464 -24.15 3.33 40.83
CA LYS A 464 -24.92 4.48 40.39
C LYS A 464 -24.21 5.77 40.74
N THR A 465 -24.10 6.66 39.77
CA THR A 465 -23.47 7.96 39.96
C THR A 465 -24.35 9.05 39.37
N THR A 466 -24.22 10.26 39.89
CA THR A 466 -25.09 11.37 39.52
C THR A 466 -24.84 11.82 38.08
N TYR A 467 -23.69 11.48 37.52
CA TYR A 467 -23.34 11.87 36.17
C TYR A 467 -23.74 10.80 35.16
N HIS A 468 -24.00 11.23 33.94
CA HIS A 468 -24.32 10.35 32.82
C HIS A 468 -23.26 10.54 31.74
N ALA A 469 -22.57 9.45 31.40
CA ALA A 469 -21.47 9.51 30.44
C ALA A 469 -22.00 9.17 29.05
N HIS A 470 -22.41 10.21 28.33
CA HIS A 470 -22.89 10.09 26.97
C HIS A 470 -21.85 10.63 25.99
N SER A 471 -21.73 9.94 24.85
CA SER A 471 -20.76 10.34 23.84
C SER A 471 -21.25 9.89 22.48
N GLY A 472 -21.33 10.83 21.54
CA GLY A 472 -21.77 10.52 20.19
C GLY A 472 -20.68 9.98 19.28
N ARG A 473 -19.44 9.97 19.72
CA ARG A 473 -18.34 9.47 18.89
C ARG A 473 -18.45 7.96 18.78
N ARG A 474 -18.31 7.45 17.55
CA ARG A 474 -18.54 6.04 17.27
C ARG A 474 -17.26 5.23 17.16
N PHE A 475 -16.17 5.84 16.70
CA PHE A 475 -14.92 5.10 16.55
C PHE A 475 -14.39 4.66 17.91
N GLN A 476 -14.61 5.46 18.95
CA GLN A 476 -14.15 5.12 20.29
C GLN A 476 -15.10 4.19 21.02
N GLN A 477 -16.23 3.82 20.42
CA GLN A 477 -17.15 2.86 21.01
C GLN A 477 -17.16 1.52 20.29
N ARG A 478 -17.06 1.51 18.97
CA ARG A 478 -17.07 0.26 18.21
C ARG A 478 -15.70 -0.09 17.63
N GLY A 479 -14.88 0.91 17.29
CA GLY A 479 -13.57 0.64 16.74
C GLY A 479 -13.64 0.20 15.29
N LEU A 480 -12.47 -0.10 14.75
CA LEU A 480 -12.36 -0.59 13.38
C LEU A 480 -11.76 -2.00 13.40
N SER A 481 -12.30 -2.85 12.53
CA SER A 481 -11.85 -4.24 12.40
C SER A 481 -11.72 -4.55 10.92
N LEU A 482 -10.56 -5.09 10.54
CA LEU A 482 -10.28 -5.42 9.15
C LEU A 482 -9.86 -6.88 9.03
N PHE A 483 -10.31 -7.51 7.95
CA PHE A 483 -10.20 -8.95 7.79
C PHE A 483 -9.38 -9.27 6.56
N GLN A 484 -8.69 -10.41 6.60
CA GLN A 484 -7.85 -10.88 5.50
C GLN A 484 -8.23 -12.31 5.14
N PHE A 485 -8.26 -12.59 3.84
CA PHE A 485 -8.55 -13.93 3.33
C PHE A 485 -7.25 -14.54 2.81
N THR A 486 -6.93 -15.74 3.27
CA THR A 486 -5.73 -16.45 2.85
C THR A 486 -6.03 -17.94 2.76
N ASN A 487 -5.54 -18.56 1.69
CA ASN A 487 -5.63 -20.00 1.51
C ASN A 487 -4.23 -20.56 1.29
N ASP A 488 -3.94 -21.67 1.95
CA ASP A 488 -2.60 -22.25 1.97
C ASP A 488 -2.70 -23.75 1.68
N PRO A 489 -1.65 -24.33 1.08
CA PRO A 489 -1.63 -25.79 0.91
C PRO A 489 -1.77 -26.57 2.21
N GLN A 490 -1.62 -25.91 3.36
CA GLN A 490 -1.87 -26.58 4.63
C GLN A 490 -3.35 -26.89 4.80
N HIS A 491 -4.22 -25.97 4.38
CA HIS A 491 -5.67 -26.14 4.48
C HIS A 491 -6.29 -25.81 3.12
N ASP A 492 -6.36 -26.81 2.25
CA ASP A 492 -6.97 -26.61 0.93
C ASP A 492 -8.49 -26.57 0.99
N LEU A 493 -9.09 -27.10 2.06
CA LEU A 493 -10.55 -27.24 2.11
C LEU A 493 -11.22 -25.92 2.48
N GLN A 494 -10.77 -25.28 3.54
CA GLN A 494 -11.36 -24.00 3.95
C GLN A 494 -10.38 -22.87 3.69
N THR A 495 -10.93 -21.65 3.62
CA THR A 495 -10.15 -20.43 3.45
C THR A 495 -10.19 -19.67 4.78
N LYS A 496 -9.01 -19.41 5.34
CA LYS A 496 -8.94 -18.72 6.63
C LYS A 496 -9.27 -17.25 6.47
N ILE A 497 -10.18 -16.77 7.31
CA ILE A 497 -10.54 -15.35 7.35
C ILE A 497 -9.78 -14.76 8.54
N ASN A 498 -8.58 -14.27 8.28
CA ASN A 498 -7.76 -13.68 9.34
C ASN A 498 -8.33 -12.34 9.75
N ALA A 499 -8.77 -12.22 11.00
CA ALA A 499 -9.39 -11.02 11.52
C ALA A 499 -8.53 -10.43 12.61
N CYS A 500 -8.22 -9.14 12.50
CA CYS A 500 -7.54 -8.40 13.55
C CYS A 500 -8.40 -7.19 13.91
N PHE A 501 -8.63 -7.00 15.20
CA PHE A 501 -9.50 -5.94 15.68
C PHE A 501 -8.68 -4.80 16.27
N PHE A 502 -9.34 -3.67 16.51
CA PHE A 502 -8.68 -2.53 17.15
C PHE A 502 -9.75 -1.75 17.90
N ASN A 503 -9.74 -1.86 19.23
CA ASN A 503 -10.71 -1.17 20.07
C ASN A 503 -10.08 -0.23 21.07
N GLU A 504 -8.89 -0.55 21.58
CA GLU A 504 -8.28 0.21 22.67
C GLU A 504 -7.58 1.45 22.11
N THR A 505 -8.37 2.51 21.94
CA THR A 505 -7.81 3.80 21.61
C THR A 505 -7.11 4.39 22.83
N PRO A 506 -6.19 5.34 22.63
CA PRO A 506 -5.53 5.96 23.79
C PRO A 506 -6.48 6.56 24.79
N GLU A 507 -7.57 7.18 24.31
CA GLU A 507 -8.58 7.71 25.23
C GLU A 507 -9.25 6.59 26.02
N ARG A 508 -9.54 5.47 25.35
CA ARG A 508 -10.12 4.33 26.05
C ARG A 508 -9.15 3.75 27.08
N TYR A 509 -7.86 3.70 26.73
CA TYR A 509 -6.87 3.22 27.70
C TYR A 509 -6.79 4.16 28.90
N LEU A 510 -6.82 5.47 28.66
CA LEU A 510 -6.78 6.42 29.77
C LEU A 510 -8.01 6.29 30.64
N LEU A 511 -9.19 6.08 30.03
CA LEU A 511 -10.40 5.89 30.82
C LEU A 511 -10.35 4.61 31.64
N ASN A 512 -9.81 3.54 31.06
CA ASN A 512 -9.66 2.29 31.81
C ASN A 512 -8.70 2.46 32.98
N LEU A 513 -7.61 3.19 32.76
CA LEU A 513 -6.68 3.49 33.85
C LEU A 513 -7.36 4.33 34.93
N LEU A 514 -8.21 5.28 34.52
CA LEU A 514 -8.90 6.14 35.47
C LEU A 514 -9.91 5.37 36.30
N SER A 515 -10.23 4.14 35.93
CA SER A 515 -11.13 3.33 36.75
C SER A 515 -10.46 2.78 37.99
N LYS A 516 -9.15 2.92 38.12
CA LYS A 516 -8.42 2.36 39.24
C LYS A 516 -7.36 3.24 39.87
N ALA A 517 -7.06 4.39 39.35
CA ALA A 517 -5.99 5.24 39.87
C ALA A 517 -6.26 6.66 39.40
N ASN A 518 -5.88 7.62 40.24
CA ASN A 518 -5.95 9.02 39.87
C ASN A 518 -4.81 9.36 38.91
N VAL A 519 -5.10 10.20 37.93
CA VAL A 519 -4.14 10.59 36.91
C VAL A 519 -3.93 12.09 36.98
N LEU A 520 -2.67 12.50 37.10
CA LEU A 520 -2.30 13.92 37.06
C LEU A 520 -1.43 14.13 35.83
N GLY A 521 -1.82 15.08 34.98
CA GLY A 521 -1.15 15.32 33.72
C GLY A 521 -0.44 16.67 33.72
N LEU A 522 0.83 16.65 33.33
CA LEU A 522 1.64 17.85 33.20
C LEU A 522 2.15 17.98 31.77
N SER A 523 2.00 19.17 31.20
CA SER A 523 2.48 19.47 29.86
C SER A 523 2.31 20.96 29.62
N ALA A 524 3.14 21.50 28.73
CA ALA A 524 2.98 22.89 28.33
C ALA A 524 1.72 23.10 27.52
N THR A 525 1.32 22.10 26.74
CA THR A 525 0.13 22.15 25.89
C THR A 525 -0.78 20.97 26.20
N ALA A 526 -1.01 20.74 27.50
CA ALA A 526 -1.84 19.61 27.92
C ALA A 526 -3.28 19.77 27.45
N THR A 527 -3.82 21.00 27.54
CA THR A 527 -5.22 21.25 27.22
C THR A 527 -5.41 21.79 25.80
N LEU A 528 -4.53 21.43 24.88
CA LEU A 528 -4.67 21.87 23.50
C LEU A 528 -5.71 21.01 22.79
N PRO A 529 -6.75 21.60 22.20
CA PRO A 529 -7.83 20.80 21.58
C PRO A 529 -7.46 20.27 20.19
N THR A 530 -6.69 19.18 20.19
CA THR A 530 -6.36 18.46 18.96
C THR A 530 -6.51 16.97 19.20
N VAL A 531 -7.01 16.26 18.19
CA VAL A 531 -7.23 14.83 18.27
C VAL A 531 -6.13 14.04 17.54
N LEU A 532 -5.07 14.72 17.10
CA LEU A 532 -3.98 14.06 16.40
C LEU A 532 -2.79 13.76 17.30
N ASP A 533 -2.33 14.74 18.07
CA ASP A 533 -1.24 14.55 19.01
C ASP A 533 -1.70 14.48 20.46
N ASN A 534 -2.64 15.33 20.87
CA ASN A 534 -3.19 15.31 22.20
C ASN A 534 -4.41 14.40 22.27
N TYR A 535 -4.77 13.99 23.48
CA TYR A 535 -5.93 13.15 23.68
C TYR A 535 -7.19 13.87 23.22
N ASP A 536 -8.24 13.09 22.95
CA ASP A 536 -9.52 13.67 22.57
C ASP A 536 -10.16 14.31 23.78
N LEU A 537 -9.86 15.59 24.01
CA LEU A 537 -10.32 16.27 25.22
C LEU A 537 -11.84 16.32 25.28
N GLY A 538 -12.50 16.47 24.14
CA GLY A 538 -13.96 16.45 24.14
C GLY A 538 -14.52 15.12 24.59
N TYR A 539 -13.96 14.01 24.09
CA TYR A 539 -14.42 12.69 24.48
C TYR A 539 -14.18 12.44 25.96
N LEU A 540 -12.99 12.79 26.45
CA LEU A 540 -12.69 12.61 27.86
C LEU A 540 -13.62 13.45 28.74
N ARG A 541 -13.85 14.70 28.35
CA ARG A 541 -14.76 15.56 29.11
C ARG A 541 -16.16 14.97 29.14
N GLU A 542 -16.65 14.51 27.99
CA GLU A 542 -17.99 13.93 27.93
C GLU A 542 -18.10 12.69 28.81
N MET A 543 -17.10 11.83 28.78
CA MET A 543 -17.17 10.59 29.54
C MET A 543 -16.83 10.76 31.02
N LEU A 544 -16.20 11.88 31.40
CA LEU A 544 -15.83 12.09 32.79
C LEU A 544 -16.78 13.04 33.52
N GLY A 545 -16.92 14.26 33.02
CA GLY A 545 -17.72 15.26 33.69
C GLY A 545 -16.97 15.93 34.82
N PRO A 546 -17.47 15.78 36.04
CA PRO A 546 -16.76 16.35 37.20
C PRO A 546 -15.39 15.72 37.44
N ARG A 547 -15.13 14.52 36.91
CA ARG A 547 -13.86 13.87 37.12
C ARG A 547 -12.71 14.53 36.36
N LEU A 548 -13.01 15.39 35.39
CA LEU A 548 -11.98 16.12 34.66
C LEU A 548 -11.83 17.48 35.32
N LEU A 549 -10.96 17.57 36.32
CA LEU A 549 -10.73 18.81 37.04
C LEU A 549 -9.72 19.66 36.28
N ASP A 550 -9.30 20.77 36.90
CA ASP A 550 -8.36 21.70 36.28
C ASP A 550 -7.28 22.05 37.29
N GLY A 551 -6.11 22.43 36.79
CA GLY A 551 -4.96 22.67 37.64
C GLY A 551 -4.79 24.12 38.06
N VAL A 552 -5.24 25.05 37.23
CA VAL A 552 -5.03 26.47 37.50
C VAL A 552 -5.66 26.89 38.82
N HIS A 553 -6.64 26.14 39.31
CA HIS A 553 -7.29 26.48 40.58
C HIS A 553 -6.36 26.28 41.78
N TYR A 554 -5.20 25.67 41.60
CA TYR A 554 -4.28 25.38 42.70
C TYR A 554 -2.89 25.92 42.38
N LEU A 555 -2.82 27.16 41.90
CA LEU A 555 -1.55 27.85 41.71
C LEU A 555 -1.67 29.26 42.26
N SER A 556 -0.54 29.79 42.74
CA SER A 556 -0.50 31.17 43.24
C SER A 556 -0.71 32.15 42.10
N ASP A 557 -1.35 33.28 42.43
CA ASP A 557 -1.61 34.30 41.42
C ASP A 557 -0.30 34.93 40.92
N THR A 558 0.71 34.97 41.79
CA THR A 558 2.00 35.54 41.41
C THR A 558 2.64 34.77 40.27
N THR A 559 2.52 33.44 40.29
CA THR A 559 3.06 32.64 39.19
C THR A 559 2.35 32.95 37.89
N ILE A 560 1.03 33.11 37.93
CA ILE A 560 0.27 33.47 36.73
C ILE A 560 0.72 34.83 36.21
N LYS A 561 0.90 35.79 37.12
CA LYS A 561 1.36 37.12 36.69
C LYS A 561 2.74 37.04 36.06
N GLU A 562 3.64 36.24 36.64
CA GLU A 562 4.98 36.09 36.07
C GLU A 562 4.95 35.37 34.73
N PHE A 563 3.93 34.55 34.47
CA PHE A 563 3.83 33.84 33.20
C PHE A 563 3.63 34.80 32.01
N ASP A 564 3.17 36.02 32.26
CA ASP A 564 2.79 36.93 31.19
C ASP A 564 3.96 37.31 30.28
N PHE A 565 4.95 38.01 30.84
CA PHE A 565 6.15 38.47 30.15
C PHE A 565 5.85 39.51 29.08
N GLU A 566 4.58 39.85 28.88
CA GLU A 566 4.22 40.87 27.90
C GLU A 566 4.59 42.27 28.39
N SER A 567 4.25 42.57 29.65
CA SER A 567 4.52 43.90 30.19
C SER A 567 6.01 44.19 30.25
N ARG A 568 6.80 43.19 30.66
CA ARG A 568 8.25 43.38 30.72
C ARG A 568 8.81 43.67 29.33
N TYR A 569 8.39 42.88 28.32
CA TYR A 569 8.88 43.10 26.97
C TYR A 569 8.50 44.48 26.45
N ALA A 570 7.26 44.90 26.71
CA ALA A 570 6.82 46.22 26.25
C ALA A 570 7.60 47.33 26.95
N LYS A 571 7.85 47.18 28.26
CA LYS A 571 8.48 48.26 29.02
C LYS A 571 9.91 48.50 28.58
N GLN A 572 10.67 47.43 28.33
CA GLN A 572 12.08 47.54 27.99
C GLN A 572 12.34 47.70 26.50
N LYS A 573 11.28 47.81 25.69
CA LYS A 573 11.39 48.12 24.26
C LYS A 573 12.12 47.01 23.50
N ILE A 574 11.77 45.76 23.82
CA ILE A 574 12.26 44.63 23.05
C ILE A 574 11.23 44.32 21.97
N GLU A 575 11.37 44.97 20.82
CA GLU A 575 10.41 44.80 19.74
C GLU A 575 10.69 43.52 18.96
N VAL A 576 9.62 42.82 18.59
CA VAL A 576 9.71 41.60 17.81
C VAL A 576 9.12 41.88 16.43
N LYS A 577 9.91 41.66 15.39
CA LYS A 577 9.49 41.87 14.02
C LYS A 577 9.55 40.56 13.25
N VAL A 578 8.52 40.29 12.46
CA VAL A 578 8.42 39.05 11.70
C VAL A 578 8.59 39.41 10.23
N GLU A 579 9.33 38.58 9.51
CA GLU A 579 9.51 38.77 8.08
C GLU A 579 9.04 37.53 7.33
N THR A 580 8.16 37.71 6.36
CA THR A 580 7.64 36.61 5.58
C THR A 580 8.46 36.42 4.30
N GLY A 581 8.56 35.16 3.87
CA GLY A 581 9.32 34.84 2.68
C GLY A 581 8.43 34.42 1.53
N ILE A 582 8.42 35.21 0.46
CA ILE A 582 7.58 34.96 -0.70
C ILE A 582 8.49 34.80 -1.91
N VAL A 583 8.73 33.55 -2.31
CA VAL A 583 9.62 33.24 -3.41
C VAL A 583 8.88 32.33 -4.38
N ASP A 584 9.27 32.37 -5.65
CA ASP A 584 8.67 31.50 -6.65
C ASP A 584 9.66 30.51 -7.25
N ARG A 585 10.68 30.98 -7.98
CA ARG A 585 11.70 30.06 -8.47
C ARG A 585 13.09 30.67 -8.50
N PHE A 586 13.20 31.99 -8.41
CA PHE A 586 14.45 32.68 -8.71
C PHE A 586 15.17 33.11 -7.44
N PHE A 587 16.45 33.48 -7.62
CA PHE A 587 17.28 34.05 -6.58
C PHE A 587 17.19 35.57 -6.51
N SER A 588 16.59 36.21 -7.52
CA SER A 588 16.64 37.67 -7.60
C SER A 588 15.79 38.32 -6.51
N GLU A 589 14.72 37.65 -6.07
CA GLU A 589 13.83 38.21 -5.07
C GLU A 589 14.17 37.78 -3.65
N ILE A 590 15.23 37.01 -3.45
CA ILE A 590 15.65 36.64 -2.11
C ILE A 590 16.87 37.45 -1.73
N LEU A 591 17.31 38.32 -2.64
CA LEU A 591 18.46 39.18 -2.43
C LEU A 591 17.99 40.62 -2.25
N PRO A 592 18.73 41.42 -1.51
CA PRO A 592 18.29 42.81 -1.25
C PRO A 592 18.26 43.63 -2.53
N LYS A 593 17.12 44.26 -2.78
CA LYS A 593 16.96 45.09 -3.97
C LYS A 593 17.67 46.44 -3.81
N ASN A 594 17.87 46.90 -2.58
CA ASN A 594 18.49 48.20 -2.36
C ASN A 594 19.92 48.23 -2.90
N ASN A 595 20.67 47.15 -2.71
CA ASN A 595 22.02 47.08 -3.25
C ASN A 595 21.98 46.71 -4.73
N GLN A 596 23.09 47.00 -5.42
CA GLN A 596 23.23 46.63 -6.82
C GLN A 596 24.60 46.07 -7.14
N LYS A 597 25.46 45.85 -6.14
CA LYS A 597 26.82 45.37 -6.39
C LYS A 597 26.81 43.95 -6.96
N ILE A 598 25.70 43.23 -6.77
CA ILE A 598 25.64 41.85 -7.24
C ILE A 598 25.61 41.83 -8.76
N ASP A 599 26.54 41.07 -9.35
CA ASP A 599 26.59 40.87 -10.79
C ASP A 599 25.66 39.72 -11.15
N ASN A 600 24.94 39.85 -12.26
CA ASN A 600 23.92 38.88 -12.63
C ASN A 600 24.53 37.51 -12.96
N LYS A 601 25.83 37.47 -13.26
CA LYS A 601 26.48 36.20 -13.53
C LYS A 601 26.46 35.29 -12.31
N LYS A 602 26.75 35.84 -11.13
CA LYS A 602 26.74 35.03 -9.92
C LYS A 602 25.33 34.53 -9.60
N ILE A 603 24.33 35.37 -9.80
CA ILE A 603 22.94 34.95 -9.59
C ILE A 603 22.57 33.85 -10.56
N TRP A 604 23.00 33.98 -11.82
CA TRP A 604 22.73 32.96 -12.82
C TRP A 604 23.37 31.63 -12.43
N GLU A 605 24.62 31.69 -11.94
CA GLU A 605 25.30 30.47 -11.50
C GLU A 605 24.56 29.84 -10.32
N LEU A 606 24.11 30.66 -9.37
CA LEU A 606 23.37 30.14 -8.23
C LEU A 606 22.10 29.44 -8.69
N ASP A 607 21.37 30.05 -9.63
CA ASP A 607 20.17 29.43 -10.15
C ASP A 607 20.49 28.12 -10.86
N ALA A 608 21.60 28.08 -11.60
CA ALA A 608 21.97 26.85 -12.32
C ALA A 608 22.29 25.71 -11.35
N GLU A 609 23.08 25.99 -10.31
CA GLU A 609 23.33 24.95 -9.31
C GLU A 609 22.06 24.53 -8.59
N LEU A 610 21.16 25.49 -8.31
CA LEU A 610 19.89 25.13 -7.68
C LEU A 610 19.09 24.19 -8.59
N ALA A 611 19.06 24.48 -9.89
CA ALA A 611 18.35 23.62 -10.83
C ALA A 611 18.96 22.23 -10.87
N LYS A 612 20.30 22.14 -10.88
CA LYS A 612 20.95 20.83 -10.84
C LYS A 612 20.57 20.07 -9.57
N LEU A 613 20.60 20.75 -8.42
CA LEU A 613 20.32 20.10 -7.16
C LEU A 613 18.88 19.59 -7.11
N VAL A 614 17.92 20.38 -7.59
CA VAL A 614 16.54 19.90 -7.59
C VAL A 614 16.34 18.84 -8.67
N ASN A 615 17.20 18.78 -9.68
CA ASN A 615 17.19 17.64 -10.59
C ASN A 615 17.75 16.38 -9.96
N CYS A 616 18.60 16.51 -8.95
CA CYS A 616 19.19 15.34 -8.29
C CYS A 616 18.22 14.57 -7.40
N ILE A 617 16.95 14.95 -7.37
CA ILE A 617 16.02 14.27 -6.46
C ILE A 617 15.79 12.79 -6.71
N PRO A 618 16.05 11.96 -5.71
CA PRO A 618 15.87 10.51 -5.78
C PRO A 618 14.49 10.16 -6.30
N ALA A 619 14.47 9.35 -7.34
CA ALA A 619 13.23 8.92 -7.97
C ALA A 619 12.25 8.34 -6.97
N SER A 620 11.00 8.75 -7.09
CA SER A 620 9.95 8.26 -6.23
C SER A 620 9.13 7.23 -7.00
N GLU A 621 8.14 6.65 -6.34
CA GLU A 621 7.29 5.66 -7.00
C GLU A 621 6.15 6.38 -7.70
N GLN A 622 6.49 6.97 -8.84
CA GLN A 622 5.56 7.75 -9.65
C GLN A 622 4.84 8.88 -8.92
N SER A 623 5.55 9.55 -8.02
CA SER A 623 4.96 10.68 -7.30
C SER A 623 5.16 11.96 -8.11
N ARG A 624 6.04 11.88 -9.10
CA ARG A 624 6.38 12.98 -10.00
C ARG A 624 6.99 14.28 -9.46
N ILE A 625 8.26 14.19 -9.11
CA ILE A 625 9.08 15.27 -8.59
C ILE A 625 8.73 16.55 -9.30
N ASP A 626 8.32 17.54 -8.53
CA ASP A 626 8.00 18.81 -9.14
C ASP A 626 9.17 19.52 -8.58
N LYS A 627 10.09 19.88 -9.44
CA LYS A 627 11.27 20.57 -9.00
C LYS A 627 10.95 21.87 -8.31
N LYS A 628 9.68 22.22 -8.30
CA LYS A 628 9.23 23.42 -7.62
C LYS A 628 9.15 23.52 -6.11
N TYR A 629 8.62 22.48 -5.44
CA TYR A 629 8.51 22.53 -3.99
C TYR A 629 9.89 22.57 -3.33
N PHE A 630 10.82 21.73 -3.81
CA PHE A 630 12.17 21.76 -3.26
C PHE A 630 12.85 23.08 -3.55
N ALA A 631 12.58 23.67 -4.72
CA ALA A 631 13.11 24.99 -5.02
C ALA A 631 12.58 26.03 -4.05
N ARG A 632 11.28 25.98 -3.74
CA ARG A 632 10.70 26.90 -2.76
C ARG A 632 11.36 26.75 -1.41
N ARG A 633 11.54 25.51 -0.96
CA ARG A 633 12.13 25.29 0.36
C ARG A 633 13.59 25.76 0.40
N TYR A 634 14.34 25.48 -0.67
CA TYR A 634 15.72 25.94 -0.74
C TYR A 634 15.78 27.46 -0.74
N LEU A 635 14.89 28.12 -1.48
CA LEU A 635 14.90 29.57 -1.56
C LEU A 635 14.50 30.19 -0.23
N ASN A 636 13.57 29.57 0.50
CA ASN A 636 13.23 30.06 1.82
C ASN A 636 14.41 29.95 2.78
N LEU A 637 15.11 28.82 2.75
CA LEU A 637 16.30 28.67 3.58
C LEU A 637 17.36 29.70 3.22
N PHE A 638 17.55 29.96 1.92
CA PHE A 638 18.57 30.91 1.50
C PHE A 638 18.15 32.34 1.79
N ASN A 639 16.85 32.62 1.78
CA ASN A 639 16.36 33.92 2.23
C ASN A 639 16.65 34.12 3.72
N SER A 640 16.45 33.06 4.51
CA SER A 640 16.82 33.12 5.92
C SER A 640 18.32 33.38 6.06
N PHE A 641 19.12 32.71 5.24
CA PHE A 641 20.58 32.93 5.24
C PHE A 641 20.90 34.39 4.95
N VAL A 642 20.28 34.94 3.90
CA VAL A 642 20.57 36.32 3.50
C VAL A 642 20.18 37.29 4.60
N ILE A 643 19.01 37.09 5.20
CA ILE A 643 18.57 37.98 6.27
C ILE A 643 19.50 37.88 7.48
N PHE A 644 19.98 36.67 7.77
CA PHE A 644 20.94 36.51 8.86
C PHE A 644 22.25 37.21 8.56
N LEU A 645 22.70 37.16 7.30
CA LEU A 645 23.99 37.74 6.95
C LEU A 645 23.94 39.26 6.90
N THR A 646 22.79 39.84 6.59
CA THR A 646 22.65 41.28 6.39
C THR A 646 22.19 42.00 7.64
N ASP A 647 22.55 41.50 8.81
CA ASP A 647 22.17 42.16 10.06
C ASP A 647 23.26 41.94 11.12
N PRO A 648 24.05 42.96 11.43
CA PRO A 648 25.11 42.78 12.45
C PRO A 648 24.56 42.41 13.81
N SER A 649 23.37 42.90 14.18
CA SER A 649 22.77 42.60 15.47
C SER A 649 22.26 41.16 15.56
N MET A 650 22.24 40.42 14.45
CA MET A 650 21.77 39.03 14.45
C MET A 650 22.90 38.12 14.94
N THR A 651 23.17 38.23 16.25
CA THR A 651 24.26 37.48 16.84
C THR A 651 24.05 35.97 16.70
N SER A 652 23.00 35.45 17.31
CA SER A 652 22.69 34.03 17.23
C SER A 652 21.42 33.83 16.42
N PHE A 653 21.35 32.69 15.73
CA PHE A 653 20.22 32.38 14.88
C PHE A 653 20.02 30.88 14.89
N LEU A 654 18.76 30.45 14.71
CA LEU A 654 18.43 29.04 14.74
C LEU A 654 17.45 28.76 13.60
N GLY A 655 17.98 28.27 12.49
CA GLY A 655 17.12 27.77 11.44
C GLY A 655 16.50 26.44 11.82
N LEU A 656 15.21 26.29 11.52
CA LEU A 656 14.51 25.06 11.88
C LEU A 656 13.65 24.64 10.71
N GLN A 657 14.22 23.81 9.84
CA GLN A 657 13.45 23.08 8.84
C GLN A 657 12.88 21.84 9.52
N SER A 658 12.23 20.97 8.75
CA SER A 658 11.87 19.65 9.24
C SER A 658 12.66 18.52 8.62
N LEU A 659 13.63 18.83 7.76
CA LEU A 659 14.51 17.85 7.14
C LEU A 659 15.93 18.06 7.65
N LEU A 660 16.51 17.01 8.20
CA LEU A 660 17.93 17.04 8.49
C LEU A 660 18.69 16.99 7.18
N PRO A 661 19.58 17.93 6.90
CA PRO A 661 20.30 17.91 5.62
C PRO A 661 21.06 16.61 5.43
N GLY A 662 21.00 16.08 4.21
CA GLY A 662 21.61 14.80 3.91
C GLY A 662 22.42 14.81 2.63
N ALA A 663 22.71 13.62 2.09
CA ALA A 663 23.49 13.51 0.87
C ALA A 663 22.65 13.70 -0.39
N ASP A 664 21.35 13.44 -0.32
CA ASP A 664 20.50 13.53 -1.50
C ASP A 664 20.20 15.00 -1.82
N GLY A 665 19.51 15.20 -2.95
CA GLY A 665 19.18 16.54 -3.39
C GLY A 665 18.04 17.21 -2.67
N ARG A 666 17.27 16.47 -1.89
CA ARG A 666 16.17 17.08 -1.16
C ARG A 666 16.67 18.12 -0.17
N MET A 667 17.76 17.81 0.55
CA MET A 667 18.38 18.76 1.47
C MET A 667 19.81 18.23 1.38
N ASP A 668 20.72 19.07 0.91
CA ASP A 668 22.09 18.66 0.62
C ASP A 668 22.93 19.53 1.56
N GLU A 669 23.66 18.88 2.46
CA GLU A 669 24.51 19.62 3.40
C GLU A 669 25.60 20.39 2.68
N ASN A 670 26.30 19.72 1.76
CA ASN A 670 27.39 20.37 1.04
C ASN A 670 26.88 21.53 0.21
N TYR A 671 25.76 21.34 -0.49
CA TYR A 671 25.19 22.43 -1.28
C TYR A 671 24.80 23.61 -0.40
N ILE A 672 24.21 23.32 0.76
CA ILE A 672 23.83 24.39 1.68
C ILE A 672 25.05 25.15 2.16
N LYS A 673 26.13 24.44 2.50
CA LYS A 673 27.35 25.10 2.95
C LYS A 673 27.95 25.97 1.85
N GLU A 674 28.02 25.44 0.62
CA GLU A 674 28.58 26.20 -0.48
C GLU A 674 27.74 27.43 -0.78
N THR A 675 26.41 27.28 -0.75
CA THR A 675 25.54 28.43 -0.97
C THR A 675 25.69 29.46 0.13
N PHE A 676 25.84 29.02 1.38
CA PHE A 676 26.03 29.97 2.48
C PHE A 676 27.33 30.75 2.29
N THR A 677 28.41 30.04 1.91
CA THR A 677 29.69 30.72 1.70
C THR A 677 29.60 31.72 0.54
N THR A 678 28.97 31.30 -0.56
CA THR A 678 28.84 32.18 -1.72
C THR A 678 28.00 33.40 -1.36
N LEU A 679 26.89 33.20 -0.67
CA LEU A 679 26.04 34.33 -0.28
C LEU A 679 26.76 35.24 0.69
N LYS A 680 27.55 34.69 1.59
CA LYS A 680 28.37 35.51 2.48
C LYS A 680 29.29 36.41 1.68
N ASP A 681 30.07 35.81 0.77
CA ASP A 681 31.00 36.60 -0.03
C ASP A 681 30.26 37.61 -0.91
N LEU A 682 29.02 37.29 -1.27
CA LEU A 682 28.31 38.13 -2.25
C LEU A 682 27.59 39.30 -1.59
N VAL A 683 26.96 39.11 -0.44
CA VAL A 683 26.05 40.11 0.10
C VAL A 683 26.47 40.55 1.50
N GLY A 684 27.40 39.82 2.12
CA GLY A 684 27.87 40.22 3.43
C GLY A 684 28.59 41.56 3.38
N GLY A 685 29.75 41.59 2.73
CA GLY A 685 30.44 42.85 2.49
C GLY A 685 31.13 43.39 3.73
N GLN A 686 30.33 43.92 4.66
CA GLN A 686 30.90 44.43 5.90
C GLN A 686 30.06 44.03 7.12
N ASP A 687 28.91 43.40 6.91
CA ASP A 687 28.04 43.01 8.01
C ASP A 687 28.22 41.57 8.45
N GLY A 688 28.44 40.65 7.52
CA GLY A 688 28.62 39.26 7.85
C GLY A 688 30.00 38.73 7.50
N VAL A 689 31.03 39.55 7.76
CA VAL A 689 32.40 39.20 7.42
C VAL A 689 32.92 38.14 8.38
N ASN A 690 32.17 37.89 9.47
CA ASN A 690 32.62 36.93 10.47
C ASN A 690 31.51 35.95 10.84
N THR A 691 30.62 35.61 9.91
CA THR A 691 29.54 34.68 10.19
C THR A 691 30.00 33.24 9.95
N GLU A 692 29.24 32.30 10.48
CA GLU A 692 29.53 30.88 10.33
C GLU A 692 28.22 30.10 10.44
N LEU A 693 28.15 28.99 9.71
CA LEU A 693 27.00 28.10 9.74
C LEU A 693 27.41 26.76 10.33
N ARG A 694 26.66 26.30 11.32
CA ARG A 694 26.90 24.99 11.95
C ARG A 694 25.60 24.21 11.90
N ILE A 695 25.62 23.07 11.21
CA ILE A 695 24.45 22.21 11.09
C ILE A 695 24.52 21.17 12.20
N VAL A 696 23.52 21.16 13.08
CA VAL A 696 23.43 20.19 14.16
C VAL A 696 22.39 19.15 13.78
N SER A 697 22.78 17.87 13.87
CA SER A 697 21.91 16.79 13.42
C SER A 697 22.45 15.49 14.00
N SER A 698 21.63 14.44 13.88
CA SER A 698 22.06 13.10 14.28
C SER A 698 23.08 12.51 13.32
N ARG A 699 23.27 13.11 12.14
CA ARG A 699 24.27 12.63 11.20
C ARG A 699 25.67 12.74 11.78
N ASN A 700 25.95 13.86 12.47
CA ASN A 700 27.25 14.04 13.09
C ASN A 700 27.43 13.08 14.26
N GLN A 701 28.69 12.68 14.48
CA GLN A 701 28.98 11.72 15.54
C GLN A 701 28.75 12.30 16.93
N GLU A 702 29.04 13.58 17.11
CA GLU A 702 28.87 14.21 18.41
C GLU A 702 27.39 14.34 18.77
N GLY A 703 27.12 14.42 20.06
CA GLY A 703 25.77 14.59 20.53
C GLY A 703 25.21 15.95 20.19
N ILE A 704 23.87 16.03 20.19
CA ILE A 704 23.20 17.28 19.82
C ILE A 704 23.57 18.38 20.80
N GLN A 705 23.54 18.07 22.10
CA GLN A 705 23.93 19.04 23.11
C GLN A 705 25.39 19.46 22.93
N GLU A 706 26.27 18.52 22.60
CA GLU A 706 27.67 18.86 22.38
C GLU A 706 27.84 19.85 21.23
N GLN A 707 27.16 19.61 20.11
CA GLN A 707 27.27 20.50 18.97
C GLN A 707 26.67 21.87 19.27
N LEU A 708 25.52 21.89 19.95
CA LEU A 708 24.93 23.17 20.32
C LEU A 708 25.83 23.97 21.24
N SER A 709 26.41 23.30 22.24
CA SER A 709 27.33 23.98 23.15
C SER A 709 28.57 24.48 22.43
N GLU A 710 29.09 23.70 21.47
CA GLU A 710 30.25 24.13 20.71
C GLU A 710 29.94 25.35 19.85
N ALA A 711 28.77 25.38 19.21
CA ALA A 711 28.40 26.54 18.41
C ALA A 711 28.20 27.77 19.29
N LEU A 712 27.53 27.60 20.43
CA LEU A 712 27.33 28.74 21.32
C LEU A 712 28.64 29.22 21.93
N ASN A 713 29.59 28.30 22.14
CA ASN A 713 30.93 28.71 22.55
C ASN A 713 31.63 29.50 21.46
N LEU A 714 31.47 29.07 20.21
CA LEU A 714 32.01 29.82 19.09
C LEU A 714 31.44 31.24 19.06
N VAL A 715 30.17 31.38 19.43
CA VAL A 715 29.59 32.72 19.53
C VAL A 715 30.18 33.49 20.70
N SER A 716 30.25 32.88 21.89
CA SER A 716 30.58 33.61 23.11
C SER A 716 32.05 33.97 23.18
N GLN A 717 32.93 32.97 23.23
CA GLN A 717 34.36 33.25 23.34
C GLN A 717 35.03 33.42 21.99
N GLY A 718 34.48 32.80 20.94
CA GLY A 718 35.04 32.97 19.61
C GLY A 718 34.90 34.39 19.09
N GLY A 719 33.74 35.00 19.30
CA GLY A 719 33.52 36.37 18.90
C GLY A 719 32.74 36.52 17.61
N LYS A 720 32.43 35.40 16.96
CA LYS A 720 31.74 35.42 15.68
C LYS A 720 30.29 34.93 15.82
N ARG A 721 29.44 35.48 14.95
CA ARG A 721 28.04 35.09 14.91
C ARG A 721 27.90 33.77 14.17
N VAL A 722 27.02 32.90 14.66
CA VAL A 722 26.83 31.57 14.10
C VAL A 722 25.40 31.45 13.60
N TYR A 723 25.16 30.51 12.69
CA TYR A 723 23.83 30.11 12.26
C TYR A 723 23.66 28.63 12.53
N ILE A 724 22.66 28.28 13.34
CA ILE A 724 22.38 26.90 13.69
C ILE A 724 21.18 26.43 12.89
N LEU A 725 21.33 25.31 12.20
CA LEU A 725 20.26 24.73 11.39
C LEU A 725 20.01 23.31 11.85
N SER A 726 18.74 22.95 11.98
CA SER A 726 18.35 21.63 12.47
C SER A 726 16.89 21.38 12.10
N ALA A 727 16.33 20.31 12.63
CA ALA A 727 14.94 19.94 12.42
C ALA A 727 14.16 20.13 13.71
N TYR A 728 12.83 20.17 13.58
CA TYR A 728 11.97 20.32 14.75
C TYR A 728 12.11 19.15 15.70
N GLN A 729 12.18 17.93 15.16
CA GLN A 729 12.24 16.74 16.01
C GLN A 729 13.58 16.59 16.72
N THR A 730 14.64 17.21 16.21
CA THR A 730 15.97 17.07 16.81
C THR A 730 16.06 17.87 18.10
N ILE A 731 15.81 19.17 18.02
CA ILE A 731 15.84 20.03 19.21
C ILE A 731 14.56 19.79 20.00
N GLY A 732 14.65 18.97 21.05
CA GLY A 732 13.48 18.61 21.82
C GLY A 732 13.03 19.76 22.71
N ILE A 733 11.83 19.62 23.27
CA ILE A 733 11.30 20.58 24.23
C ILE A 733 12.26 20.67 25.40
N GLY A 734 12.66 21.89 25.75
CA GLY A 734 13.79 22.08 26.63
C GLY A 734 15.02 22.36 25.78
N GLN A 735 16.16 21.73 26.12
CA GLN A 735 17.37 21.86 25.32
C GLN A 735 17.68 23.33 25.08
N ASN A 736 17.66 24.13 26.14
CA ASN A 736 17.76 25.58 26.03
C ASN A 736 19.04 26.01 25.31
N LEU A 737 18.88 26.97 24.39
CA LEU A 737 19.99 27.50 23.60
C LEU A 737 20.31 28.90 24.13
N GLN A 738 21.14 28.94 25.17
CA GLN A 738 21.59 30.21 25.73
C GLN A 738 23.11 30.17 25.87
N HIS A 739 23.74 31.32 25.63
CA HIS A 739 25.18 31.41 25.61
C HIS A 739 25.64 32.59 26.44
N GLU A 740 26.85 32.48 26.98
CA GLU A 740 27.41 33.54 27.80
C GLU A 740 27.68 34.79 26.95
N MET A 741 27.38 35.94 27.54
CA MET A 741 27.36 37.20 26.81
C MET A 741 28.76 37.69 26.49
N ASN A 742 28.95 38.17 25.26
CA ASN A 742 30.25 38.66 24.81
C ASN A 742 30.30 40.18 24.92
N GLU A 743 31.43 40.78 24.51
CA GLU A 743 31.63 42.21 24.69
C GLU A 743 30.70 43.04 23.83
N PHE A 744 30.62 42.73 22.53
CA PHE A 744 29.69 43.45 21.67
C PHE A 744 28.26 43.24 22.11
N GLU A 745 27.91 42.00 22.48
CA GLU A 745 26.55 41.69 22.89
C GLU A 745 26.24 42.32 24.24
N ARG A 746 27.25 42.50 25.10
CA ARG A 746 27.06 43.25 26.33
C ARG A 746 26.98 44.75 26.07
N GLU A 747 27.51 45.21 24.93
CA GLU A 747 27.44 46.64 24.63
C GLU A 747 26.01 47.06 24.30
N GLN A 748 25.23 46.17 23.68
CA GLN A 748 23.84 46.46 23.33
C GLN A 748 22.98 45.25 23.65
N ALA A 749 22.08 45.39 24.62
CA ALA A 749 21.17 44.33 25.01
C ALA A 749 20.09 44.95 25.89
N ALA A 750 19.19 44.10 26.39
CA ALA A 750 18.12 44.56 27.28
C ALA A 750 17.90 43.52 28.37
N ASN A 751 18.15 43.92 29.62
CA ASN A 751 18.04 43.02 30.76
C ASN A 751 16.61 43.02 31.27
N ILE A 752 15.82 42.01 30.87
CA ILE A 752 14.41 41.94 31.22
C ILE A 752 14.20 41.60 32.69
N ALA A 753 15.27 41.37 33.45
CA ALA A 753 15.15 40.93 34.82
C ALA A 753 14.39 41.99 35.64
N PRO A 754 13.43 41.59 36.46
CA PRO A 754 12.73 42.56 37.32
C PRO A 754 13.65 43.08 38.41
N LYS A 755 13.31 44.25 38.94
CA LYS A 755 14.11 44.83 40.02
C LYS A 755 14.06 43.94 41.25
N GLY A 756 15.23 43.76 41.87
CA GLY A 756 15.34 42.96 43.07
C GLY A 756 15.89 41.57 42.88
N VAL A 757 16.22 41.16 41.65
CA VAL A 757 16.82 39.85 41.44
C VAL A 757 18.26 39.87 41.91
N SER A 758 18.77 38.68 42.25
CA SER A 758 20.16 38.55 42.69
C SER A 758 21.09 38.88 41.53
N LYS A 759 22.04 39.79 41.77
CA LYS A 759 23.00 40.14 40.73
C LYS A 759 23.84 38.96 40.29
N SER A 760 24.23 38.09 41.23
CA SER A 760 24.98 36.88 40.93
C SER A 760 23.97 35.78 40.62
N ASP A 761 23.51 35.74 39.37
CA ASP A 761 22.54 34.74 38.94
C ASP A 761 22.86 34.37 37.50
N ARG A 762 22.88 33.06 37.21
CA ARG A 762 23.29 32.59 35.89
C ARG A 762 22.31 33.05 34.81
N ARG A 763 21.01 33.00 35.11
CA ARG A 763 20.02 33.40 34.13
C ARG A 763 20.16 34.87 33.74
N GLN A 764 20.73 35.69 34.62
CA GLN A 764 21.01 37.08 34.30
C GLN A 764 22.33 37.27 33.57
N HIS A 765 23.19 36.25 33.54
CA HIS A 765 24.50 36.32 32.91
C HIS A 765 24.54 35.72 31.51
N THR A 766 23.40 35.34 30.96
CA THR A 766 23.33 34.72 29.64
C THR A 766 22.24 35.39 28.81
N ILE A 767 22.16 35.00 27.55
CA ILE A 767 21.20 35.59 26.61
C ILE A 767 20.52 34.46 25.84
N ASP A 768 19.34 34.76 25.31
CA ASP A 768 18.60 33.84 24.47
C ASP A 768 18.87 34.13 22.99
N LEU A 769 18.30 33.29 22.13
CA LEU A 769 18.50 33.46 20.70
C LEU A 769 17.90 34.78 20.22
N ALA A 770 18.61 35.44 19.31
CA ALA A 770 18.17 36.71 18.77
C ALA A 770 17.24 36.55 17.57
N GLY A 771 17.09 35.33 17.05
CA GLY A 771 16.21 35.10 15.92
C GLY A 771 16.09 33.64 15.54
N MET A 772 14.90 33.23 15.11
CA MET A 772 14.65 31.87 14.68
C MET A 772 13.96 31.88 13.31
N TYR A 773 14.30 30.89 12.49
CA TYR A 773 13.63 30.67 11.21
C TYR A 773 12.80 29.40 11.34
N LEU A 774 11.49 29.52 11.08
CA LEU A 774 10.56 28.41 11.25
C LEU A 774 10.18 27.87 9.88
N GLY A 775 10.71 26.71 9.53
CA GLY A 775 10.38 26.10 8.26
C GLY A 775 9.01 25.43 8.28
N GLU A 776 8.65 24.86 7.13
CA GLU A 776 7.37 24.18 7.02
C GLU A 776 7.34 22.94 7.90
N VAL A 777 6.17 22.65 8.47
CA VAL A 777 6.04 21.50 9.34
C VAL A 777 5.79 20.25 8.51
N THR A 778 6.38 19.13 8.93
CA THR A 778 6.29 17.87 8.22
C THR A 778 4.95 17.19 8.47
N HIS A 779 4.89 15.90 8.15
CA HIS A 779 3.66 15.10 8.22
C HIS A 779 2.91 15.37 9.51
N ILE A 780 1.69 15.90 9.40
CA ILE A 780 0.76 15.95 10.52
C ILE A 780 -0.26 14.82 10.40
N LEU A 781 -0.77 14.64 9.19
CA LEU A 781 -1.66 13.55 8.94
C LEU A 781 -0.79 12.61 8.15
N SER A 782 -0.61 11.39 8.64
CA SER A 782 0.30 10.47 7.97
C SER A 782 0.05 10.39 6.49
N SER A 783 1.10 10.65 5.72
CA SER A 783 0.99 10.54 4.28
C SER A 783 1.75 9.31 3.87
N ASN A 784 1.03 8.26 3.50
CA ASN A 784 1.68 7.02 3.16
C ASN A 784 1.02 6.28 2.03
N LEU A 785 1.81 5.78 1.10
CA LEU A 785 1.26 5.00 0.01
C LEU A 785 2.23 3.86 -0.26
N PRO A 786 1.71 2.64 -0.46
CA PRO A 786 0.29 2.29 -0.54
C PRO A 786 -0.33 1.87 0.78
N PHE A 787 -1.65 1.91 0.86
CA PHE A 787 -2.32 1.56 2.09
C PHE A 787 -2.26 0.08 2.30
N ARG A 788 -1.12 -0.41 2.76
CA ARG A 788 -1.01 -1.83 3.06
C ARG A 788 -1.68 -2.10 4.40
N MET A 789 -1.70 -3.37 4.77
CA MET A 789 -2.18 -3.79 6.10
C MET A 789 -0.98 -3.84 7.04
N ASP A 790 -0.49 -2.66 7.39
CA ASP A 790 0.67 -2.55 8.28
C ASP A 790 0.40 -1.40 9.25
N ALA A 791 1.43 -1.05 10.02
CA ALA A 791 1.29 -0.02 11.04
C ALA A 791 0.96 1.33 10.43
N ALA A 792 1.60 1.68 9.32
CA ALA A 792 1.41 2.99 8.72
C ALA A 792 -0.02 3.17 8.21
N GLY A 793 -0.55 2.16 7.53
CA GLY A 793 -1.91 2.26 7.01
C GLY A 793 -2.94 2.35 8.13
N LEU A 794 -2.77 1.52 9.17
CA LEU A 794 -3.67 1.59 10.31
C LEU A 794 -3.58 2.94 10.99
N ARG A 795 -2.38 3.49 11.13
CA ARG A 795 -2.23 4.82 11.73
C ARG A 795 -2.94 5.87 10.91
N SER A 796 -2.82 5.80 9.58
CA SER A 796 -3.47 6.78 8.72
C SER A 796 -5.00 6.70 8.83
N ILE A 797 -5.55 5.48 8.76
CA ILE A 797 -6.99 5.33 8.85
C ILE A 797 -7.50 5.70 10.23
N ILE A 798 -6.73 5.42 11.29
CA ILE A 798 -7.12 5.84 12.63
C ILE A 798 -7.09 7.35 12.77
N GLU A 799 -6.11 8.01 12.14
CA GLU A 799 -6.09 9.47 12.13
C GLU A 799 -7.33 10.02 11.45
N GLN A 800 -7.71 9.45 10.32
CA GLN A 800 -8.91 9.92 9.62
C GLN A 800 -10.16 9.69 10.46
N GLU A 801 -10.24 8.54 11.13
CA GLU A 801 -11.39 8.26 11.99
C GLU A 801 -11.43 9.22 13.18
N TYR A 802 -10.27 9.55 13.74
CA TYR A 802 -10.21 10.54 14.81
C TYR A 802 -10.71 11.89 14.34
N LEU A 803 -10.31 12.29 13.13
CA LEU A 803 -10.78 13.55 12.57
C LEU A 803 -12.30 13.52 12.37
N PHE A 804 -12.82 12.38 11.89
CA PHE A 804 -14.26 12.27 11.68
C PHE A 804 -15.04 12.34 12.99
N ASP A 805 -14.55 11.70 14.05
CA ASP A 805 -15.26 11.70 15.31
C ASP A 805 -15.28 13.09 15.93
N ALA A 806 -14.21 13.87 15.74
CA ALA A 806 -14.13 15.21 16.30
C ALA A 806 -14.93 16.21 15.48
N ASN A 807 -15.70 15.70 14.52
CA ASN A 807 -16.53 16.52 13.64
C ASN A 807 -15.69 17.55 12.90
N GLU A 808 -14.74 17.04 12.11
CA GLU A 808 -13.87 17.89 11.30
C GLU A 808 -13.83 17.49 9.83
N ILE A 809 -14.28 16.30 9.47
CA ILE A 809 -14.38 15.88 8.07
C ILE A 809 -15.71 15.17 7.88
N ASN A 810 -16.41 15.53 6.82
CA ASN A 810 -17.68 14.89 6.50
C ASN A 810 -17.43 13.56 5.79
N ILE A 811 -18.50 12.79 5.60
CA ILE A 811 -18.39 11.50 4.94
C ILE A 811 -17.93 11.64 3.50
N LYS A 812 -18.17 12.78 2.87
CA LYS A 812 -17.70 13.01 1.50
C LYS A 812 -16.19 12.89 1.43
N TYR A 813 -15.49 13.60 2.31
CA TYR A 813 -14.02 13.54 2.30
C TYR A 813 -13.52 12.16 2.67
N LEU A 814 -14.17 11.49 3.62
CA LEU A 814 -13.74 10.15 4.01
C LEU A 814 -13.87 9.17 2.85
N ASN A 815 -14.99 9.22 2.12
CA ASN A 815 -15.17 8.35 0.97
C ASN A 815 -14.16 8.68 -0.12
N LYS A 816 -13.92 9.97 -0.36
CA LYS A 816 -12.94 10.35 -1.37
C LYS A 816 -11.55 9.84 -1.00
N TYR A 817 -11.17 9.96 0.27
CA TYR A 817 -9.87 9.48 0.72
C TYR A 817 -9.76 7.97 0.62
N LEU A 818 -10.83 7.25 0.96
CA LEU A 818 -10.81 5.80 0.83
C LEU A 818 -10.67 5.38 -0.63
N LYS A 819 -11.38 6.05 -1.53
CA LYS A 819 -11.22 5.77 -2.96
C LYS A 819 -9.81 6.09 -3.43
N GLY A 820 -9.21 7.15 -2.88
CA GLY A 820 -7.82 7.46 -3.21
C GLY A 820 -6.87 6.35 -2.76
N LEU A 821 -7.11 5.81 -1.57
CA LEU A 821 -6.33 4.65 -1.13
C LEU A 821 -6.56 3.44 -2.04
N GLN A 822 -7.77 3.31 -2.57
CA GLN A 822 -8.06 2.20 -3.48
C GLN A 822 -7.18 2.27 -4.73
N HIS A 823 -6.98 3.47 -5.25
CA HIS A 823 -6.18 3.67 -6.45
C HIS A 823 -4.74 4.08 -6.15
N GLN A 824 -4.33 4.02 -4.89
CA GLN A 824 -2.98 4.37 -4.46
C GLN A 824 -2.60 5.78 -4.91
N ARG A 825 -3.50 6.73 -4.68
CA ARG A 825 -3.21 8.12 -5.01
C ARG A 825 -3.70 8.98 -3.86
N LEU A 826 -2.78 9.64 -3.19
CA LEU A 826 -3.09 10.46 -2.02
C LEU A 826 -3.93 11.67 -2.42
N GLU A 827 -4.81 12.10 -1.53
CA GLU A 827 -5.71 13.19 -1.80
C GLU A 827 -5.28 14.45 -1.06
N ARG A 828 -6.05 15.53 -1.22
CA ARG A 828 -5.80 16.78 -0.53
C ARG A 828 -6.08 16.63 0.96
N HIS A 829 -5.30 17.35 1.76
CA HIS A 829 -5.56 17.43 3.18
C HIS A 829 -6.87 18.19 3.43
N PRO A 830 -7.58 17.87 4.52
CA PRO A 830 -8.83 18.57 4.80
C PRO A 830 -8.60 20.07 4.96
N GLU A 831 -9.47 20.85 4.31
CA GLU A 831 -9.31 22.31 4.34
C GLU A 831 -9.69 22.88 5.70
N TYR A 832 -10.79 22.43 6.27
CA TYR A 832 -11.31 22.94 7.53
C TYR A 832 -11.24 21.82 8.57
N ALA A 833 -10.08 21.69 9.21
CA ALA A 833 -9.87 20.72 10.28
C ALA A 833 -9.09 21.42 11.37
N ARG A 834 -9.77 21.76 12.48
CA ARG A 834 -9.14 22.54 13.53
C ARG A 834 -7.99 21.78 14.18
N SER A 835 -8.09 20.44 14.25
CA SER A 835 -7.02 19.66 14.88
C SER A 835 -5.72 19.79 14.10
N LEU A 836 -5.78 19.80 12.77
CA LEU A 836 -4.59 19.94 11.96
C LEU A 836 -3.86 21.25 12.25
N TYR A 837 -4.59 22.37 12.21
CA TYR A 837 -3.96 23.66 12.42
C TYR A 837 -3.52 23.82 13.86
N VAL A 838 -4.25 23.21 14.80
CA VAL A 838 -3.85 23.27 16.20
C VAL A 838 -2.55 22.51 16.42
N SER A 839 -2.38 21.36 15.75
CA SER A 839 -1.12 20.63 15.84
C SER A 839 0.02 21.43 15.21
N TYR A 840 -0.25 22.07 14.08
CA TYR A 840 0.75 22.92 13.44
C TYR A 840 1.20 24.04 14.40
N SER A 841 0.24 24.74 14.99
CA SER A 841 0.55 25.81 15.92
C SER A 841 1.21 25.27 17.19
N ARG A 842 0.89 24.04 17.59
CA ARG A 842 1.55 23.43 18.74
C ARG A 842 3.02 23.20 18.46
N THR A 843 3.34 22.68 17.28
CA THR A 843 4.74 22.49 16.92
C THR A 843 5.47 23.84 16.87
N ILE A 844 4.85 24.85 16.27
CA ILE A 844 5.52 26.14 16.18
C ILE A 844 5.66 26.78 17.56
N ILE A 845 4.70 26.56 18.46
CA ILE A 845 4.76 27.10 19.80
C ILE A 845 5.88 26.43 20.59
N GLN A 846 6.01 25.11 20.47
CA GLN A 846 7.11 24.41 21.11
C GLN A 846 8.45 24.89 20.57
N ALA A 847 8.51 25.17 19.26
CA ALA A 847 9.74 25.72 18.69
C ALA A 847 10.06 27.08 19.28
N LEU A 848 9.05 27.95 19.41
CA LEU A 848 9.27 29.30 19.91
C LEU A 848 9.47 29.38 21.41
N GLY A 849 9.07 28.34 22.15
CA GLY A 849 9.16 28.39 23.61
C GLY A 849 10.56 28.41 24.16
N ARG A 850 11.57 28.18 23.32
CA ARG A 850 12.95 28.13 23.77
C ARG A 850 13.72 29.42 23.49
N MET A 851 13.02 30.55 23.35
CA MET A 851 13.65 31.84 23.16
C MET A 851 13.41 32.81 24.31
N ASN A 852 12.86 32.35 25.42
CA ASN A 852 12.52 33.21 26.54
C ASN A 852 13.02 32.58 27.84
N ARG A 853 14.28 32.16 27.84
CA ARG A 853 14.89 31.50 28.99
C ARG A 853 16.10 32.23 29.55
N SER A 854 16.15 33.53 29.34
CA SER A 854 17.18 34.38 29.93
C SER A 854 16.62 35.77 30.21
N PHE A 855 17.28 36.48 31.14
CA PHE A 855 16.83 37.82 31.48
C PHE A 855 17.29 38.85 30.47
N ASN A 856 18.30 38.55 29.67
CA ASN A 856 18.80 39.54 28.73
C ASN A 856 18.36 39.20 27.30
N LYS A 857 18.08 40.24 26.52
CA LYS A 857 17.48 40.06 25.21
C LYS A 857 18.05 41.08 24.23
N MET A 858 18.13 40.67 22.97
CA MET A 858 18.46 41.59 21.89
C MET A 858 17.33 42.59 21.69
N PRO A 859 17.66 43.85 21.38
CA PRO A 859 16.61 44.86 21.20
C PRO A 859 15.74 44.66 19.98
N LEU A 860 16.05 43.69 19.11
CA LEU A 860 15.20 43.41 17.96
C LEU A 860 15.21 41.93 17.64
N ILE A 861 14.20 41.20 18.10
CA ILE A 861 14.07 39.79 17.77
C ILE A 861 13.39 39.65 16.41
N ARG A 862 14.02 38.89 15.52
CA ARG A 862 13.54 38.73 14.17
C ARG A 862 13.07 37.30 13.93
N LEU A 863 11.96 37.17 13.21
CA LEU A 863 11.39 35.87 12.88
C LEU A 863 11.12 35.80 11.39
N VAL A 864 11.55 34.71 10.76
CA VAL A 864 11.39 34.51 9.33
C VAL A 864 10.79 33.13 9.09
N MET A 865 9.80 33.06 8.20
CA MET A 865 9.12 31.81 7.89
C MET A 865 8.43 31.95 6.56
N PRO A 866 8.12 30.84 5.88
CA PRO A 866 7.34 30.90 4.65
C PRO A 866 5.92 31.36 4.91
N VAL A 867 5.22 31.66 3.82
CA VAL A 867 3.84 32.14 3.91
C VAL A 867 2.92 31.05 4.46
N ASN A 868 3.13 29.80 4.05
CA ASN A 868 2.24 28.72 4.48
C ASN A 868 2.29 28.53 5.99
N VAL A 869 3.44 28.80 6.61
CA VAL A 869 3.53 28.75 8.07
C VAL A 869 2.63 29.81 8.68
N LEU A 870 2.64 31.02 8.10
CA LEU A 870 1.76 32.07 8.57
C LEU A 870 0.29 31.68 8.40
N GLN A 871 -0.04 31.05 7.28
CA GLN A 871 -1.40 30.63 7.00
C GLN A 871 -1.89 29.52 7.94
N MET A 872 -1.03 28.57 8.27
CA MET A 872 -1.46 27.40 9.02
C MET A 872 -1.53 27.62 10.52
N VAL A 873 -0.99 28.73 11.03
CA VAL A 873 -1.03 29.00 12.46
C VAL A 873 -2.45 29.42 12.86
N THR A 874 -2.77 29.25 14.14
CA THR A 874 -4.09 29.57 14.65
C THR A 874 -3.96 29.98 16.12
N ASP A 875 -5.09 30.37 16.71
CA ASP A 875 -5.11 30.83 18.10
C ASP A 875 -6.19 30.12 18.90
N SER A 876 -7.08 29.42 18.21
CA SER A 876 -8.21 28.77 18.88
C SER A 876 -7.73 27.70 19.84
N GLY A 877 -8.32 27.67 21.03
CA GLY A 877 -8.04 26.64 22.00
C GLY A 877 -6.96 27.00 23.00
N ILE A 878 -5.94 27.73 22.55
CA ILE A 878 -4.80 28.07 23.39
C ILE A 878 -4.96 29.50 23.88
N ASP A 879 -4.80 29.69 25.19
CA ASP A 879 -4.87 31.03 25.75
C ASP A 879 -3.67 31.85 25.29
N VAL A 880 -3.94 33.07 24.83
CA VAL A 880 -2.87 33.92 24.31
C VAL A 880 -1.92 34.34 25.42
N GLU A 881 -2.46 34.62 26.61
CA GLU A 881 -1.64 35.13 27.70
C GLU A 881 -0.63 34.10 28.18
N LYS A 882 -0.92 32.82 27.99
CA LYS A 882 -0.05 31.74 28.47
C LYS A 882 0.88 31.22 27.40
N THR A 883 1.32 32.08 26.47
CA THR A 883 2.26 31.71 25.43
C THR A 883 3.34 32.77 25.32
N SER A 884 4.40 32.43 24.60
CA SER A 884 5.52 33.34 24.41
C SER A 884 5.08 34.61 23.70
N GLN A 885 5.68 35.74 24.07
CA GLN A 885 5.32 37.01 23.49
C GLN A 885 5.60 37.06 21.99
N GLU A 886 6.69 36.46 21.54
CA GLU A 886 6.97 36.42 20.11
C GLU A 886 5.91 35.65 19.35
N TYR A 887 5.33 34.60 19.94
CA TYR A 887 4.21 33.93 19.31
C TYR A 887 3.00 34.85 19.24
N ARG A 888 2.81 35.69 20.26
CA ARG A 888 1.73 36.68 20.21
C ARG A 888 1.94 37.65 19.04
N CYS A 889 3.18 38.11 18.85
CA CYS A 889 3.47 38.99 17.73
C CYS A 889 3.24 38.28 16.39
N LEU A 890 3.66 37.01 16.30
CA LEU A 890 3.44 36.24 15.08
C LEU A 890 1.95 36.10 14.78
N LEU A 891 1.15 35.82 15.81
CA LEU A 891 -0.29 35.74 15.63
C LEU A 891 -0.88 37.07 15.19
N THR A 892 -0.40 38.17 15.79
CA THR A 892 -0.88 39.50 15.40
C THR A 892 -0.54 39.80 13.96
N ALA A 893 0.60 39.30 13.48
CA ALA A 893 1.00 39.54 12.10
C ALA A 893 0.37 38.54 11.13
N ALA A 894 -0.35 37.54 11.64
CA ALA A 894 -1.03 36.56 10.80
C ALA A 894 -2.52 36.85 10.67
N LYS A 895 -2.95 38.07 10.99
CA LYS A 895 -4.38 38.39 10.97
C LYS A 895 -4.93 38.34 9.54
N ASP A 896 -4.08 38.60 8.54
CA ASP A 896 -4.54 38.56 7.16
C ASP A 896 -4.76 37.12 6.71
N TRP A 897 -3.85 36.22 7.08
CA TRP A 897 -3.91 34.82 6.67
C TRP A 897 -4.71 34.05 7.71
N GLU A 898 -6.01 33.92 7.50
CA GLU A 898 -6.88 33.21 8.44
C GLU A 898 -7.83 32.31 7.65
N ARG A 899 -8.26 31.24 8.32
CA ARG A 899 -9.29 30.35 7.79
C ARG A 899 -10.32 30.12 8.88
N ASP A 900 -11.54 30.58 8.64
CA ASP A 900 -12.60 30.46 9.64
C ASP A 900 -12.93 28.99 9.89
N PHE A 901 -13.13 28.65 11.17
CA PHE A 901 -13.45 27.29 11.57
C PHE A 901 -14.93 27.12 11.89
N GLU A 902 -15.50 28.08 12.63
CA GLU A 902 -16.80 27.92 13.26
C GLU A 902 -17.90 27.51 12.30
N LYS A 903 -18.06 28.23 11.19
CA LYS A 903 -19.15 27.92 10.27
C LYS A 903 -18.93 26.56 9.59
N PRO A 904 -17.78 26.32 8.96
CA PRO A 904 -17.57 24.98 8.37
C PRO A 904 -17.58 23.87 9.40
N SER A 905 -17.05 24.11 10.60
CA SER A 905 -17.07 23.06 11.63
C SER A 905 -18.50 22.74 12.05
N ALA A 906 -19.35 23.76 12.19
CA ALA A 906 -20.75 23.50 12.51
C ALA A 906 -21.45 22.74 11.39
N GLU A 907 -21.17 23.10 10.14
CA GLU A 907 -21.77 22.39 9.02
C GLU A 907 -21.34 20.92 9.01
N ILE A 908 -20.04 20.66 9.21
CA ILE A 908 -19.55 19.30 9.24
C ILE A 908 -20.12 18.53 10.43
N ALA A 909 -20.29 19.18 11.58
CA ALA A 909 -20.91 18.52 12.72
C ALA A 909 -22.35 18.13 12.41
N LYS A 910 -23.09 19.02 11.74
CA LYS A 910 -24.46 18.69 11.35
C LYS A 910 -24.50 17.49 10.41
N GLN A 911 -23.65 17.50 9.38
CA GLN A 911 -23.63 16.39 8.43
C GLN A 911 -23.23 15.09 9.11
N ASN A 912 -22.24 15.15 10.01
CA ASN A 912 -21.82 13.94 10.72
C ASN A 912 -22.91 13.42 11.63
N ALA A 913 -23.66 14.32 12.28
CA ALA A 913 -24.77 13.88 13.12
C ALA A 913 -25.83 13.18 12.29
N THR A 914 -26.17 13.74 11.12
CA THR A 914 -27.14 13.09 10.26
C THR A 914 -26.64 11.72 9.78
N PHE A 915 -25.38 11.64 9.38
CA PHE A 915 -24.84 10.38 8.89
C PHE A 915 -24.81 9.33 10.00
N ASN A 916 -24.43 9.73 11.21
CA ASN A 916 -24.39 8.79 12.32
C ASN A 916 -25.79 8.31 12.70
N THR A 917 -26.78 9.21 12.65
CA THR A 917 -28.15 8.78 12.90
C THR A 917 -28.62 7.78 11.86
N PHE A 918 -28.31 8.06 10.58
CA PHE A 918 -28.68 7.12 9.52
C PHE A 918 -28.00 5.77 9.72
N ARG A 919 -26.72 5.78 10.09
CA ARG A 919 -26.01 4.51 10.31
C ARG A 919 -26.61 3.75 11.49
N ASP A 920 -26.96 4.46 12.57
CA ASP A 920 -27.58 3.82 13.71
C ASP A 920 -28.91 3.17 13.32
N TYR A 921 -29.71 3.87 12.51
CA TYR A 921 -30.99 3.30 12.12
C TYR A 921 -30.83 2.14 11.15
N ARG A 922 -29.85 2.20 10.25
CA ARG A 922 -29.57 1.06 9.39
C ARG A 922 -29.15 -0.15 10.23
N PHE A 923 -28.29 0.08 11.23
CA PHE A 923 -27.83 -0.99 12.10
C PHE A 923 -28.98 -1.62 12.87
N VAL A 924 -29.87 -0.78 13.41
CA VAL A 924 -30.98 -1.31 14.20
C VAL A 924 -31.99 -1.99 13.29
N LEU A 925 -32.11 -1.54 12.03
CA LEU A 925 -32.97 -2.22 11.08
C LEU A 925 -32.43 -3.62 10.77
N ALA A 926 -31.10 -3.74 10.66
CA ALA A 926 -30.51 -5.06 10.45
C ALA A 926 -30.78 -5.98 11.63
N TYR A 927 -30.71 -5.45 12.85
CA TYR A 927 -30.91 -6.22 14.07
C TYR A 927 -32.33 -6.12 14.61
N LEU A 928 -33.28 -5.74 13.75
CA LEU A 928 -34.62 -5.38 14.23
C LEU A 928 -35.39 -6.59 14.73
N GLN A 929 -35.41 -7.67 13.94
CA GLN A 929 -36.27 -8.80 14.27
C GLN A 929 -35.57 -9.83 15.15
N THR A 930 -34.28 -9.67 15.41
CA THR A 930 -33.55 -10.67 16.19
C THR A 930 -33.78 -10.46 17.68
N SER A 931 -33.43 -9.29 18.20
CA SER A 931 -33.48 -9.01 19.62
C SER A 931 -34.76 -8.26 19.99
N LYS A 932 -35.15 -8.41 21.25
CA LYS A 932 -36.29 -7.70 21.81
C LYS A 932 -35.93 -6.34 22.40
N SER A 933 -34.75 -6.24 23.03
CA SER A 933 -34.33 -4.95 23.57
C SER A 933 -34.12 -3.92 22.47
N TRP A 934 -33.56 -4.35 21.34
CA TRP A 934 -33.35 -3.42 20.22
C TRP A 934 -34.69 -2.92 19.67
N ALA A 935 -35.69 -3.80 19.58
CA ALA A 935 -37.00 -3.37 19.12
C ALA A 935 -37.62 -2.35 20.07
N GLN A 936 -37.51 -2.59 21.38
CA GLN A 936 -38.02 -1.64 22.35
C GLN A 936 -37.30 -0.30 22.25
N ILE A 937 -35.98 -0.33 22.08
CA ILE A 937 -35.22 0.91 21.94
C ILE A 937 -35.65 1.66 20.70
N TYR A 938 -35.82 0.94 19.59
CA TYR A 938 -36.25 1.57 18.34
C TYR A 938 -37.63 2.21 18.49
N HIS A 939 -38.56 1.49 19.10
CA HIS A 939 -39.92 2.01 19.29
C HIS A 939 -39.92 3.25 20.18
N ASP A 940 -39.22 3.16 21.32
CA ASP A 940 -39.18 4.29 22.25
C ASP A 940 -38.50 5.49 21.62
N THR A 941 -37.42 5.24 20.86
CA THR A 941 -36.71 6.35 20.22
C THR A 941 -37.58 7.04 19.19
N ARG A 942 -38.31 6.27 18.38
CA ARG A 942 -39.19 6.90 17.39
C ARG A 942 -40.32 7.67 18.06
N TRP A 943 -40.88 7.13 19.14
CA TRP A 943 -41.98 7.83 19.80
C TRP A 943 -41.47 9.11 20.49
N PHE A 944 -40.24 9.08 20.99
CA PHE A 944 -39.65 10.32 21.52
C PHE A 944 -39.37 11.31 20.40
N TYR A 945 -38.94 10.81 19.23
CA TYR A 945 -38.80 11.63 18.05
C TYR A 945 -40.08 12.40 17.77
N VAL A 946 -41.20 11.68 17.75
CA VAL A 946 -42.49 12.31 17.41
C VAL A 946 -42.93 13.25 18.53
N ARG A 947 -42.77 12.83 19.77
CA ARG A 947 -43.27 13.60 20.91
C ARG A 947 -42.47 14.87 21.14
N HIS A 948 -41.21 14.88 20.74
CA HIS A 948 -40.33 16.03 20.95
C HIS A 948 -39.63 16.38 19.64
N PRO A 949 -40.33 17.05 18.73
CA PRO A 949 -39.66 17.52 17.49
C PRO A 949 -38.55 18.51 17.77
N THR A 950 -38.77 19.44 18.71
CA THR A 950 -37.76 20.38 19.16
C THR A 950 -37.69 20.32 20.67
N VAL A 951 -36.49 20.10 21.21
CA VAL A 951 -36.29 19.88 22.63
C VAL A 951 -35.10 20.71 23.09
N SER A 952 -35.09 21.03 24.38
CA SER A 952 -33.96 21.72 25.00
C SER A 952 -32.87 20.73 25.37
N ASP A 953 -31.68 21.26 25.64
CA ASP A 953 -30.58 20.40 26.06
C ASP A 953 -30.89 19.68 27.36
N LYS A 954 -31.33 20.42 28.38
CA LYS A 954 -31.66 19.81 29.66
C LYS A 954 -32.83 18.83 29.51
N ASP A 955 -33.85 19.23 28.76
CA ASP A 955 -35.01 18.36 28.56
C ASP A 955 -34.65 17.12 27.74
N LEU A 956 -33.60 17.18 26.93
CA LEU A 956 -33.15 16.01 26.18
C LEU A 956 -32.31 15.09 27.06
N LYS A 957 -31.41 15.64 27.87
CA LYS A 957 -30.60 14.82 28.76
C LYS A 957 -31.46 14.13 29.81
N SER A 958 -32.45 14.84 30.33
CA SER A 958 -33.30 14.29 31.38
C SER A 958 -34.25 13.20 30.89
N SER A 959 -34.36 12.99 29.58
CA SER A 959 -35.29 12.00 29.05
C SER A 959 -34.83 10.59 29.43
N GLN A 960 -35.81 9.68 29.55
CA GLN A 960 -35.50 8.34 30.01
C GLN A 960 -34.70 7.55 28.97
N VAL A 961 -35.01 7.73 27.68
CA VAL A 961 -34.28 7.02 26.63
C VAL A 961 -32.81 7.44 26.65
N PHE A 962 -32.56 8.75 26.74
CA PHE A 962 -31.19 9.24 26.80
C PHE A 962 -30.48 8.72 28.03
N GLN A 963 -31.17 8.70 29.17
CA GLN A 963 -30.56 8.23 30.42
C GLN A 963 -30.19 6.74 30.33
N GLN A 964 -31.08 5.94 29.74
CA GLN A 964 -30.90 4.50 29.74
C GLN A 964 -29.98 4.00 28.63
N ARG A 965 -29.85 4.75 27.54
CA ARG A 965 -29.02 4.28 26.42
C ARG A 965 -27.53 4.40 26.69
N ASP A 966 -27.11 5.33 27.54
CA ASP A 966 -25.71 5.51 27.92
C ASP A 966 -24.84 5.90 26.73
N ASP A 967 -25.48 6.23 25.61
CA ASP A 967 -24.78 6.76 24.44
C ASP A 967 -25.81 7.34 23.49
N GLU A 968 -25.35 8.20 22.59
CA GLU A 968 -26.24 8.84 21.63
C GLU A 968 -26.64 7.86 20.53
N PHE A 969 -27.79 7.20 20.70
CA PHE A 969 -28.32 6.30 19.68
C PHE A 969 -29.52 6.98 19.02
N GLY A 970 -29.27 7.66 17.90
CA GLY A 970 -30.32 8.33 17.18
C GLY A 970 -30.80 9.62 17.82
N LEU A 971 -30.52 9.80 19.11
CA LEU A 971 -30.98 10.97 19.85
C LEU A 971 -30.05 12.16 19.68
N GLN A 972 -29.21 12.15 18.66
CA GLN A 972 -28.26 13.24 18.40
C GLN A 972 -28.96 14.29 17.54
N TYR A 973 -29.67 15.19 18.20
CA TYR A 973 -30.34 16.28 17.49
C TYR A 973 -29.30 17.27 16.96
N LEU A 974 -29.75 18.12 16.04
CA LEU A 974 -28.92 19.21 15.55
C LEU A 974 -28.80 20.28 16.63
N LEU A 975 -28.04 21.33 16.33
CA LEU A 975 -27.83 22.45 17.24
C LEU A 975 -28.57 23.66 16.67
N ASN A 976 -29.81 23.85 17.11
CA ASN A 976 -30.61 25.00 16.68
C ASN A 976 -30.06 26.25 17.32
N GLU A 977 -29.28 27.03 16.56
CA GLU A 977 -28.62 28.20 17.12
C GLU A 977 -29.61 29.35 17.33
N HIS A 978 -30.41 29.67 16.32
CA HIS A 978 -31.33 30.78 16.37
C HIS A 978 -32.72 30.37 16.84
N LEU A 979 -32.87 29.15 17.37
CA LEU A 979 -34.16 28.65 17.85
C LEU A 979 -35.20 28.67 16.74
N ASP A 980 -34.77 28.37 15.52
CA ASP A 980 -35.68 28.35 14.38
C ASP A 980 -36.57 27.12 14.42
N VAL A 981 -37.82 27.30 14.02
CA VAL A 981 -38.74 26.18 13.91
C VAL A 981 -38.68 25.51 12.53
N SER A 982 -37.96 26.12 11.58
CA SER A 982 -37.86 25.60 10.23
C SER A 982 -36.44 25.79 9.71
N TYR A 983 -35.93 24.77 9.02
CA TYR A 983 -34.65 24.86 8.34
C TYR A 983 -34.69 23.99 7.10
N GLU A 984 -33.93 24.37 6.08
CA GLU A 984 -33.96 23.72 4.79
C GLU A 984 -32.58 23.17 4.44
N VAL A 985 -32.57 21.96 3.88
CA VAL A 985 -31.34 21.26 3.54
C VAL A 985 -31.50 20.67 2.14
N LYS A 986 -30.36 20.42 1.49
CA LYS A 986 -30.36 19.79 0.17
C LYS A 986 -29.84 18.36 0.30
N PRO A 987 -30.63 17.35 -0.05
CA PRO A 987 -30.15 15.97 0.06
C PRO A 987 -29.15 15.62 -1.04
N ILE A 988 -28.19 14.78 -0.67
CA ILE A 988 -27.21 14.23 -1.60
C ILE A 988 -27.05 12.76 -1.25
N ASN A 989 -27.31 11.86 -2.21
CA ASN A 989 -27.23 10.42 -2.00
C ASN A 989 -28.13 10.02 -0.81
N HIS A 990 -29.43 10.19 -1.03
CA HIS A 990 -30.43 10.00 0.01
C HIS A 990 -30.33 8.64 0.71
N ASP A 991 -29.63 7.68 0.11
CA ASP A 991 -29.43 6.38 0.72
C ASP A 991 -28.14 6.30 1.54
N ASN A 992 -27.45 7.44 1.72
CA ASN A 992 -26.25 7.47 2.54
C ASN A 992 -26.29 8.54 3.62
N GLY A 993 -27.42 9.22 3.80
CA GLY A 993 -27.53 10.19 4.87
C GLY A 993 -26.70 11.45 4.71
N GLN A 994 -26.18 11.71 3.52
CA GLN A 994 -25.39 12.90 3.27
C GLN A 994 -26.31 14.07 2.93
N PHE A 995 -26.11 15.19 3.60
CA PHE A 995 -26.94 16.38 3.40
C PHE A 995 -26.05 17.61 3.48
N ASP A 996 -26.03 18.41 2.42
CA ASP A 996 -25.32 19.70 2.45
C ASP A 996 -26.28 20.73 3.01
N PHE A 997 -25.97 21.23 4.21
CA PHE A 997 -26.90 22.10 4.92
C PHE A 997 -26.93 23.52 4.37
N SER A 998 -25.92 23.91 3.59
CA SER A 998 -25.91 25.23 2.98
C SER A 998 -26.92 25.31 1.87
N GLY A 999 -26.98 24.29 1.02
CA GLY A 999 -27.86 24.30 -0.13
C GLY A 999 -29.30 24.02 0.25
N THR A 1000 -30.24 24.64 -0.45
CA THR A 1000 -31.66 24.39 -0.23
C THR A 1000 -32.16 23.31 -1.19
N GLY A 1001 -33.39 22.84 -0.94
CA GLY A 1001 -34.00 21.87 -1.81
C GLY A 1001 -34.83 20.81 -1.12
N MET A 1002 -34.89 20.84 0.21
CA MET A 1002 -35.73 19.91 0.95
C MET A 1002 -36.02 20.51 2.32
N GLU A 1003 -37.31 20.57 2.65
CA GLU A 1003 -37.78 21.22 3.88
C GLU A 1003 -37.94 20.19 4.99
N VAL A 1004 -37.46 20.53 6.17
CA VAL A 1004 -37.62 19.69 7.37
C VAL A 1004 -38.43 20.53 8.36
N SER A 1005 -39.74 20.31 8.40
CA SER A 1005 -40.62 21.11 9.24
C SER A 1005 -41.93 20.35 9.42
N ALA A 1006 -42.76 20.85 10.33
CA ALA A 1006 -44.09 20.29 10.51
C ALA A 1006 -44.93 20.47 9.25
N GLU A 1007 -44.81 21.63 8.60
CA GLU A 1007 -45.52 21.86 7.35
C GLU A 1007 -45.05 20.89 6.28
N ALA A 1008 -43.73 20.66 6.20
CA ALA A 1008 -43.19 19.70 5.25
C ALA A 1008 -43.64 18.27 5.53
N ALA A 1009 -43.74 17.89 6.80
CA ALA A 1009 -44.22 16.56 7.16
C ALA A 1009 -45.72 16.42 6.98
N GLY A 1010 -46.41 17.50 6.62
CA GLY A 1010 -47.85 17.46 6.46
C GLY A 1010 -48.63 17.56 7.75
N LEU A 1011 -47.99 17.89 8.86
CA LEU A 1011 -48.66 17.90 10.15
C LEU A 1011 -49.79 18.91 10.19
N VAL A 1012 -49.69 20.00 9.41
CA VAL A 1012 -50.78 20.96 9.34
C VAL A 1012 -51.95 20.40 8.55
N ALA A 1013 -51.66 19.73 7.43
CA ALA A 1013 -52.72 19.05 6.68
C ALA A 1013 -53.31 17.92 7.50
N MET A 1014 -52.46 17.22 8.27
CA MET A 1014 -52.93 16.25 9.24
C MET A 1014 -53.86 16.88 10.26
N CYS A 1015 -53.55 18.10 10.70
CA CYS A 1015 -54.39 18.85 11.62
C CYS A 1015 -55.73 19.21 11.01
N ARG A 1016 -55.78 19.50 9.71
CA ARG A 1016 -57.02 19.94 9.10
C ARG A 1016 -58.05 18.82 8.96
N TYR A 1017 -57.74 17.59 9.35
CA TYR A 1017 -58.72 16.52 9.39
C TYR A 1017 -59.44 16.53 10.73
N PRO A 1018 -60.76 16.65 10.76
CA PRO A 1018 -61.48 16.65 12.04
C PRO A 1018 -61.22 15.40 12.86
N GLY A 1019 -60.78 15.58 14.11
CA GLY A 1019 -60.57 14.49 15.04
C GLY A 1019 -59.12 14.10 15.23
N LEU A 1020 -58.23 14.48 14.32
CA LEU A 1020 -56.82 14.12 14.46
C LEU A 1020 -56.14 14.95 15.55
N LYS A 1021 -56.61 16.18 15.77
CA LYS A 1021 -56.07 16.99 16.85
C LYS A 1021 -56.24 16.32 18.20
N GLU A 1022 -57.46 15.87 18.51
CA GLU A 1022 -57.70 15.28 19.82
C GLU A 1022 -56.87 14.03 20.02
N ALA A 1023 -56.73 13.22 18.97
CA ALA A 1023 -55.87 12.04 19.06
C ALA A 1023 -54.41 12.43 19.30
N PHE A 1024 -53.95 13.50 18.63
CA PHE A 1024 -52.56 13.90 18.77
C PHE A 1024 -52.26 14.44 20.17
N GLU A 1025 -53.16 15.29 20.70
CA GLU A 1025 -52.98 15.75 22.08
C GLU A 1025 -53.13 14.61 23.08
N SER A 1026 -53.95 13.61 22.76
CA SER A 1026 -54.08 12.46 23.66
C SER A 1026 -52.76 11.70 23.75
N LEU A 1027 -52.09 11.53 22.61
CA LEU A 1027 -50.83 10.79 22.57
C LEU A 1027 -49.64 11.69 22.91
N ASP A 1028 -49.92 12.89 23.43
CA ASP A 1028 -48.94 13.90 23.79
C ASP A 1028 -48.15 14.43 22.60
N ILE A 1029 -48.54 14.09 21.38
CA ILE A 1029 -47.87 14.56 20.18
C ILE A 1029 -48.24 16.03 19.95
N PRO A 1030 -47.27 16.93 19.88
CA PRO A 1030 -47.59 18.34 19.65
C PRO A 1030 -48.10 18.58 18.23
N THR A 1031 -48.93 19.61 18.11
CA THR A 1031 -49.49 19.97 16.81
C THR A 1031 -48.61 20.96 16.05
N LYS A 1032 -47.68 21.59 16.76
CA LYS A 1032 -46.74 22.54 16.16
C LYS A 1032 -45.41 22.45 16.88
N TRP A 1033 -44.36 22.93 16.22
CA TRP A 1033 -43.00 22.85 16.74
C TRP A 1033 -42.71 24.10 17.57
N GLU A 1034 -42.73 23.96 18.89
CA GLU A 1034 -42.31 25.03 19.76
C GLU A 1034 -40.81 25.30 19.58
N PRO A 1035 -40.43 26.57 19.47
CA PRO A 1035 -39.00 26.89 19.29
C PRO A 1035 -38.17 26.38 20.45
N ASN A 1036 -36.99 25.86 20.14
CA ASN A 1036 -36.10 25.30 21.15
C ASN A 1036 -34.69 25.28 20.58
N GLU A 1037 -33.73 24.94 21.43
CA GLU A 1037 -32.31 25.01 21.08
C GLU A 1037 -31.80 23.77 20.35
N ARG A 1038 -32.61 22.73 20.20
CA ARG A 1038 -32.21 21.55 19.45
C ARG A 1038 -33.35 21.11 18.55
N ILE A 1039 -33.00 20.69 17.33
CA ILE A 1039 -33.97 20.32 16.31
C ILE A 1039 -33.55 18.99 15.69
N LEU A 1040 -34.51 18.34 15.04
CA LEU A 1040 -34.28 17.06 14.39
C LEU A 1040 -33.41 17.22 13.15
N ASN A 1041 -32.73 16.13 12.79
CA ASN A 1041 -31.97 16.07 11.55
C ASN A 1041 -32.73 15.28 10.50
N PRO A 1042 -32.37 15.41 9.21
CA PRO A 1042 -33.16 14.74 8.17
C PRO A 1042 -33.30 13.24 8.37
N ALA A 1043 -32.26 12.56 8.85
CA ALA A 1043 -32.39 11.14 9.14
C ALA A 1043 -33.41 10.90 10.24
N GLN A 1044 -33.41 11.75 11.27
CA GLN A 1044 -34.45 11.68 12.29
C GLN A 1044 -35.80 12.08 11.71
N PHE A 1045 -35.81 13.05 10.80
CA PHE A 1045 -37.06 13.51 10.20
C PHE A 1045 -37.74 12.41 9.41
N TYR A 1046 -36.95 11.49 8.82
CA TYR A 1046 -37.54 10.39 8.08
C TYR A 1046 -38.42 9.53 8.99
N ASN A 1047 -37.89 9.15 10.15
CA ASN A 1047 -38.68 8.32 11.07
C ASN A 1047 -39.79 9.13 11.72
N TYR A 1048 -39.57 10.43 11.92
CA TYR A 1048 -40.66 11.29 12.36
C TYR A 1048 -41.84 11.22 11.39
N ARG A 1049 -41.56 11.39 10.10
CA ARG A 1049 -42.58 11.28 9.08
C ARG A 1049 -43.23 9.90 9.10
N GLY A 1050 -42.40 8.86 9.23
CA GLY A 1050 -42.93 7.50 9.20
C GLY A 1050 -43.92 7.24 10.32
N LEU A 1051 -43.56 7.61 11.56
CA LEU A 1051 -44.46 7.37 12.67
C LEU A 1051 -45.68 8.28 12.61
N LEU A 1052 -45.51 9.53 12.18
CA LEU A 1052 -46.65 10.42 12.03
C LEU A 1052 -47.66 9.85 11.03
N GLY A 1053 -47.17 9.42 9.87
CA GLY A 1053 -48.04 8.79 8.90
C GLY A 1053 -48.67 7.52 9.44
N GLU A 1054 -47.91 6.74 10.20
CA GLU A 1054 -48.42 5.50 10.77
C GLU A 1054 -49.64 5.77 11.65
N VAL A 1055 -49.49 6.68 12.62
CA VAL A 1055 -50.58 6.92 13.56
C VAL A 1055 -51.76 7.62 12.88
N SER A 1056 -51.47 8.60 12.01
CA SER A 1056 -52.54 9.30 11.31
C SER A 1056 -53.32 8.36 10.42
N GLY A 1057 -52.63 7.49 9.68
CA GLY A 1057 -53.33 6.54 8.83
C GLY A 1057 -54.13 5.53 9.63
N GLN A 1058 -53.58 5.05 10.74
CA GLN A 1058 -54.33 4.16 11.60
C GLN A 1058 -55.63 4.81 12.04
N PHE A 1059 -55.55 6.04 12.55
CA PHE A 1059 -56.76 6.74 13.00
C PHE A 1059 -57.75 6.95 11.86
N ILE A 1060 -57.26 7.42 10.71
CA ILE A 1060 -58.14 7.76 9.61
C ILE A 1060 -58.84 6.51 9.08
N PHE A 1061 -58.09 5.41 8.93
CA PHE A 1061 -58.68 4.20 8.37
C PHE A 1061 -59.63 3.54 9.35
N GLN A 1062 -59.30 3.55 10.64
CA GLN A 1062 -60.18 2.96 11.65
C GLN A 1062 -61.38 3.84 12.00
N ASN A 1063 -61.37 5.11 11.58
CA ASN A 1063 -62.52 5.98 11.75
C ASN A 1063 -63.43 6.02 10.54
N GLU A 1064 -62.86 6.22 9.34
CA GLU A 1064 -63.68 6.31 8.13
C GLU A 1064 -64.34 4.97 7.82
N TRP A 1065 -63.58 3.87 7.93
CA TRP A 1065 -64.08 2.54 7.63
C TRP A 1065 -64.80 1.91 8.82
N SER A 1066 -64.65 2.48 10.01
CA SER A 1066 -65.28 2.00 11.24
C SER A 1066 -64.95 0.53 11.50
N LEU A 1067 -63.72 0.11 11.21
CA LEU A 1067 -63.25 -1.22 11.52
C LEU A 1067 -61.93 -1.13 12.29
N LYS A 1068 -61.72 -2.10 13.16
CA LYS A 1068 -60.55 -2.10 14.04
C LYS A 1068 -59.37 -2.81 13.36
N LEU A 1069 -58.27 -2.09 13.24
CA LEU A 1069 -57.02 -2.65 12.70
C LEU A 1069 -56.16 -3.08 13.87
N ALA A 1070 -55.97 -4.38 14.03
CA ALA A 1070 -55.14 -4.91 15.09
C ALA A 1070 -53.68 -4.89 14.67
N ASP A 1071 -52.86 -4.17 15.44
CA ASP A 1071 -51.43 -4.15 15.17
C ASP A 1071 -50.84 -5.53 15.36
N PHE A 1072 -49.82 -5.84 14.55
CA PHE A 1072 -49.24 -7.17 14.51
C PHE A 1072 -48.53 -7.42 15.84
N GLY A 1073 -49.12 -8.32 16.64
CA GLY A 1073 -48.63 -8.56 17.99
C GLY A 1073 -47.64 -9.70 18.09
N LYS A 1074 -47.08 -10.13 16.96
CA LYS A 1074 -46.11 -11.22 16.93
C LYS A 1074 -44.74 -10.64 16.61
N PRO A 1075 -43.76 -10.77 17.53
CA PRO A 1075 -42.51 -9.98 17.46
C PRO A 1075 -41.86 -9.84 16.09
N GLU A 1076 -41.54 -10.96 15.43
CA GLU A 1076 -40.81 -10.89 14.17
C GLU A 1076 -41.59 -10.13 13.11
N ASN A 1077 -42.90 -10.37 13.04
CA ASN A 1077 -43.73 -9.60 12.12
C ASN A 1077 -44.26 -8.32 12.76
N TYR A 1078 -44.01 -8.11 14.06
CA TYR A 1078 -44.47 -6.89 14.71
C TYR A 1078 -43.68 -5.68 14.23
N GLU A 1079 -42.39 -5.87 13.91
CA GLU A 1079 -41.57 -4.82 13.32
C GLU A 1079 -41.39 -4.99 11.82
N LEU A 1080 -42.10 -5.93 11.20
CA LEU A 1080 -42.03 -6.15 9.76
C LEU A 1080 -43.15 -5.44 9.02
N PHE A 1081 -44.38 -5.54 9.51
CA PHE A 1081 -45.53 -4.85 8.91
C PHE A 1081 -46.31 -4.14 10.00
N ASP A 1082 -47.10 -3.16 9.58
CA ASP A 1082 -47.71 -2.23 10.53
C ASP A 1082 -48.97 -2.82 11.18
N PHE A 1083 -49.99 -3.11 10.38
CA PHE A 1083 -51.25 -3.58 10.92
C PHE A 1083 -51.80 -4.72 10.08
N HIS A 1084 -52.68 -5.51 10.69
CA HIS A 1084 -53.43 -6.55 10.01
C HIS A 1084 -54.88 -6.50 10.49
N TRP A 1085 -55.75 -7.19 9.76
CA TRP A 1085 -57.14 -7.30 10.16
C TRP A 1085 -57.69 -8.62 9.65
N GLU A 1086 -58.49 -9.29 10.48
CA GLU A 1086 -59.11 -10.59 10.17
C GLU A 1086 -58.10 -11.64 9.70
N GLY A 1087 -56.81 -11.40 9.94
CA GLY A 1087 -55.78 -12.37 9.61
C GLY A 1087 -55.58 -12.61 8.14
N LYS A 1088 -56.05 -11.71 7.27
CA LYS A 1088 -55.91 -11.91 5.83
C LYS A 1088 -55.47 -10.66 5.08
N VAL A 1089 -55.53 -9.47 5.66
CA VAL A 1089 -55.11 -8.25 5.00
C VAL A 1089 -54.04 -7.56 5.84
N VAL A 1090 -53.21 -6.77 5.15
CA VAL A 1090 -52.12 -6.04 5.78
C VAL A 1090 -52.20 -4.58 5.34
N ILE A 1091 -52.08 -3.67 6.29
CA ILE A 1091 -52.13 -2.24 6.03
C ILE A 1091 -50.78 -1.64 6.41
N ASP A 1092 -50.20 -0.88 5.49
CA ASP A 1092 -48.89 -0.25 5.71
C ASP A 1092 -48.93 1.15 5.09
N PHE A 1093 -49.15 2.16 5.94
CA PHE A 1093 -49.18 3.53 5.46
C PHE A 1093 -47.77 4.04 5.22
N LYS A 1094 -47.64 4.92 4.21
CA LYS A 1094 -46.34 5.43 3.77
C LYS A 1094 -46.45 6.94 3.59
N ASN A 1095 -45.92 7.69 4.55
CA ASN A 1095 -45.90 9.14 4.47
C ASN A 1095 -44.55 9.62 3.95
N TRP A 1096 -44.55 10.18 2.75
CA TRP A 1096 -43.32 10.69 2.14
C TRP A 1096 -43.78 11.75 1.15
N ARG A 1097 -43.34 12.99 1.35
CA ARG A 1097 -43.91 14.13 0.63
C ARG A 1097 -43.12 14.33 -0.66
N ASP A 1098 -41.83 14.62 -0.54
CA ASP A 1098 -41.01 14.87 -1.72
C ASP A 1098 -41.04 13.68 -2.67
N ALA A 1099 -40.77 12.49 -2.13
CA ALA A 1099 -40.96 11.21 -2.80
C ALA A 1099 -40.39 11.17 -4.21
N PRO A 1100 -39.06 11.09 -4.37
CA PRO A 1100 -38.50 10.84 -5.70
C PRO A 1100 -39.09 9.58 -6.32
N ASP A 1101 -39.79 9.75 -7.44
CA ASP A 1101 -40.58 8.67 -8.03
C ASP A 1101 -39.72 7.57 -8.64
N VAL A 1102 -38.40 7.78 -8.68
CA VAL A 1102 -37.47 6.87 -9.34
C VAL A 1102 -37.66 5.43 -8.86
N ASP A 1103 -37.83 4.51 -9.81
CA ASP A 1103 -37.90 3.08 -9.58
C ASP A 1103 -38.94 2.69 -8.53
N THR A 1104 -40.22 2.95 -8.82
CA THR A 1104 -41.27 2.50 -7.91
C THR A 1104 -41.40 0.98 -7.92
N LYS A 1105 -40.99 0.34 -9.03
CA LYS A 1105 -41.03 -1.11 -9.09
C LYS A 1105 -40.09 -1.73 -8.06
N ALA A 1106 -39.05 -1.00 -7.65
CA ALA A 1106 -38.24 -1.44 -6.52
C ALA A 1106 -39.07 -1.49 -5.24
N GLU A 1107 -39.88 -0.46 -5.00
CA GLU A 1107 -40.76 -0.47 -3.83
C GLU A 1107 -41.76 -1.62 -3.91
N ARG A 1108 -42.27 -1.89 -5.11
CA ARG A 1108 -43.14 -3.05 -5.29
C ARG A 1108 -42.41 -4.34 -4.95
N GLN A 1109 -41.16 -4.47 -5.39
CA GLN A 1109 -40.42 -5.70 -5.11
C GLN A 1109 -40.19 -5.84 -3.62
N LYS A 1110 -39.90 -4.73 -2.94
CA LYS A 1110 -39.71 -4.76 -1.49
C LYS A 1110 -40.99 -5.19 -0.77
N VAL A 1111 -42.12 -4.58 -1.14
CA VAL A 1111 -43.36 -4.89 -0.43
C VAL A 1111 -43.80 -6.32 -0.72
N GLU A 1112 -43.57 -6.80 -1.95
CA GLU A 1112 -43.90 -8.19 -2.27
C GLU A 1112 -42.99 -9.16 -1.53
N ALA A 1113 -41.71 -8.83 -1.38
CA ALA A 1113 -40.81 -9.69 -0.61
C ALA A 1113 -41.24 -9.76 0.85
N LYS A 1114 -41.58 -8.61 1.43
CA LYS A 1114 -42.07 -8.60 2.81
C LYS A 1114 -43.36 -9.39 2.94
N LEU A 1115 -44.26 -9.26 1.95
CA LEU A 1115 -45.51 -10.02 1.95
C LEU A 1115 -45.24 -11.53 1.87
N ALA A 1116 -44.31 -11.93 1.02
CA ALA A 1116 -43.97 -13.35 0.90
C ALA A 1116 -43.37 -13.88 2.20
N LYS A 1117 -42.51 -13.09 2.85
CA LYS A 1117 -41.96 -13.51 4.13
C LYS A 1117 -43.06 -13.64 5.18
N LEU A 1118 -44.00 -12.69 5.19
CA LEU A 1118 -45.11 -12.77 6.14
C LEU A 1118 -45.97 -14.00 5.90
N GLN A 1119 -46.27 -14.29 4.64
CA GLN A 1119 -47.08 -15.48 4.31
C GLN A 1119 -46.34 -16.75 4.68
N ALA A 1120 -45.03 -16.79 4.47
CA ALA A 1120 -44.24 -17.94 4.88
C ALA A 1120 -44.25 -18.10 6.39
N ASN A 1121 -44.26 -16.99 7.13
CA ASN A 1121 -44.34 -17.07 8.59
C ASN A 1121 -45.69 -17.61 9.05
N THR A 1122 -46.78 -17.06 8.52
CA THR A 1122 -48.11 -17.38 9.03
C THR A 1122 -48.81 -18.49 8.26
N GLN A 1123 -48.25 -18.96 7.14
CA GLN A 1123 -48.87 -19.98 6.31
C GLN A 1123 -50.28 -19.59 5.89
N ARG A 1124 -50.48 -18.32 5.58
CA ARG A 1124 -51.80 -17.80 5.22
C ARG A 1124 -51.67 -16.82 4.07
N GLU A 1125 -52.81 -16.49 3.46
CA GLU A 1125 -52.88 -15.53 2.38
C GLU A 1125 -53.07 -14.14 2.95
N TRP A 1126 -52.10 -13.26 2.70
CA TRP A 1126 -52.12 -11.90 3.20
C TRP A 1126 -52.13 -10.92 2.03
N ARG A 1127 -52.82 -9.81 2.22
CA ARG A 1127 -52.99 -8.80 1.18
C ARG A 1127 -52.53 -7.44 1.74
N VAL A 1128 -51.60 -6.81 1.04
CA VAL A 1128 -51.02 -5.56 1.51
C VAL A 1128 -51.71 -4.37 0.84
N ILE A 1129 -52.06 -3.37 1.63
CA ILE A 1129 -52.72 -2.16 1.15
C ILE A 1129 -51.83 -0.99 1.56
N ILE A 1130 -50.97 -0.54 0.65
CA ILE A 1130 -50.14 0.62 0.92
C ILE A 1130 -50.97 1.89 0.74
N ILE A 1131 -50.74 2.87 1.60
CA ILE A 1131 -51.51 4.11 1.59
C ILE A 1131 -50.56 5.28 1.82
N ASN A 1132 -50.65 6.29 0.96
CA ASN A 1132 -50.01 7.57 1.25
C ASN A 1132 -51.02 8.51 1.89
N ILE A 1133 -50.64 9.07 3.04
CA ILE A 1133 -51.57 9.90 3.80
C ILE A 1133 -51.87 11.19 3.06
N LEU A 1134 -50.83 11.83 2.52
CA LEU A 1134 -50.97 13.09 1.81
C LEU A 1134 -50.46 12.95 0.39
N ALA A 1135 -51.19 13.57 -0.54
CA ALA A 1135 -50.82 13.52 -1.95
C ALA A 1135 -51.19 14.85 -2.59
N SER A 1136 -50.23 15.45 -3.29
CA SER A 1136 -50.48 16.65 -4.08
C SER A 1136 -50.99 16.34 -5.47
N ASN A 1137 -51.03 15.06 -5.85
CA ASN A 1137 -51.52 14.62 -7.14
C ASN A 1137 -52.96 14.11 -7.02
N GLN A 1138 -53.58 13.91 -8.17
CA GLN A 1138 -54.93 13.38 -8.20
C GLN A 1138 -54.97 11.96 -7.65
N THR A 1139 -56.01 11.65 -6.89
CA THR A 1139 -56.17 10.32 -6.32
C THR A 1139 -56.46 9.30 -7.43
N ARG A 1140 -55.87 8.11 -7.30
CA ARG A 1140 -56.03 7.07 -8.32
C ARG A 1140 -55.61 5.66 -7.88
N PRO A 1141 -56.45 4.96 -7.10
CA PRO A 1141 -56.16 3.60 -6.64
C PRO A 1141 -55.80 2.69 -7.80
N VAL A 1142 -54.86 1.77 -7.56
CA VAL A 1142 -54.44 0.79 -8.54
C VAL A 1142 -54.25 -0.55 -7.83
N MET A 1143 -54.83 -1.61 -8.37
CA MET A 1143 -54.72 -2.94 -7.77
C MET A 1143 -53.70 -3.84 -8.48
N THR A 1144 -53.54 -5.05 -7.96
CA THR A 1144 -52.60 -6.01 -8.53
C THR A 1144 -52.96 -7.43 -8.10
N LYS A 1148 -51.63 -8.97 -4.54
CA LYS A 1148 -52.74 -8.55 -3.69
C LYS A 1148 -52.55 -7.11 -3.22
N ILE A 1149 -51.45 -6.51 -3.63
CA ILE A 1149 -51.11 -5.15 -3.23
C ILE A 1149 -52.11 -4.11 -3.73
N LEU A 1150 -52.69 -3.37 -2.78
CA LEU A 1150 -53.64 -2.32 -3.12
C LEU A 1150 -52.91 -0.98 -3.04
N GLU A 1151 -53.43 0.04 -3.72
CA GLU A 1151 -52.75 1.33 -3.72
C GLU A 1151 -53.68 2.53 -3.63
N ILE A 1152 -53.30 3.52 -2.83
CA ILE A 1152 -54.09 4.73 -2.66
C ILE A 1152 -53.19 5.95 -2.70
N SER A 1153 -53.33 6.75 -3.76
CA SER A 1153 -52.52 7.95 -3.95
C SER A 1153 -52.53 8.83 -2.72
N GLY A 1154 -53.70 9.08 -2.15
CA GLY A 1154 -53.79 9.92 -0.96
C GLY A 1154 -55.11 9.72 -0.26
N LEU A 1155 -55.11 10.04 1.04
CA LEU A 1155 -56.31 10.00 1.86
C LEU A 1155 -56.87 11.39 2.13
N ILE A 1156 -56.05 12.30 2.63
CA ILE A 1156 -56.47 13.65 2.94
C ILE A 1156 -55.61 14.63 2.14
N ASP A 1157 -56.24 15.70 1.68
CA ASP A 1157 -55.56 16.74 0.93
C ASP A 1157 -55.02 17.78 1.89
N HIS A 1158 -54.53 18.91 1.38
CA HIS A 1158 -54.05 19.98 2.24
C HIS A 1158 -55.18 20.64 3.02
N GLN A 1159 -56.43 20.39 2.66
CA GLN A 1159 -57.58 20.88 3.42
C GLN A 1159 -58.07 19.86 4.44
N GLY A 1160 -57.42 18.70 4.55
CA GLY A 1160 -57.81 17.71 5.53
C GLY A 1160 -59.08 16.95 5.22
N LYS A 1161 -59.49 16.90 3.96
CA LYS A 1161 -60.72 16.21 3.57
C LYS A 1161 -60.41 14.98 2.74
N PHE A 1162 -61.32 14.01 2.78
CA PHE A 1162 -61.13 12.78 2.03
C PHE A 1162 -61.15 13.05 0.53
N LEU A 1163 -60.38 12.26 -0.21
CA LEU A 1163 -60.16 12.56 -1.62
C LEU A 1163 -61.27 12.01 -2.51
N LEU A 1164 -61.47 10.68 -2.52
CA LEU A 1164 -62.34 10.01 -3.49
C LEU A 1164 -63.24 8.99 -2.77
N THR A 1165 -63.97 9.47 -1.76
CA THR A 1165 -64.83 8.64 -0.91
C THR A 1165 -65.58 7.52 -1.62
N PRO A 1166 -66.36 7.77 -2.71
CA PRO A 1166 -67.16 6.67 -3.28
C PRO A 1166 -66.33 5.54 -3.85
N GLU A 1167 -65.45 5.86 -4.80
CA GLU A 1167 -64.68 4.84 -5.49
C GLU A 1167 -63.73 4.12 -4.54
N GLN A 1168 -63.05 4.89 -3.67
CA GLN A 1168 -62.11 4.29 -2.74
C GLN A 1168 -62.81 3.33 -1.78
N LYS A 1169 -63.94 3.76 -1.21
CA LYS A 1169 -64.69 2.92 -0.30
C LYS A 1169 -65.17 1.67 -1.01
N LEU A 1170 -65.70 1.83 -2.22
CA LEU A 1170 -66.19 0.69 -2.98
C LEU A 1170 -65.07 -0.33 -3.21
N ASN A 1171 -63.92 0.14 -3.71
CA ASN A 1171 -62.83 -0.77 -4.05
C ASN A 1171 -62.28 -1.47 -2.81
N VAL A 1172 -62.03 -0.71 -1.75
CA VAL A 1172 -61.44 -1.30 -0.54
C VAL A 1172 -62.42 -2.28 0.11
N TRP A 1173 -63.70 -1.91 0.20
CA TRP A 1173 -64.67 -2.82 0.78
C TRP A 1173 -64.82 -4.08 -0.06
N ARG A 1174 -64.83 -3.95 -1.38
CA ARG A 1174 -64.99 -5.11 -2.26
C ARG A 1174 -63.81 -6.06 -2.15
N PHE A 1175 -62.59 -5.52 -2.19
CA PHE A 1175 -61.42 -6.40 -2.17
C PHE A 1175 -61.17 -6.97 -0.78
N LEU A 1176 -61.31 -6.15 0.26
CA LEU A 1176 -61.05 -6.59 1.63
C LEU A 1176 -61.99 -7.69 2.07
N ASN A 1177 -63.28 -7.56 1.76
CA ASN A 1177 -64.25 -8.56 2.15
C ASN A 1177 -64.42 -9.62 1.05
N GLN B 3 -5.57 37.91 -43.44
CA GLN B 3 -4.35 37.77 -42.67
C GLN B 3 -3.32 36.92 -43.42
N GLN B 4 -2.08 36.92 -42.93
CA GLN B 4 -1.02 36.10 -43.51
C GLN B 4 -0.49 35.18 -42.41
N SER B 5 -0.61 33.88 -42.62
CA SER B 5 -0.11 32.92 -41.65
C SER B 5 1.37 32.67 -41.85
N MET B 6 2.09 32.53 -40.73
CA MET B 6 3.52 32.28 -40.74
C MET B 6 3.79 30.94 -40.08
N ILE B 7 4.56 30.09 -40.75
CA ILE B 7 4.92 28.78 -40.24
C ILE B 7 6.43 28.64 -40.26
N ARG B 8 6.95 27.86 -39.32
CA ARG B 8 8.38 27.61 -39.22
C ARG B 8 8.65 26.12 -39.21
N THR B 9 9.59 25.67 -40.04
CA THR B 9 9.92 24.26 -40.16
C THR B 9 11.14 23.97 -39.27
N THR B 10 11.70 22.77 -39.39
CA THR B 10 12.85 22.37 -38.59
C THR B 10 14.15 23.04 -39.01
N ARG B 11 14.14 23.78 -40.13
CA ARG B 11 15.32 24.48 -40.59
C ARG B 11 15.69 25.61 -39.64
N LEU B 12 16.99 25.81 -39.44
CA LEU B 12 17.51 26.79 -38.51
C LEU B 12 18.13 27.98 -39.23
N ASP B 13 18.04 29.15 -38.61
CA ASP B 13 18.74 30.35 -39.07
C ASP B 13 19.72 30.78 -37.98
N TYR B 14 20.97 30.96 -38.36
CA TYR B 14 22.01 31.37 -37.41
C TYR B 14 23.25 31.77 -38.19
N LYS B 15 24.12 32.54 -37.53
CA LYS B 15 25.40 32.93 -38.11
C LYS B 15 26.42 32.97 -36.99
N ILE B 16 27.42 32.11 -37.07
CA ILE B 16 28.41 31.97 -36.01
C ILE B 16 29.42 33.12 -36.09
N ASN B 17 29.67 33.75 -34.95
CA ASN B 17 30.68 34.80 -34.85
C ASN B 17 32.04 34.11 -34.88
N MET B 18 32.56 33.95 -36.10
CA MET B 18 33.72 33.08 -36.31
C MET B 18 34.97 33.63 -35.62
N MET B 19 35.20 34.94 -35.72
CA MET B 19 36.44 35.52 -35.18
C MET B 19 36.49 35.41 -33.67
N GLN B 20 35.38 35.69 -32.97
CA GLN B 20 35.39 35.56 -31.51
C GLN B 20 35.60 34.12 -31.08
N LEU B 21 34.96 33.17 -31.77
CA LEU B 21 35.15 31.76 -31.45
C LEU B 21 36.60 31.35 -31.66
N GLN B 22 37.23 31.82 -32.74
CA GLN B 22 38.64 31.50 -32.96
C GLN B 22 39.53 32.14 -31.91
N ALA B 23 39.19 33.36 -31.48
CA ALA B 23 40.00 34.05 -30.48
C ALA B 23 39.88 33.42 -29.10
N ASP B 24 38.74 32.79 -28.79
CA ASP B 24 38.52 32.21 -27.47
C ASP B 24 38.79 30.70 -27.42
N PHE B 25 39.15 30.07 -28.53
CA PHE B 25 39.30 28.62 -28.53
C PHE B 25 40.33 28.21 -29.56
N LYS B 26 40.86 27.00 -29.39
CA LYS B 26 41.73 26.36 -30.36
C LYS B 26 41.10 25.05 -30.79
N PHE B 27 41.12 24.79 -32.09
CA PHE B 27 40.42 23.66 -32.67
C PHE B 27 41.39 22.60 -33.16
N LEU B 28 41.03 21.34 -32.96
CA LEU B 28 41.83 20.19 -33.36
C LEU B 28 40.98 19.22 -34.16
N VAL B 29 41.57 18.65 -35.21
CA VAL B 29 40.90 17.71 -36.10
C VAL B 29 41.60 16.37 -35.98
N VAL B 30 40.82 15.31 -35.76
CA VAL B 30 41.35 13.98 -35.49
C VAL B 30 40.96 13.08 -36.66
N LYS B 31 41.93 12.76 -37.51
CA LYS B 31 41.77 11.70 -38.50
C LYS B 31 41.94 10.35 -37.81
N ILE B 32 41.11 9.38 -38.19
CA ILE B 32 41.27 8.01 -37.71
C ILE B 32 41.41 7.10 -38.92
N ILE B 33 42.62 6.61 -39.15
CA ILE B 33 42.93 5.82 -40.34
C ILE B 33 42.74 4.34 -40.03
N ASP B 34 43.48 3.83 -39.06
CA ASP B 34 43.35 2.44 -38.69
C ASP B 34 42.13 2.24 -37.79
N ARG B 35 41.34 1.21 -38.08
CA ARG B 35 40.17 0.92 -37.26
C ARG B 35 40.55 0.44 -35.87
N SER B 36 41.77 -0.09 -35.71
CA SER B 36 42.22 -0.52 -34.39
C SER B 36 42.68 0.65 -33.54
N ALA B 37 42.88 1.81 -34.15
CA ALA B 37 43.35 2.99 -33.44
C ALA B 37 42.23 3.74 -32.71
N PHE B 38 40.99 3.28 -32.84
CA PHE B 38 39.90 3.83 -32.06
C PHE B 38 40.18 3.72 -30.56
N LYS B 39 40.88 2.67 -30.14
CA LYS B 39 41.24 2.53 -28.73
C LYS B 39 42.19 3.63 -28.28
N ASP B 40 43.21 3.91 -29.10
CA ASP B 40 44.12 4.99 -28.77
C ASP B 40 43.41 6.34 -28.76
N TYR B 41 42.47 6.52 -29.69
CA TYR B 41 41.69 7.76 -29.70
C TYR B 41 40.84 7.90 -28.44
N ASN B 42 40.23 6.80 -28.00
CA ASN B 42 39.45 6.81 -26.77
C ASN B 42 40.32 7.12 -25.56
N LYS B 43 41.52 6.53 -25.51
CA LYS B 43 42.44 6.84 -24.42
C LYS B 43 42.83 8.31 -24.44
N LEU B 44 43.07 8.86 -25.63
CA LEU B 44 43.42 10.28 -25.73
C LEU B 44 42.29 11.16 -25.25
N LEU B 45 41.05 10.81 -25.62
CA LEU B 45 39.90 11.57 -25.14
C LEU B 45 39.76 11.47 -23.62
N ALA B 46 40.00 10.29 -23.05
CA ALA B 46 39.96 10.14 -21.60
C ALA B 46 41.02 11.02 -20.94
N SER B 47 42.20 11.10 -21.54
CA SER B 47 43.27 11.92 -20.98
C SER B 47 42.94 13.40 -21.08
N TRP B 48 42.48 13.86 -22.24
CA TRP B 48 42.22 15.27 -22.44
C TRP B 48 40.91 15.70 -21.80
N SER B 49 40.64 16.99 -21.86
CA SER B 49 39.40 17.58 -21.35
C SER B 49 38.98 18.71 -22.27
N PRO B 50 38.43 18.38 -23.43
CA PRO B 50 38.00 19.41 -24.39
C PRO B 50 36.71 20.06 -23.93
N GLU B 51 36.37 21.17 -24.58
CA GLU B 51 35.13 21.86 -24.30
C GLU B 51 33.94 21.18 -24.97
N ALA B 52 34.07 20.85 -26.25
CA ALA B 52 33.00 20.16 -26.96
C ALA B 52 33.60 19.34 -28.09
N VAL B 53 32.88 18.29 -28.49
CA VAL B 53 33.33 17.41 -29.56
C VAL B 53 32.20 17.18 -30.54
N THR B 54 32.44 17.41 -31.82
CA THR B 54 31.50 17.05 -32.87
C THR B 54 32.18 16.11 -33.87
N SER B 55 31.38 15.62 -34.82
CA SER B 55 31.84 14.60 -35.76
C SER B 55 31.75 15.16 -37.18
N ILE B 56 32.92 15.49 -37.75
CA ILE B 56 33.02 15.78 -39.17
C ILE B 56 33.12 14.46 -39.91
N ARG B 57 32.16 14.16 -40.77
CA ARG B 57 32.19 12.90 -41.50
C ARG B 57 31.40 13.25 -42.76
N GLY B 58 32.00 13.00 -43.93
CA GLY B 58 31.34 13.25 -45.18
C GLY B 58 31.79 12.16 -46.14
N ARG B 59 31.21 12.19 -47.34
CA ARG B 59 31.51 11.19 -48.35
C ARG B 59 32.90 11.41 -48.92
N TYR B 60 33.52 12.56 -48.60
CA TYR B 60 34.82 12.94 -49.13
C TYR B 60 35.36 13.26 -47.74
N LYS B 61 36.09 12.30 -47.17
CA LYS B 61 36.45 12.25 -45.76
C LYS B 61 37.80 12.98 -45.73
N LYS B 62 37.85 14.07 -44.97
CA LYS B 62 39.10 14.73 -44.61
C LYS B 62 39.25 14.89 -43.11
N GLY B 63 38.30 14.38 -42.34
CA GLY B 63 38.37 14.40 -40.89
C GLY B 63 37.36 13.44 -40.29
N ASP B 64 37.50 13.21 -39.00
CA ASP B 64 36.55 12.34 -38.30
C ASP B 64 36.03 12.84 -36.96
N TYR B 65 36.54 13.97 -36.48
CA TYR B 65 36.10 14.51 -35.20
C TYR B 65 36.69 15.92 -35.14
N LEU B 66 36.01 16.80 -34.41
CA LEU B 66 36.50 18.15 -34.19
C LEU B 66 36.56 18.37 -32.68
N MET B 67 37.67 18.93 -32.21
CA MET B 67 37.86 19.17 -30.79
C MET B 67 37.91 20.66 -30.52
N MET B 68 37.05 21.13 -29.63
CA MET B 68 37.01 22.53 -29.23
C MET B 68 37.75 22.65 -27.90
N PHE B 69 38.94 23.22 -27.95
CA PHE B 69 39.82 23.30 -26.79
C PHE B 69 39.97 24.75 -26.34
N ARG B 70 39.69 25.01 -25.07
CA ARG B 70 40.01 26.31 -24.50
C ARG B 70 41.51 26.53 -24.43
N GLN B 71 42.25 25.49 -24.04
CA GLN B 71 43.71 25.51 -24.01
C GLN B 71 44.18 24.23 -24.70
N LEU B 72 44.87 24.37 -25.82
CA LEU B 72 45.29 23.22 -26.59
C LEU B 72 46.34 22.42 -25.81
N PRO B 73 46.18 21.11 -25.69
CA PRO B 73 47.19 20.30 -25.00
C PRO B 73 48.36 19.97 -25.94
N ALA B 74 49.36 19.33 -25.36
CA ALA B 74 50.53 18.89 -26.12
C ALA B 74 50.09 17.82 -27.12
N ILE B 75 50.14 18.16 -28.41
CA ILE B 75 49.68 17.22 -29.44
C ILE B 75 50.64 16.05 -29.52
N PRO B 76 50.18 14.82 -29.30
CA PRO B 76 51.09 13.67 -29.36
C PRO B 76 51.15 13.07 -30.75
N THR B 77 51.89 11.96 -30.90
CA THR B 77 52.01 11.24 -32.16
C THR B 77 51.63 9.79 -31.89
N ILE B 78 50.49 9.37 -32.41
CA ILE B 78 50.01 8.00 -32.30
C ILE B 78 49.78 7.45 -33.71
N ALA B 79 50.31 6.26 -33.97
CA ALA B 79 50.12 5.63 -35.28
C ALA B 79 48.64 5.40 -35.53
N GLY B 80 48.20 5.76 -36.74
CA GLY B 80 46.82 5.61 -37.13
C GLY B 80 45.93 6.81 -36.89
N LEU B 81 46.42 7.82 -36.17
CA LEU B 81 45.70 9.07 -35.97
C LEU B 81 46.52 10.23 -36.52
N GLU B 82 45.84 11.15 -37.19
CA GLU B 82 46.45 12.39 -37.67
C GLU B 82 45.76 13.54 -36.92
N LEU B 83 46.47 14.15 -35.99
CA LEU B 83 45.95 15.27 -35.20
C LEU B 83 46.74 16.51 -35.58
N HIS B 84 46.05 17.56 -35.98
CA HIS B 84 46.69 18.80 -36.39
C HIS B 84 45.76 19.96 -36.13
N GLU B 85 46.25 20.96 -35.39
CA GLU B 85 45.47 22.14 -35.09
C GLU B 85 45.18 22.91 -36.37
N ILE B 86 43.93 23.35 -36.52
CA ILE B 86 43.51 24.08 -37.70
C ILE B 86 42.99 25.45 -37.32
N LEU B 87 42.75 26.30 -38.31
CA LEU B 87 42.15 27.61 -38.10
C LEU B 87 40.80 27.66 -38.82
N LEU B 88 39.89 28.45 -38.26
CA LEU B 88 38.53 28.49 -38.79
C LEU B 88 38.48 29.09 -40.18
N GLU B 89 39.51 29.86 -40.57
CA GLU B 89 39.58 30.33 -41.96
C GLU B 89 39.98 29.21 -42.91
N ASP B 90 40.72 28.21 -42.44
CA ASP B 90 41.06 27.03 -43.22
C ASP B 90 40.11 25.87 -42.93
N MET B 91 39.00 26.14 -42.26
CA MET B 91 38.05 25.09 -41.90
C MET B 91 37.39 24.48 -43.13
N GLY B 92 37.48 25.15 -44.28
CA GLY B 92 36.95 24.57 -45.51
C GLY B 92 37.79 23.45 -46.08
N GLU B 93 39.06 23.35 -45.68
CA GLU B 93 39.94 22.32 -46.21
C GLU B 93 39.52 20.92 -45.77
N PHE B 94 38.91 20.78 -44.60
CA PHE B 94 38.49 19.48 -44.08
C PHE B 94 36.98 19.28 -44.20
N LYS B 95 36.33 20.05 -45.09
CA LYS B 95 34.88 19.98 -45.27
C LYS B 95 34.15 20.18 -43.94
N ILE B 96 34.56 21.21 -43.22
CA ILE B 96 33.90 21.60 -41.98
C ILE B 96 33.02 22.81 -42.27
N TYR B 97 31.76 22.56 -42.58
CA TYR B 97 30.83 23.63 -42.90
C TYR B 97 30.33 24.29 -41.62
N PRO B 98 29.80 25.52 -41.71
CA PRO B 98 29.31 26.22 -40.50
C PRO B 98 28.07 25.55 -39.91
N ASN B 99 28.22 24.29 -39.59
CA ASN B 99 27.14 23.58 -38.94
C ASN B 99 27.65 22.66 -37.85
N HIS B 100 28.89 22.17 -37.92
CA HIS B 100 29.41 21.43 -36.78
C HIS B 100 29.79 22.35 -35.63
N LEU B 101 30.00 23.64 -35.90
CA LEU B 101 30.26 24.57 -34.82
C LEU B 101 29.01 24.80 -33.97
N LEU B 102 27.86 24.99 -34.64
CA LEU B 102 26.60 25.02 -33.92
C LEU B 102 26.36 23.70 -33.20
N GLN B 103 26.83 22.59 -33.77
CA GLN B 103 26.71 21.31 -33.09
C GLN B 103 27.54 21.28 -31.81
N LEU B 104 28.74 21.87 -31.84
CA LEU B 104 29.55 21.97 -30.62
C LEU B 104 28.84 22.80 -29.57
N LEU B 105 28.32 23.98 -29.97
CA LEU B 105 27.63 24.84 -29.01
C LEU B 105 26.38 24.15 -28.46
N LEU B 106 25.70 23.37 -29.29
CA LEU B 106 24.56 22.58 -28.83
C LEU B 106 25.02 21.51 -27.84
N ASN B 107 26.13 20.84 -28.13
CA ASN B 107 26.68 19.82 -27.24
C ASN B 107 27.09 20.37 -25.89
N GLN B 108 27.42 21.66 -25.81
CA GLN B 108 27.73 22.28 -24.53
C GLN B 108 26.50 22.58 -23.68
N GLN B 109 25.30 22.40 -24.22
CA GLN B 109 24.10 22.88 -23.56
C GLN B 109 23.61 21.87 -22.52
N SER B 110 22.48 22.19 -21.90
CA SER B 110 21.86 21.35 -20.88
C SER B 110 20.36 21.54 -20.92
N ALA B 111 19.64 20.55 -20.37
CA ALA B 111 18.18 20.59 -20.41
C ALA B 111 17.62 21.55 -19.39
N ASN B 112 18.32 21.76 -18.28
CA ASN B 112 17.82 22.57 -17.18
C ASN B 112 17.61 24.02 -17.61
N GLU B 113 16.56 24.63 -17.08
CA GLU B 113 16.34 26.04 -17.30
C GLU B 113 17.41 26.87 -16.61
N LYS B 114 17.82 27.96 -17.25
CA LYS B 114 18.84 28.87 -16.73
C LYS B 114 20.16 28.12 -16.47
N SER B 115 20.71 27.58 -17.54
CA SER B 115 21.98 26.88 -17.51
C SER B 115 23.05 27.67 -18.24
N LEU B 116 24.27 27.14 -18.24
CA LEU B 116 25.40 27.78 -18.88
C LEU B 116 26.12 26.78 -19.80
N LEU B 117 27.27 27.21 -20.33
CA LEU B 117 28.12 26.36 -21.16
C LEU B 117 28.93 25.46 -20.23
N GLU B 118 28.56 24.19 -20.16
CA GLU B 118 29.37 23.23 -19.42
C GLU B 118 30.16 22.37 -20.40
N PRO B 119 31.46 22.19 -20.19
CA PRO B 119 32.24 21.36 -21.11
C PRO B 119 31.75 19.93 -21.12
N CYS B 120 31.83 19.30 -22.30
CA CYS B 120 31.37 17.94 -22.48
C CYS B 120 32.22 17.25 -23.54
N LYS B 121 32.33 15.93 -23.43
CA LYS B 121 33.09 15.13 -24.37
C LYS B 121 32.24 14.25 -25.27
N THR B 122 30.94 14.18 -25.05
CA THR B 122 30.09 13.33 -25.87
C THR B 122 29.85 13.99 -27.22
N PRO B 123 30.07 13.28 -28.33
CA PRO B 123 29.84 13.90 -29.65
C PRO B 123 28.41 14.35 -29.88
N GLU B 124 27.43 13.66 -29.29
CA GLU B 124 26.03 13.93 -29.56
C GLU B 124 25.34 14.44 -28.30
N LEU B 125 24.34 15.29 -28.48
CA LEU B 125 23.57 15.81 -27.36
C LEU B 125 22.32 14.96 -27.15
N LEU B 126 22.29 14.21 -26.06
CA LEU B 126 21.19 13.31 -25.74
C LEU B 126 20.57 13.77 -24.43
N ILE B 127 19.32 14.20 -24.48
CA ILE B 127 18.66 14.85 -23.35
C ILE B 127 17.60 13.91 -22.79
N SER B 128 17.74 13.57 -21.51
CA SER B 128 16.78 12.68 -20.85
C SER B 128 16.68 13.08 -19.39
N GLY B 129 15.46 13.17 -18.87
CA GLY B 129 15.26 13.45 -17.47
C GLY B 129 14.76 12.24 -16.71
N GLU B 130 14.13 12.47 -15.55
CA GLU B 130 13.58 11.39 -14.74
C GLU B 130 12.20 10.94 -15.21
N GLU B 131 11.47 11.81 -15.93
CA GLU B 131 10.17 11.43 -16.45
C GLU B 131 10.26 10.32 -17.48
N TRP B 132 11.28 10.36 -18.35
CA TRP B 132 11.46 9.35 -19.40
C TRP B 132 12.31 8.22 -18.83
N TYR B 133 11.69 7.43 -17.96
CA TYR B 133 12.41 6.38 -17.26
C TYR B 133 11.43 5.31 -16.80
N ARG B 134 11.84 4.05 -16.93
CA ARG B 134 11.01 2.94 -16.51
C ARG B 134 11.91 1.76 -16.14
N GLU B 135 11.35 0.84 -15.36
CA GLU B 135 12.06 -0.35 -14.90
C GLU B 135 11.34 -1.61 -15.36
N PHE B 136 12.11 -2.67 -15.54
CA PHE B 136 11.60 -3.98 -15.91
C PHE B 136 11.55 -4.87 -14.68
N ARG B 137 11.20 -6.14 -14.91
CA ARG B 137 11.15 -7.09 -13.80
C ARG B 137 12.53 -7.47 -13.30
N ASP B 138 13.57 -7.24 -14.11
CA ASP B 138 14.94 -7.41 -13.67
C ASP B 138 15.53 -6.13 -13.10
N MET B 139 14.71 -5.09 -12.91
CA MET B 139 15.17 -3.77 -12.49
C MET B 139 16.25 -3.23 -13.42
N ARG B 140 16.07 -3.45 -14.72
CA ARG B 140 16.95 -2.87 -15.73
C ARG B 140 16.49 -1.46 -16.03
N GLN B 141 17.23 -0.48 -15.54
CA GLN B 141 16.88 0.92 -15.77
C GLN B 141 16.99 1.22 -17.27
N GLN B 142 15.93 1.77 -17.83
CA GLN B 142 15.84 2.00 -19.27
C GLN B 142 15.33 3.42 -19.52
N TYR B 143 16.26 4.36 -19.67
CA TYR B 143 15.89 5.70 -20.07
C TYR B 143 15.67 5.76 -21.58
N TYR B 144 15.09 6.87 -22.03
CA TYR B 144 15.05 7.18 -23.46
C TYR B 144 15.20 8.69 -23.61
N ALA B 145 16.16 9.11 -24.41
CA ALA B 145 16.53 10.51 -24.53
C ALA B 145 15.94 11.11 -25.81
N LEU B 146 16.32 12.36 -26.08
CA LEU B 146 15.91 13.08 -27.28
C LEU B 146 17.19 13.58 -27.95
N LYS B 147 17.61 12.88 -29.00
CA LYS B 147 18.84 13.23 -29.68
C LYS B 147 18.63 14.47 -30.55
N LEU B 148 19.48 15.47 -30.36
CA LEU B 148 19.43 16.70 -31.11
C LEU B 148 20.67 16.82 -31.99
N LYS B 149 20.46 17.10 -33.27
CA LYS B 149 21.56 17.16 -34.22
C LYS B 149 21.16 18.03 -35.40
N VAL B 150 22.09 18.86 -35.86
CA VAL B 150 21.89 19.70 -37.04
C VAL B 150 22.61 19.04 -38.20
N ASN B 151 21.85 18.68 -39.25
CA ASN B 151 22.41 17.93 -40.35
C ASN B 151 23.15 18.85 -41.32
N TRP B 152 23.56 18.27 -42.45
CA TRP B 152 24.38 19.02 -43.40
C TRP B 152 23.60 20.13 -44.08
N GLN B 153 22.27 20.03 -44.14
CA GLN B 153 21.43 21.07 -44.72
C GLN B 153 20.75 21.93 -43.68
N GLN B 154 21.33 22.01 -42.47
CA GLN B 154 20.90 22.92 -41.42
C GLN B 154 19.45 22.66 -40.99
N ASP B 155 19.13 21.37 -40.85
CA ASP B 155 17.83 20.95 -40.31
C ASP B 155 18.06 20.25 -38.98
N LEU B 156 17.27 20.61 -37.98
CA LEU B 156 17.37 20.00 -36.66
C LEU B 156 16.59 18.69 -36.62
N GLU B 157 17.24 17.64 -36.16
CA GLU B 157 16.61 16.33 -36.00
C GLU B 157 16.45 16.02 -34.52
N MET B 158 15.25 15.54 -34.16
CA MET B 158 14.88 15.30 -32.77
C MET B 158 14.38 13.86 -32.95
N SER B 159 15.31 12.92 -32.89
CA SER B 159 14.96 11.51 -32.99
C SER B 159 15.07 11.06 -31.53
N VAL B 160 14.31 10.02 -31.21
CA VAL B 160 14.30 9.46 -29.86
C VAL B 160 15.31 8.33 -29.78
N GLN B 161 16.19 8.40 -28.78
CA GLN B 161 17.21 7.39 -28.53
C GLN B 161 16.90 6.70 -27.22
N THR B 162 16.91 5.37 -27.22
CA THR B 162 16.56 4.57 -26.05
C THR B 162 17.83 3.89 -25.54
N PHE B 163 18.02 3.93 -24.22
CA PHE B 163 19.19 3.36 -23.59
C PHE B 163 18.79 2.33 -22.54
N THR B 164 19.51 1.22 -22.51
CA THR B 164 19.22 0.11 -21.59
C THR B 164 20.40 0.00 -20.63
N GLN B 165 20.20 -0.73 -19.52
CA GLN B 165 21.17 -0.82 -18.45
C GLN B 165 22.02 -2.07 -18.62
N VAL B 166 23.33 -1.92 -18.42
CA VAL B 166 24.26 -3.04 -18.38
C VAL B 166 25.10 -2.91 -17.12
N THR B 167 25.32 -4.03 -16.43
CA THR B 167 26.00 -4.00 -15.15
C THR B 167 27.49 -3.73 -15.31
N GLU B 168 28.18 -4.52 -16.12
CA GLU B 168 29.62 -4.43 -16.25
C GLU B 168 30.02 -3.68 -17.52
N PHE B 169 31.21 -3.11 -17.47
CA PHE B 169 31.74 -2.37 -18.62
C PHE B 169 31.96 -3.32 -19.80
N GLN B 170 31.71 -2.81 -21.00
CA GLN B 170 31.93 -3.53 -22.25
C GLN B 170 32.99 -2.77 -23.04
N TRP B 171 34.18 -3.36 -23.16
CA TRP B 171 35.28 -2.68 -23.82
C TRP B 171 35.12 -2.63 -25.34
N ASP B 172 34.21 -3.43 -25.89
CA ASP B 172 33.98 -3.45 -27.34
C ASP B 172 32.78 -2.62 -27.77
N LYS B 173 31.83 -2.37 -26.88
CA LYS B 173 30.63 -1.61 -27.19
C LYS B 173 30.71 -0.23 -26.56
N GLN B 174 29.87 0.67 -27.07
CA GLN B 174 29.78 2.00 -26.50
C GLN B 174 29.00 1.97 -25.18
N ILE B 175 29.56 2.66 -24.19
CA ILE B 175 29.00 2.69 -22.85
C ILE B 175 28.58 4.12 -22.53
N TYR B 176 27.34 4.28 -22.08
CA TYR B 176 26.77 5.58 -21.79
C TYR B 176 26.44 5.68 -20.31
N GLN B 177 26.67 6.85 -19.72
CA GLN B 177 26.37 7.09 -18.33
C GLN B 177 25.51 8.33 -18.20
N PHE B 178 24.47 8.25 -17.38
CA PHE B 178 23.50 9.32 -17.22
C PHE B 178 24.05 10.36 -16.26
N ASP B 179 24.26 11.58 -16.76
CA ASP B 179 24.68 12.70 -15.91
C ASP B 179 23.41 13.32 -15.33
N GLU B 180 23.08 12.93 -14.10
CA GLU B 180 21.82 13.34 -13.49
C GLU B 180 21.76 14.84 -13.26
N LYS B 181 22.88 15.46 -12.90
CA LYS B 181 22.88 16.90 -12.62
C LYS B 181 22.51 17.71 -13.86
N ARG B 182 23.14 17.41 -14.99
CA ARG B 182 22.87 18.13 -16.23
C ARG B 182 21.67 17.57 -16.98
N GLY B 183 21.14 16.44 -16.53
CA GLY B 183 19.95 15.87 -17.18
C GLY B 183 20.17 15.47 -18.62
N ARG B 184 21.31 14.83 -18.90
CA ARG B 184 21.62 14.43 -20.27
C ARG B 184 22.62 13.30 -20.23
N PHE B 185 22.56 12.41 -21.22
CA PHE B 185 23.46 11.26 -21.26
C PHE B 185 24.85 11.68 -21.73
N GLN B 186 25.86 10.94 -21.29
CA GLN B 186 27.25 11.22 -21.62
C GLN B 186 27.97 9.93 -21.97
N LEU B 187 28.92 10.04 -22.88
CA LEU B 187 29.78 8.92 -23.24
C LEU B 187 30.73 8.57 -22.10
N CYS B 188 31.00 7.28 -21.94
CA CYS B 188 31.91 6.79 -20.93
C CYS B 188 33.09 6.11 -21.60
N TYR B 189 34.28 6.69 -21.45
CA TYR B 189 35.48 6.16 -22.08
C TYR B 189 36.30 5.27 -21.16
N GLN B 190 36.18 5.42 -19.85
CA GLN B 190 36.87 4.61 -18.87
C GLN B 190 35.85 4.13 -17.83
N PRO B 191 36.11 3.00 -17.17
CA PRO B 191 35.22 2.56 -16.10
C PRO B 191 35.07 3.63 -15.04
N SER B 192 33.82 3.90 -14.66
CA SER B 192 33.46 4.98 -13.77
C SER B 192 32.41 4.51 -12.78
N PRO B 193 32.40 5.06 -11.56
CA PRO B 193 31.33 4.69 -10.62
C PRO B 193 29.99 5.20 -11.11
N GLY B 194 28.95 4.42 -10.81
CA GLY B 194 27.62 4.69 -11.31
C GLY B 194 27.03 3.49 -12.02
N ILE B 195 26.01 3.70 -12.83
CA ILE B 195 25.38 2.63 -13.61
C ILE B 195 25.57 2.94 -15.09
N TYR B 196 26.05 1.95 -15.83
CA TYR B 196 26.34 2.11 -17.25
C TYR B 196 25.11 1.82 -18.10
N PHE B 197 25.09 2.39 -19.30
CA PHE B 197 23.99 2.22 -20.23
C PHE B 197 24.54 1.94 -21.62
N VAL B 198 23.71 1.30 -22.45
CA VAL B 198 24.05 1.00 -23.83
C VAL B 198 22.81 1.23 -24.69
N GLN B 199 23.04 1.64 -25.93
CA GLN B 199 21.94 1.88 -26.85
C GLN B 199 21.16 0.60 -27.12
N GLY B 200 19.85 0.73 -27.26
CA GLY B 200 18.99 -0.39 -27.60
C GLY B 200 17.74 -0.45 -26.75
N ASN B 201 16.70 -1.06 -27.32
CA ASN B 201 15.44 -1.27 -26.61
C ASN B 201 14.85 -2.59 -27.07
N HIS B 202 15.13 -3.66 -26.32
CA HIS B 202 14.69 -4.98 -26.68
C HIS B 202 13.38 -5.41 -26.01
N SER B 203 12.81 -4.58 -25.16
CA SER B 203 11.52 -4.90 -24.57
C SER B 203 10.40 -4.73 -25.59
N ALA B 204 9.26 -5.34 -25.30
CA ALA B 204 8.14 -5.35 -26.24
C ALA B 204 7.63 -3.94 -26.55
N ASN B 205 7.34 -3.16 -25.51
CA ASN B 205 6.74 -1.85 -25.72
C ASN B 205 7.78 -0.84 -26.17
N ARG B 206 7.39 0.02 -27.09
CA ARG B 206 8.25 1.07 -27.61
C ARG B 206 8.25 2.27 -26.67
N ASN B 207 9.01 3.30 -27.04
CA ASN B 207 9.10 4.54 -26.29
C ASN B 207 8.85 5.71 -27.23
N TYR B 208 7.79 6.48 -26.96
CA TYR B 208 7.44 7.65 -27.75
C TYR B 208 7.51 8.88 -26.86
N ILE B 209 8.15 9.93 -27.35
CA ILE B 209 8.15 11.23 -26.69
C ILE B 209 7.12 12.12 -27.38
N ASP B 210 6.24 12.71 -26.58
CA ASP B 210 5.19 13.57 -27.11
C ASP B 210 5.79 14.76 -27.84
N PHE B 211 5.17 15.14 -28.95
CA PHE B 211 5.67 16.27 -29.74
C PHE B 211 5.56 17.57 -28.96
N LEU B 212 4.34 17.96 -28.61
CA LEU B 212 4.12 19.11 -27.75
C LEU B 212 2.84 18.90 -26.95
N SER B 213 2.82 19.44 -25.74
CA SER B 213 1.67 19.36 -24.86
C SER B 213 1.37 20.74 -24.31
N LEU B 214 0.09 21.10 -24.26
CA LEU B 214 -0.33 22.41 -23.77
C LEU B 214 -1.11 22.31 -22.46
N GLN B 215 -0.95 21.21 -21.72
CA GLN B 215 -1.62 21.07 -20.43
C GLN B 215 -1.17 22.16 -19.47
N ASN B 216 0.14 22.34 -19.33
CA ASN B 216 0.73 23.40 -18.52
C ASN B 216 2.20 23.49 -18.89
N LYS B 217 2.88 24.47 -18.30
CA LYS B 217 4.28 24.72 -18.65
C LYS B 217 5.17 23.53 -18.29
N SER B 218 4.91 22.90 -17.15
CA SER B 218 5.71 21.74 -16.75
C SER B 218 5.57 20.60 -17.75
N SER B 219 4.34 20.34 -18.20
CA SER B 219 4.14 19.30 -19.21
C SER B 219 4.69 19.74 -20.57
N PHE B 220 4.65 21.03 -20.87
CA PHE B 220 5.21 21.52 -22.12
C PHE B 220 6.71 21.30 -22.18
N TYR B 221 7.40 21.50 -21.05
CA TYR B 221 8.84 21.34 -21.01
C TYR B 221 9.30 19.90 -21.17
N LYS B 222 8.40 18.92 -21.11
CA LYS B 222 8.75 17.51 -21.26
C LYS B 222 8.23 16.96 -22.57
N SER B 223 8.33 17.76 -23.63
CA SER B 223 7.95 17.34 -24.97
C SER B 223 9.04 17.77 -25.94
N LYS B 224 8.94 17.29 -27.19
CA LYS B 224 9.95 17.61 -28.19
C LYS B 224 10.07 19.11 -28.40
N VAL B 225 8.94 19.78 -28.63
CA VAL B 225 8.97 21.23 -28.85
C VAL B 225 9.44 21.95 -27.60
N GLY B 226 8.98 21.52 -26.43
CA GLY B 226 9.40 22.18 -25.20
C GLY B 226 10.87 22.01 -24.90
N VAL B 227 11.39 20.79 -25.07
CA VAL B 227 12.82 20.56 -24.84
C VAL B 227 13.65 21.32 -25.85
N VAL B 228 13.21 21.35 -27.11
CA VAL B 228 13.94 22.10 -28.13
C VAL B 228 13.95 23.58 -27.79
N GLN B 229 12.81 24.11 -27.33
CA GLN B 229 12.76 25.52 -26.95
C GLN B 229 13.67 25.80 -25.77
N LEU B 230 13.67 24.92 -24.76
CA LEU B 230 14.56 25.12 -23.61
C LEU B 230 16.01 25.17 -24.05
N VAL B 231 16.42 24.22 -24.89
CA VAL B 231 17.80 24.15 -25.33
C VAL B 231 18.15 25.37 -26.17
N LEU B 232 17.24 25.78 -27.06
CA LEU B 232 17.51 26.91 -27.93
C LEU B 232 17.63 28.21 -27.15
N ASP B 233 16.73 28.42 -26.18
CA ASP B 233 16.81 29.61 -25.35
C ASP B 233 18.09 29.62 -24.52
N ASN B 234 18.44 28.46 -23.94
CA ASN B 234 19.71 28.38 -23.21
C ASN B 234 20.87 28.78 -24.12
N LEU B 235 20.95 28.17 -25.30
CA LEU B 235 22.07 28.43 -26.22
C LEU B 235 22.11 29.88 -26.64
N ASN B 236 20.95 30.46 -26.92
CA ASN B 236 20.89 31.87 -27.28
C ASN B 236 21.30 32.77 -26.13
N LEU B 237 21.22 32.30 -24.90
CA LEU B 237 21.63 33.11 -23.76
C LEU B 237 23.10 32.97 -23.38
N ASN B 238 23.58 31.75 -23.13
CA ASN B 238 24.94 31.61 -22.57
C ASN B 238 26.01 31.87 -23.62
N ALA B 239 25.73 31.57 -24.89
CA ALA B 239 26.69 31.73 -25.97
C ALA B 239 26.38 32.97 -26.79
N GLU B 240 25.95 34.04 -26.12
CA GLU B 240 25.53 35.28 -26.76
C GLU B 240 26.61 35.80 -27.70
N LYS B 241 27.87 35.78 -27.25
CA LYS B 241 28.97 36.30 -28.05
C LYS B 241 29.20 35.48 -29.31
N TYR B 242 29.08 34.16 -29.19
CA TYR B 242 29.53 33.24 -30.24
C TYR B 242 28.67 33.28 -31.50
N LEU B 243 27.43 33.75 -31.40
CA LEU B 243 26.57 33.85 -32.57
C LEU B 243 26.26 35.31 -32.88
N LEU B 244 26.48 35.70 -34.14
CA LEU B 244 26.12 37.04 -34.57
C LEU B 244 24.61 37.25 -34.53
N ARG B 245 23.85 36.22 -34.90
CA ARG B 245 22.40 36.25 -34.82
C ARG B 245 21.92 35.02 -34.08
N PRO B 246 20.79 35.12 -33.37
CA PRO B 246 20.32 33.99 -32.56
C PRO B 246 19.85 32.83 -33.43
N VAL B 247 19.78 31.67 -32.80
CA VAL B 247 19.28 30.46 -33.44
C VAL B 247 17.76 30.49 -33.36
N THR B 248 17.11 30.64 -34.50
CA THR B 248 15.65 30.59 -34.60
C THR B 248 15.27 29.72 -35.78
N PHE B 249 14.13 29.05 -35.66
CA PHE B 249 13.62 28.23 -36.76
C PHE B 249 13.21 29.11 -37.93
N HIS B 250 13.44 28.62 -39.15
CA HIS B 250 13.22 29.44 -40.32
C HIS B 250 11.73 29.72 -40.52
N LYS B 251 11.42 31.00 -40.68
CA LYS B 251 10.04 31.45 -40.88
C LYS B 251 9.70 31.43 -42.36
N SER B 252 8.48 30.99 -42.66
CA SER B 252 8.03 30.88 -44.05
C SER B 252 6.55 31.24 -44.11
N LEU B 253 6.12 31.67 -45.29
CA LEU B 253 4.77 32.19 -45.50
C LEU B 253 3.90 31.13 -46.17
N VAL B 254 2.70 30.92 -45.61
CA VAL B 254 1.75 30.00 -46.21
C VAL B 254 1.09 30.66 -47.41
N GLU B 255 0.99 29.92 -48.52
CA GLU B 255 0.49 30.47 -49.76
C GLU B 255 -0.99 30.15 -50.00
N HIS B 256 -1.32 28.85 -50.06
CA HIS B 256 -2.66 28.40 -50.41
C HIS B 256 -3.24 27.63 -49.23
N SER B 257 -3.88 28.34 -48.32
CA SER B 257 -4.47 27.73 -47.15
C SER B 257 -5.86 27.19 -47.47
N SER B 258 -6.10 25.94 -47.07
CA SER B 258 -7.39 25.29 -47.27
C SER B 258 -7.93 24.81 -45.94
N ARG B 259 -9.15 25.23 -45.62
CA ARG B 259 -9.81 24.87 -44.36
C ARG B 259 -11.14 24.18 -44.62
N LEU B 260 -11.20 23.35 -45.64
CA LEU B 260 -12.43 22.64 -45.97
C LEU B 260 -12.81 21.69 -44.84
N LYS B 261 -14.01 21.87 -44.30
CA LYS B 261 -14.49 21.00 -43.25
C LYS B 261 -14.81 19.61 -43.82
N LEU B 262 -14.43 18.59 -43.06
CA LEU B 262 -14.74 17.22 -43.43
C LEU B 262 -16.22 16.93 -43.13
N SER B 263 -16.71 15.80 -43.60
CA SER B 263 -18.05 15.35 -43.29
C SER B 263 -18.00 14.41 -42.09
N LYS B 264 -19.17 14.20 -41.48
CA LYS B 264 -19.28 13.23 -40.41
C LYS B 264 -18.83 11.87 -40.92
N ARG B 265 -18.03 11.16 -40.11
CA ARG B 265 -17.49 9.89 -40.56
C ARG B 265 -18.58 8.88 -40.85
N GLU B 266 -19.75 9.00 -40.21
CA GLU B 266 -20.83 8.03 -40.30
C GLU B 266 -21.76 8.31 -41.47
N THR B 267 -21.33 9.09 -42.46
CA THR B 267 -22.16 9.38 -43.63
C THR B 267 -21.80 8.45 -44.79
N ILE B 268 -20.97 7.44 -44.52
CA ILE B 268 -20.58 6.47 -45.54
C ILE B 268 -21.66 5.43 -45.79
N TRP B 269 -22.64 5.29 -44.90
CA TRP B 269 -23.70 4.31 -45.10
C TRP B 269 -24.63 4.68 -46.25
N GLN B 270 -24.54 5.92 -46.75
CA GLN B 270 -25.37 6.33 -47.89
C GLN B 270 -25.08 5.48 -49.13
N GLN B 271 -23.80 5.16 -49.35
CA GLN B 271 -23.45 4.28 -50.46
C GLN B 271 -24.00 2.88 -50.25
N LEU B 272 -24.18 2.49 -48.99
CA LEU B 272 -24.72 1.18 -48.66
C LEU B 272 -26.24 1.13 -48.66
N ALA B 273 -26.91 2.25 -48.94
CA ALA B 273 -28.37 2.29 -48.90
C ALA B 273 -28.96 1.31 -49.92
N GLY B 274 -29.95 0.54 -49.48
CA GLY B 274 -30.56 -0.43 -50.35
C GLY B 274 -29.62 -1.54 -50.80
N SER B 275 -28.78 -2.02 -49.91
CA SER B 275 -27.82 -3.07 -50.23
C SER B 275 -27.82 -4.09 -49.10
N SER B 276 -26.97 -5.11 -49.22
CA SER B 276 -26.92 -6.18 -48.24
C SER B 276 -25.48 -6.35 -47.76
N LEU B 277 -25.36 -6.63 -46.46
CA LEU B 277 -24.07 -6.96 -45.85
C LEU B 277 -24.16 -8.40 -45.35
N ASN B 278 -23.29 -9.26 -45.86
CA ASN B 278 -23.31 -10.68 -45.51
C ASN B 278 -22.20 -10.94 -44.50
N ILE B 279 -22.53 -10.81 -43.22
CA ILE B 279 -21.59 -11.09 -42.14
C ILE B 279 -21.45 -12.59 -42.01
N TYR B 280 -20.21 -13.09 -42.09
CA TYR B 280 -19.94 -14.50 -41.90
C TYR B 280 -18.50 -14.65 -41.43
N ALA B 281 -18.17 -15.82 -40.90
CA ALA B 281 -16.90 -16.02 -40.25
C ALA B 281 -16.28 -17.32 -40.78
N GLN B 282 -15.03 -17.56 -40.37
CA GLN B 282 -14.32 -18.79 -40.74
C GLN B 282 -15.02 -19.98 -40.10
N VAL B 283 -15.17 -21.06 -40.86
CA VAL B 283 -15.93 -22.21 -40.40
C VAL B 283 -15.20 -22.88 -39.25
N ASN B 284 -15.94 -23.73 -38.51
CA ASN B 284 -15.46 -24.52 -37.37
C ASN B 284 -14.47 -23.75 -36.51
N ASP B 285 -14.88 -22.53 -36.16
CA ASP B 285 -14.12 -21.71 -35.22
C ASP B 285 -15.06 -20.84 -34.41
N ARG B 286 -15.45 -21.31 -33.22
CA ARG B 286 -16.47 -20.67 -32.40
C ARG B 286 -16.13 -19.21 -32.08
N LEU B 287 -14.84 -18.94 -31.85
CA LEU B 287 -14.41 -17.61 -31.44
C LEU B 287 -14.77 -16.56 -32.48
N SER B 288 -14.57 -16.90 -33.76
CA SER B 288 -14.95 -15.98 -34.83
C SER B 288 -16.45 -15.93 -35.02
N GLN B 289 -17.13 -17.07 -34.83
CA GLN B 289 -18.58 -17.11 -35.02
C GLN B 289 -19.30 -16.18 -34.06
N GLU B 290 -18.91 -16.20 -32.78
CA GLU B 290 -19.62 -15.34 -31.83
C GLU B 290 -19.35 -13.86 -32.11
N LEU B 291 -18.12 -13.52 -32.50
CA LEU B 291 -17.83 -12.13 -32.86
C LEU B 291 -18.66 -11.69 -34.07
N ALA B 292 -18.76 -12.55 -35.08
CA ALA B 292 -19.57 -12.24 -36.25
C ALA B 292 -21.03 -12.04 -35.88
N ASP B 293 -21.55 -12.93 -35.03
CA ASP B 293 -22.94 -12.83 -34.60
C ASP B 293 -23.18 -11.52 -33.83
N GLN B 294 -22.27 -11.18 -32.92
CA GLN B 294 -22.43 -9.97 -32.12
C GLN B 294 -22.37 -8.73 -33.00
N LEU B 295 -21.43 -8.69 -33.93
CA LEU B 295 -21.31 -7.54 -34.82
C LEU B 295 -22.53 -7.41 -35.71
N ALA B 296 -23.04 -8.54 -36.22
CA ALA B 296 -24.23 -8.50 -37.06
C ALA B 296 -25.43 -8.01 -36.26
N ASP B 297 -25.57 -8.47 -35.02
CA ASP B 297 -26.69 -8.03 -34.18
C ASP B 297 -26.61 -6.54 -33.91
N HIS B 298 -25.41 -6.04 -33.59
CA HIS B 298 -25.24 -4.61 -33.36
C HIS B 298 -25.61 -3.81 -34.61
N LEU B 299 -25.13 -4.27 -35.76
CA LEU B 299 -25.42 -3.56 -37.01
C LEU B 299 -26.91 -3.57 -37.31
N ILE B 300 -27.57 -4.70 -37.05
CA ILE B 300 -29.01 -4.79 -37.27
C ILE B 300 -29.76 -3.81 -36.37
N ARG B 301 -29.37 -3.75 -35.10
CA ARG B 301 -30.11 -2.92 -34.15
C ARG B 301 -29.76 -1.44 -34.31
N SER B 302 -28.69 -1.14 -35.03
CA SER B 302 -28.25 0.25 -35.16
C SER B 302 -29.28 1.10 -35.90
N GLN B 303 -29.51 2.30 -35.36
CA GLN B 303 -30.46 3.23 -35.96
C GLN B 303 -29.97 3.72 -37.33
N LEU B 304 -28.68 4.01 -37.45
CA LEU B 304 -28.15 4.48 -38.73
C LEU B 304 -28.32 3.43 -39.82
N VAL B 305 -28.06 2.16 -39.47
CA VAL B 305 -28.26 1.08 -40.43
C VAL B 305 -29.73 0.94 -40.79
N ARG B 306 -30.60 0.97 -39.78
CA ARG B 306 -32.02 0.81 -40.06
C ARG B 306 -32.63 2.05 -40.71
N LYS B 307 -32.03 3.22 -40.53
CA LYS B 307 -32.51 4.44 -41.18
C LYS B 307 -32.14 4.51 -42.65
N ASN B 308 -30.93 4.06 -43.01
CA ASN B 308 -30.47 4.10 -44.39
C ASN B 308 -30.97 2.92 -45.21
N SER B 309 -31.76 2.03 -44.62
CA SER B 309 -32.31 0.85 -45.29
C SER B 309 -31.19 -0.05 -45.82
N VAL B 310 -30.37 -0.49 -44.89
CA VAL B 310 -29.25 -1.39 -45.17
C VAL B 310 -29.54 -2.73 -44.49
N HIS B 311 -29.57 -3.79 -45.28
CA HIS B 311 -29.89 -5.13 -44.77
C HIS B 311 -28.60 -5.83 -44.35
N VAL B 312 -28.48 -6.09 -43.06
CA VAL B 312 -27.34 -6.82 -42.52
C VAL B 312 -27.81 -8.22 -42.14
N VAL B 313 -27.21 -9.23 -42.75
CA VAL B 313 -27.57 -10.62 -42.50
C VAL B 313 -26.31 -11.37 -42.07
N ARG B 314 -26.49 -12.36 -41.20
CA ARG B 314 -25.40 -13.23 -40.77
C ARG B 314 -25.61 -14.58 -41.43
N SER B 315 -24.87 -14.84 -42.50
CA SER B 315 -24.95 -16.11 -43.21
C SER B 315 -23.78 -17.00 -42.79
N GLN B 316 -23.68 -18.17 -43.43
CA GLN B 316 -22.59 -19.09 -43.16
C GLN B 316 -21.56 -19.14 -44.30
N LYS B 317 -21.77 -18.37 -45.37
CA LYS B 317 -20.87 -18.39 -46.51
C LYS B 317 -21.01 -17.07 -47.25
N ILE B 318 -20.05 -16.81 -48.14
CA ILE B 318 -19.97 -15.55 -48.86
C ILE B 318 -21.05 -15.47 -49.93
N GLN B 319 -21.83 -14.40 -49.91
CA GLN B 319 -22.84 -14.16 -50.93
C GLN B 319 -22.41 -13.05 -51.86
N SER B 320 -23.25 -12.78 -52.86
CA SER B 320 -22.98 -11.71 -53.81
C SER B 320 -23.12 -10.35 -53.14
N GLY B 321 -22.31 -9.40 -53.60
CA GLY B 321 -22.33 -8.06 -53.05
C GLY B 321 -21.31 -7.83 -51.96
N PHE B 322 -21.63 -6.97 -51.01
CA PHE B 322 -20.72 -6.70 -49.91
C PHE B 322 -20.63 -7.91 -48.97
N ASN B 323 -19.46 -8.10 -48.37
CA ASN B 323 -19.23 -9.28 -47.54
C ASN B 323 -18.14 -8.93 -46.52
N ILE B 324 -18.53 -8.85 -45.25
CA ILE B 324 -17.56 -8.69 -44.18
C ILE B 324 -17.26 -10.05 -43.57
N GLN B 325 -15.97 -10.40 -43.51
CA GLN B 325 -15.54 -11.70 -43.02
C GLN B 325 -14.83 -11.54 -41.70
N VAL B 326 -15.02 -12.51 -40.81
CA VAL B 326 -14.37 -12.56 -39.51
C VAL B 326 -13.53 -13.83 -39.45
N ILE B 327 -12.22 -13.67 -39.23
CA ILE B 327 -11.30 -14.79 -39.28
C ILE B 327 -10.32 -14.69 -38.12
N ARG B 328 -9.70 -15.81 -37.78
CA ARG B 328 -8.57 -15.80 -36.86
C ARG B 328 -7.30 -15.46 -37.63
N ASP B 329 -6.51 -14.54 -37.08
CA ASP B 329 -5.29 -14.10 -37.75
C ASP B 329 -4.25 -15.22 -37.67
N VAL B 330 -3.99 -15.86 -38.80
CA VAL B 330 -3.04 -16.97 -38.87
C VAL B 330 -1.85 -16.56 -39.72
N ARG B 331 -1.65 -15.25 -39.88
CA ARG B 331 -0.56 -14.77 -40.72
C ARG B 331 0.81 -15.17 -40.17
N GLY B 332 1.00 -15.10 -38.86
CA GLY B 332 2.29 -15.38 -38.26
C GLY B 332 2.69 -16.84 -38.25
N ARG B 333 1.96 -17.66 -37.50
CA ARG B 333 2.31 -19.06 -37.32
C ARG B 333 1.55 -19.94 -38.32
N ALA B 334 1.78 -21.25 -38.22
CA ALA B 334 1.18 -22.19 -39.15
C ALA B 334 -0.21 -22.61 -38.65
N ALA B 335 -1.21 -22.41 -39.51
CA ALA B 335 -2.58 -22.80 -39.22
C ALA B 335 -3.36 -22.78 -40.52
N GLU B 336 -4.63 -23.18 -40.44
CA GLU B 336 -5.50 -23.14 -41.61
C GLU B 336 -5.80 -21.70 -41.99
N ASP B 337 -5.75 -21.40 -43.28
CA ASP B 337 -5.95 -20.04 -43.78
C ASP B 337 -7.44 -19.82 -44.00
N GLY B 338 -8.07 -19.09 -43.07
CA GLY B 338 -9.46 -18.72 -43.23
C GLY B 338 -9.69 -17.54 -44.16
N TYR B 339 -8.63 -16.88 -44.60
CA TYR B 339 -8.72 -15.77 -45.53
C TYR B 339 -9.29 -16.24 -46.86
N GLU B 340 -10.41 -15.67 -47.28
CA GLU B 340 -11.06 -16.06 -48.53
C GLU B 340 -10.94 -14.94 -49.55
N VAL B 341 -10.47 -15.27 -50.74
CA VAL B 341 -10.30 -14.29 -51.81
C VAL B 341 -11.61 -14.08 -52.51
N ALA B 342 -11.96 -12.81 -52.72
CA ALA B 342 -13.23 -12.47 -53.36
C ALA B 342 -13.26 -12.93 -54.81
N LYS B 343 -14.46 -13.27 -55.28
CA LYS B 343 -14.70 -13.69 -56.64
C LYS B 343 -15.22 -12.50 -57.45
N ASN B 344 -15.61 -12.78 -58.70
CA ASN B 344 -16.00 -11.75 -59.67
C ASN B 344 -16.84 -10.61 -59.12
N ASP B 345 -18.05 -10.91 -58.65
CA ASP B 345 -19.00 -9.88 -58.23
C ASP B 345 -19.13 -9.79 -56.71
N GLN B 346 -18.22 -10.41 -55.98
CA GLN B 346 -18.24 -10.40 -54.52
C GLN B 346 -17.18 -9.46 -53.99
N ILE B 347 -17.55 -8.65 -53.01
CA ILE B 347 -16.67 -7.67 -52.39
C ILE B 347 -16.47 -8.13 -50.95
N VAL B 348 -15.24 -8.45 -50.58
CA VAL B 348 -14.96 -8.97 -49.25
C VAL B 348 -14.07 -8.00 -48.48
N GLN B 349 -14.32 -7.90 -47.18
CA GLN B 349 -13.49 -7.10 -46.29
C GLN B 349 -13.30 -7.85 -44.98
N HIS B 350 -12.12 -8.44 -44.79
CA HIS B 350 -11.88 -9.28 -43.65
C HIS B 350 -11.52 -8.46 -42.41
N LEU B 351 -11.82 -9.02 -41.24
CA LEU B 351 -11.39 -8.47 -39.97
C LEU B 351 -11.01 -9.63 -39.07
N THR B 352 -9.89 -9.50 -38.35
CA THR B 352 -9.43 -10.55 -37.46
C THR B 352 -10.11 -10.39 -36.10
N VAL B 353 -9.82 -11.32 -35.19
CA VAL B 353 -10.32 -11.26 -33.83
C VAL B 353 -9.28 -10.67 -32.89
N GLU B 354 -8.00 -10.98 -33.12
CA GLU B 354 -6.94 -10.49 -32.26
C GLU B 354 -6.82 -8.97 -32.32
N ASN B 355 -6.93 -8.40 -33.52
CA ASN B 355 -6.68 -6.97 -33.67
C ASN B 355 -7.99 -6.17 -33.61
N PHE B 356 -9.01 -6.62 -34.34
CA PHE B 356 -10.29 -5.92 -34.35
C PHE B 356 -11.07 -6.17 -33.07
N GLY B 357 -11.20 -7.44 -32.68
CA GLY B 357 -11.95 -7.79 -31.49
C GLY B 357 -11.21 -7.59 -30.19
N HIS B 358 -9.96 -7.15 -30.25
CA HIS B 358 -9.14 -6.89 -29.07
C HIS B 358 -9.02 -8.11 -28.17
N TYR B 359 -8.82 -9.28 -28.75
CA TYR B 359 -8.68 -10.52 -27.99
C TYR B 359 -7.19 -10.77 -27.75
N GLN B 360 -6.79 -10.77 -26.48
CA GLN B 360 -5.46 -11.23 -26.12
C GLN B 360 -5.50 -12.74 -25.87
N GLU B 361 -4.37 -13.41 -26.08
CA GLU B 361 -4.31 -14.85 -25.91
C GLU B 361 -4.65 -15.25 -24.47
N GLY B 362 -5.73 -16.00 -24.31
CA GLY B 362 -6.12 -16.49 -22.99
C GLY B 362 -7.59 -16.35 -22.67
N ASP B 363 -8.25 -15.33 -23.23
CA ASP B 363 -9.66 -15.09 -22.94
C ASP B 363 -10.52 -16.23 -23.48
N LYS B 364 -11.54 -16.59 -22.71
CA LYS B 364 -12.42 -17.70 -23.10
C LYS B 364 -13.37 -17.32 -24.23
N GLU B 365 -13.79 -16.06 -24.29
CA GLU B 365 -14.73 -15.62 -25.32
C GLU B 365 -14.41 -14.17 -25.66
N ILE B 366 -15.04 -13.69 -26.74
CA ILE B 366 -14.79 -12.33 -27.19
C ILE B 366 -15.25 -11.33 -26.12
N THR B 367 -14.63 -10.15 -26.13
CA THR B 367 -15.01 -9.06 -25.24
C THR B 367 -15.10 -7.75 -26.02
N TRP B 368 -15.34 -7.84 -27.33
CA TRP B 368 -15.41 -6.65 -28.16
C TRP B 368 -16.65 -5.82 -27.82
N LYS B 369 -16.44 -4.53 -27.62
CA LYS B 369 -17.54 -3.60 -27.32
C LYS B 369 -17.34 -2.35 -28.16
N PRO B 370 -18.21 -2.09 -29.14
CA PRO B 370 -18.04 -0.90 -29.98
C PRO B 370 -18.16 0.38 -29.17
N LYS B 371 -17.40 1.39 -29.56
CA LYS B 371 -17.45 2.68 -28.89
C LYS B 371 -18.73 3.41 -29.30
N VAL B 372 -19.71 3.44 -28.41
CA VAL B 372 -21.05 3.93 -28.72
C VAL B 372 -21.29 5.32 -28.13
N SER B 373 -20.24 6.04 -27.77
CA SER B 373 -20.40 7.34 -27.12
C SER B 373 -21.09 8.34 -28.06
N GLY B 374 -22.01 9.10 -27.49
CA GLY B 374 -22.74 10.09 -28.25
C GLY B 374 -24.03 10.44 -27.55
N LYS B 375 -24.84 11.24 -28.24
CA LYS B 375 -26.15 11.63 -27.70
C LYS B 375 -27.04 10.41 -27.49
N HIS B 376 -27.18 9.59 -28.53
CA HIS B 376 -27.85 8.30 -28.45
C HIS B 376 -26.86 7.22 -28.84
N HIS B 377 -26.69 6.22 -27.98
CA HIS B 377 -25.70 5.19 -28.23
C HIS B 377 -26.04 4.40 -29.48
N ASP B 378 -25.04 4.24 -30.35
CA ASP B 378 -25.25 3.56 -31.62
C ASP B 378 -23.98 2.81 -32.00
N PRO B 379 -24.09 1.52 -32.32
CA PRO B 379 -22.89 0.72 -32.60
C PRO B 379 -22.35 0.84 -34.02
N ALA B 380 -23.10 1.42 -34.96
CA ALA B 380 -22.64 1.60 -36.34
C ALA B 380 -22.00 2.97 -36.53
N ARG B 381 -21.42 3.52 -35.47
CA ARG B 381 -20.72 4.79 -35.58
C ARG B 381 -19.27 4.67 -35.13
N ASP B 382 -18.85 3.50 -34.64
CA ASP B 382 -17.47 3.30 -34.23
C ASP B 382 -16.53 3.48 -35.42
N VAL B 383 -15.33 3.97 -35.13
CA VAL B 383 -14.37 4.28 -36.19
C VAL B 383 -14.01 3.03 -36.98
N ALA B 384 -13.88 1.90 -36.30
CA ALA B 384 -13.49 0.66 -36.97
C ALA B 384 -14.56 0.20 -37.96
N ILE B 385 -15.83 0.24 -37.55
CA ILE B 385 -16.92 -0.17 -38.43
C ILE B 385 -17.01 0.77 -39.63
N VAL B 386 -16.89 2.07 -39.37
CA VAL B 386 -16.92 3.05 -40.45
C VAL B 386 -15.79 2.80 -41.43
N LYS B 387 -14.60 2.48 -40.92
CA LYS B 387 -13.47 2.21 -41.81
C LYS B 387 -13.71 0.94 -42.61
N LEU B 388 -14.33 -0.07 -42.00
CA LEU B 388 -14.66 -1.28 -42.74
C LEU B 388 -15.61 -0.97 -43.89
N ILE B 389 -16.62 -0.13 -43.63
CA ILE B 389 -17.57 0.22 -44.67
C ILE B 389 -16.88 1.04 -45.77
N GLN B 390 -15.98 1.94 -45.38
CA GLN B 390 -15.26 2.76 -46.35
C GLN B 390 -14.37 1.89 -47.25
N GLU B 391 -13.69 0.91 -46.65
CA GLU B 391 -12.87 0.01 -47.44
C GLU B 391 -13.72 -0.87 -48.34
N LEU B 392 -14.90 -1.26 -47.88
CA LEU B 392 -15.84 -1.97 -48.74
C LEU B 392 -16.23 -1.11 -49.93
N CYS B 393 -16.51 0.16 -49.70
CA CYS B 393 -16.86 1.08 -50.78
C CYS B 393 -15.71 1.23 -51.78
N ILE B 394 -14.48 1.35 -51.29
CA ILE B 394 -13.33 1.48 -52.18
C ILE B 394 -13.10 0.20 -52.99
N LYS B 395 -13.20 -0.97 -52.35
CA LYS B 395 -13.07 -2.23 -53.08
C LYS B 395 -14.18 -2.40 -54.10
N ARG B 396 -15.37 -1.89 -53.81
CA ARG B 396 -16.45 -1.92 -54.80
C ARG B 396 -16.08 -1.10 -56.02
N ASP B 397 -15.49 0.08 -55.79
CA ASP B 397 -15.05 0.92 -56.90
C ASP B 397 -13.98 0.23 -57.72
N LEU B 398 -13.04 -0.42 -57.04
CA LEU B 398 -11.96 -1.12 -57.75
C LEU B 398 -12.50 -2.27 -58.60
N ALA B 399 -13.34 -3.13 -58.00
CA ALA B 399 -13.83 -4.30 -58.72
C ALA B 399 -14.79 -3.90 -59.84
N ASN B 400 -15.70 -2.98 -59.55
CA ASN B 400 -16.66 -2.52 -60.55
C ASN B 400 -16.01 -1.69 -61.64
N GLY B 401 -14.92 -0.98 -61.33
CA GLY B 401 -14.26 -0.15 -62.31
C GLY B 401 -14.83 1.24 -62.40
N LYS B 402 -15.75 1.57 -61.50
CA LYS B 402 -16.39 2.88 -61.47
C LYS B 402 -15.96 3.65 -60.23
N LEU B 403 -15.95 4.98 -60.35
CA LEU B 403 -15.60 5.86 -59.26
C LEU B 403 -16.89 6.48 -58.72
N LYS B 404 -17.32 6.04 -57.55
CA LYS B 404 -18.64 6.37 -57.03
C LYS B 404 -18.67 6.74 -55.55
N THR B 405 -17.55 6.69 -54.84
CA THR B 405 -17.52 7.01 -53.42
C THR B 405 -16.86 8.35 -53.12
N VAL B 406 -16.74 9.23 -54.10
CA VAL B 406 -15.89 10.41 -54.00
C VAL B 406 -16.67 11.71 -54.12
N GLU B 407 -17.98 11.52 -54.03
CA GLU B 407 -19.04 12.51 -54.21
C GLU B 407 -19.15 12.67 -55.78
N PRO B 408 -19.82 13.68 -56.29
CA PRO B 408 -19.87 13.75 -57.75
C PRO B 408 -19.21 14.99 -58.16
N LYS B 409 -18.85 15.84 -57.22
CA LYS B 409 -18.32 17.12 -57.68
C LYS B 409 -16.80 17.02 -57.65
N LEU B 410 -16.25 16.29 -56.68
CA LEU B 410 -14.80 16.10 -56.63
C LEU B 410 -14.31 15.25 -57.78
N ALA B 411 -15.11 14.29 -58.21
CA ALA B 411 -14.71 13.41 -59.32
C ALA B 411 -14.49 14.19 -60.60
N SER B 412 -15.33 15.19 -60.87
CA SER B 412 -15.16 15.99 -62.09
C SER B 412 -13.83 16.73 -62.07
N LEU B 413 -13.44 17.25 -60.91
CA LEU B 413 -12.18 17.99 -60.75
C LEU B 413 -10.96 17.07 -60.81
N THR B 414 -11.13 15.77 -60.64
CA THR B 414 -10.02 14.83 -60.63
C THR B 414 -9.84 14.08 -61.95
N GLN B 415 -10.85 14.06 -62.81
CA GLN B 415 -10.79 13.26 -64.03
C GLN B 415 -9.62 13.59 -64.94
N PRO B 416 -9.33 14.85 -65.28
CA PRO B 416 -8.29 15.13 -66.27
C PRO B 416 -6.86 14.98 -65.75
N LEU B 417 -6.65 14.37 -64.58
CA LEU B 417 -5.33 14.19 -64.02
C LEU B 417 -4.99 12.72 -63.91
N GLU B 418 -3.74 12.37 -64.21
CA GLU B 418 -3.25 11.01 -64.15
C GLU B 418 -2.18 10.89 -63.07
N PHE B 419 -2.25 9.82 -62.29
CA PHE B 419 -1.38 9.64 -61.13
C PHE B 419 -0.55 8.38 -61.34
N TYR B 420 0.78 8.52 -61.20
CA TYR B 420 1.69 7.39 -61.29
C TYR B 420 2.05 6.90 -59.90
N TYR B 421 2.33 5.59 -59.80
CA TYR B 421 2.74 4.97 -58.57
C TYR B 421 3.98 4.12 -58.84
N PHE B 422 4.94 4.19 -57.92
CA PHE B 422 6.21 3.51 -58.08
C PHE B 422 6.44 2.54 -56.94
N ALA B 423 7.04 1.39 -57.27
CA ALA B 423 7.37 0.38 -56.25
C ALA B 423 8.67 -0.27 -56.68
N PHE B 424 9.74 0.00 -55.94
CA PHE B 424 11.03 -0.63 -56.22
C PHE B 424 10.90 -2.15 -56.05
N LEU B 425 11.06 -2.87 -57.15
CA LEU B 425 10.85 -4.31 -57.16
C LEU B 425 12.02 -4.98 -56.46
N LYS B 426 11.82 -5.38 -55.21
CA LYS B 426 12.83 -6.12 -54.49
C LYS B 426 12.90 -7.56 -55.01
N LYS B 427 13.94 -8.28 -54.57
CA LYS B 427 14.22 -9.65 -55.02
C LYS B 427 14.34 -9.71 -56.54
N SER B 428 14.92 -8.67 -57.13
CA SER B 428 15.19 -8.62 -58.56
C SER B 428 16.66 -8.32 -58.76
N PHE B 429 17.34 -9.16 -59.56
CA PHE B 429 18.76 -8.98 -59.78
C PHE B 429 19.04 -7.63 -60.43
N ASP B 430 18.38 -7.34 -61.53
CA ASP B 430 18.49 -6.03 -62.15
C ASP B 430 17.61 -5.04 -61.38
N PRO B 431 18.08 -3.80 -61.19
CA PRO B 431 17.21 -2.80 -60.56
C PRO B 431 16.00 -2.48 -61.41
N GLU B 432 14.81 -2.85 -60.92
CA GLU B 432 13.57 -2.68 -61.65
C GLU B 432 12.54 -2.02 -60.76
N VAL B 433 11.66 -1.22 -61.36
CA VAL B 433 10.59 -0.55 -60.65
C VAL B 433 9.30 -0.70 -61.45
N MET B 434 8.20 -0.98 -60.76
CA MET B 434 6.90 -1.07 -61.40
C MET B 434 6.22 0.29 -61.39
N VAL B 435 5.84 0.77 -62.57
CA VAL B 435 5.24 2.09 -62.73
C VAL B 435 3.77 1.88 -63.07
N ILE B 436 2.90 2.11 -62.10
CA ILE B 436 1.46 2.04 -62.29
C ILE B 436 0.97 3.43 -62.71
N LYS B 437 -0.16 3.46 -63.40
CA LYS B 437 -0.71 4.72 -63.88
C LYS B 437 -2.23 4.63 -63.82
N LEU B 438 -2.85 5.53 -63.06
CA LEU B 438 -4.31 5.56 -62.92
C LEU B 438 -4.85 6.69 -63.79
N ALA B 439 -5.67 6.33 -64.77
CA ALA B 439 -6.31 7.30 -65.65
C ALA B 439 -7.82 7.20 -65.49
N PHE B 440 -8.49 8.34 -65.67
CA PHE B 440 -9.93 8.44 -65.48
C PHE B 440 -10.60 8.72 -66.81
N THR B 441 -11.54 7.87 -67.19
CA THR B 441 -12.38 8.13 -68.35
C THR B 441 -13.38 9.22 -68.01
N PRO B 442 -13.96 9.89 -69.02
CA PRO B 442 -15.00 10.88 -68.74
C PRO B 442 -16.22 10.30 -68.02
N GLU B 443 -16.36 8.97 -67.98
CA GLU B 443 -17.42 8.31 -67.24
C GLU B 443 -16.99 7.90 -65.84
N MET B 444 -15.88 8.47 -65.35
CA MET B 444 -15.36 8.21 -64.01
C MET B 444 -15.04 6.72 -63.83
N GLU B 445 -14.22 6.20 -64.75
CA GLU B 445 -13.81 4.81 -64.71
C GLU B 445 -12.30 4.70 -64.52
N LEU B 446 -11.90 3.73 -63.71
CA LEU B 446 -10.50 3.47 -63.44
C LEU B 446 -9.86 2.75 -64.63
N ARG B 447 -8.61 3.15 -64.94
CA ARG B 447 -7.90 2.64 -66.11
C ARG B 447 -6.46 2.30 -65.71
N PHE B 448 -6.31 1.50 -64.66
CA PHE B 448 -4.99 1.06 -64.23
C PHE B 448 -4.23 0.41 -65.39
N SER B 449 -2.96 0.80 -65.54
CA SER B 449 -2.12 0.26 -66.61
C SER B 449 -0.66 0.44 -66.16
N LYS B 450 0.04 -0.68 -65.99
CA LYS B 450 1.38 -0.66 -65.45
C LYS B 450 2.40 -1.10 -66.50
N LYS B 451 3.68 -0.93 -66.18
CA LYS B 451 4.77 -1.42 -67.00
C LYS B 451 6.06 -1.52 -66.19
N LYS B 452 6.70 -2.68 -66.22
CA LYS B 452 7.95 -2.86 -65.49
C LYS B 452 9.09 -2.15 -66.21
N VAL B 453 9.83 -1.33 -65.47
CA VAL B 453 10.87 -0.48 -66.03
C VAL B 453 12.19 -0.82 -65.35
N ARG B 454 13.23 -1.03 -66.15
CA ARG B 454 14.57 -1.29 -65.64
C ARG B 454 15.35 0.03 -65.60
N LEU B 455 15.98 0.30 -64.46
CA LEU B 455 16.70 1.56 -64.29
C LEU B 455 17.91 1.65 -65.22
N ASN B 456 18.48 0.51 -65.59
CA ASN B 456 19.61 0.51 -66.52
C ASN B 456 19.17 0.92 -67.92
N ALA B 457 18.06 0.34 -68.40
CA ALA B 457 17.54 0.64 -69.73
C ALA B 457 16.47 1.72 -69.61
N LEU B 458 16.94 2.94 -69.41
CA LEU B 458 16.07 4.11 -69.26
C LEU B 458 15.97 4.93 -70.53
N THR B 459 16.47 4.42 -71.65
CA THR B 459 16.46 5.14 -72.91
C THR B 459 15.19 4.93 -73.72
N SER B 460 14.25 4.12 -73.23
CA SER B 460 13.01 3.91 -73.95
C SER B 460 12.18 5.20 -73.96
N ASP B 461 11.24 5.27 -74.90
CA ASP B 461 10.48 6.48 -75.15
C ASP B 461 9.00 6.35 -74.78
N ASP B 462 8.63 5.32 -74.04
CA ASP B 462 7.25 5.26 -73.57
C ASP B 462 7.07 6.21 -72.39
N GLU B 463 5.80 6.51 -72.08
CA GLU B 463 5.50 7.46 -71.02
C GLU B 463 6.00 6.95 -69.66
N TYR B 464 5.88 5.65 -69.43
CA TYR B 464 6.34 5.07 -68.17
C TYR B 464 7.84 5.23 -68.01
N THR B 465 8.60 4.95 -69.08
CA THR B 465 10.05 5.09 -69.03
C THR B 465 10.45 6.55 -68.84
N GLN B 466 9.78 7.47 -69.51
CA GLN B 466 10.10 8.88 -69.36
C GLN B 466 9.85 9.34 -67.92
N VAL B 467 8.70 8.97 -67.35
CA VAL B 467 8.40 9.43 -65.99
C VAL B 467 9.34 8.78 -64.99
N CYS B 468 9.72 7.52 -65.22
CA CYS B 468 10.65 6.85 -64.32
C CYS B 468 12.04 7.46 -64.42
N LYS B 469 12.45 7.87 -65.63
CA LYS B 469 13.74 8.52 -65.79
C LYS B 469 13.75 9.88 -65.11
N ARG B 470 12.66 10.64 -65.25
CA ARG B 470 12.60 11.95 -64.61
C ARG B 470 12.60 11.84 -63.09
N VAL B 471 11.87 10.85 -62.55
CA VAL B 471 11.92 10.62 -61.10
C VAL B 471 13.30 10.13 -60.68
N PHE B 472 13.96 9.35 -61.54
CA PHE B 472 15.28 8.81 -61.23
C PHE B 472 16.29 9.92 -61.02
N ASP B 473 16.23 10.96 -61.86
CA ASP B 473 17.16 12.08 -61.74
C ASP B 473 16.96 12.83 -60.43
N SER B 474 15.71 13.03 -60.02
CA SER B 474 15.43 13.81 -58.82
C SER B 474 15.85 13.11 -57.54
N LEU B 475 15.68 11.79 -57.47
CA LEU B 475 15.96 11.06 -56.24
C LEU B 475 17.44 11.11 -55.92
N ALA B 476 17.77 11.28 -54.64
CA ALA B 476 19.16 11.42 -54.24
C ALA B 476 19.91 10.10 -54.36
N ALA B 477 19.33 9.01 -53.84
CA ALA B 477 19.97 7.70 -53.83
C ALA B 477 19.02 6.65 -54.37
N PRO B 478 18.84 6.60 -55.70
CA PRO B 478 17.89 5.64 -56.27
C PRO B 478 18.34 4.19 -56.15
N LYS B 479 19.55 3.93 -55.65
CA LYS B 479 20.01 2.55 -55.51
C LYS B 479 19.13 1.76 -54.55
N PHE B 480 18.73 2.37 -53.45
CA PHE B 480 17.98 1.69 -52.41
C PHE B 480 16.48 1.80 -52.69
N TYR B 481 15.67 1.12 -51.87
CA TYR B 481 14.22 1.10 -52.05
C TYR B 481 13.52 2.16 -51.21
N SER B 482 14.11 2.59 -50.10
CA SER B 482 13.51 3.66 -49.30
C SER B 482 13.37 4.94 -50.10
N ALA B 483 14.29 5.19 -51.04
CA ALA B 483 14.15 6.36 -51.90
C ALA B 483 12.88 6.29 -52.73
N TRP B 484 12.60 5.12 -53.31
CA TRP B 484 11.38 4.97 -54.10
C TRP B 484 10.15 4.85 -53.22
N ASP B 485 10.34 4.49 -51.95
CA ASP B 485 9.21 4.50 -51.02
C ASP B 485 8.86 5.91 -50.58
N SER B 486 9.85 6.81 -50.57
CA SER B 486 9.60 8.18 -50.15
C SER B 486 8.66 8.89 -51.10
N VAL B 487 8.83 8.68 -52.40
CA VAL B 487 7.95 9.31 -53.38
C VAL B 487 6.56 8.71 -53.26
N ASP B 488 5.54 9.58 -53.24
CA ASP B 488 4.16 9.12 -53.09
C ASP B 488 3.52 8.86 -54.45
N CYS B 489 3.47 9.88 -55.30
CA CYS B 489 2.86 9.76 -56.61
C CYS B 489 3.40 10.87 -57.50
N VAL B 490 3.09 10.79 -58.79
CA VAL B 490 3.42 11.85 -59.74
C VAL B 490 2.16 12.26 -60.45
N VAL B 491 1.53 13.34 -59.96
CA VAL B 491 0.31 13.83 -60.60
C VAL B 491 0.66 14.47 -61.93
N ARG B 492 -0.08 14.10 -62.98
CA ARG B 492 0.20 14.55 -64.33
C ARG B 492 -1.06 15.17 -64.91
N SER B 493 -0.91 16.35 -65.52
CA SER B 493 -2.00 17.04 -66.20
C SER B 493 -1.52 17.37 -67.61
N GLY B 494 -1.77 16.47 -68.55
CA GLY B 494 -1.25 16.67 -69.89
C GLY B 494 0.26 16.50 -69.89
N ASN B 495 0.96 17.50 -70.44
CA ASN B 495 2.42 17.45 -70.47
C ASN B 495 3.01 17.83 -69.12
N LYS B 496 2.22 18.44 -68.24
CA LYS B 496 2.70 18.84 -66.94
C LYS B 496 2.79 17.64 -66.00
N GLN B 497 3.86 17.60 -65.21
CA GLN B 497 4.07 16.54 -64.25
C GLN B 497 4.62 17.13 -62.95
N LEU B 498 4.07 16.67 -61.83
CA LEU B 498 4.47 17.16 -60.51
C LEU B 498 4.84 15.96 -59.65
N LEU B 499 5.92 16.09 -58.88
CA LEU B 499 6.46 14.99 -58.09
C LEU B 499 6.20 15.27 -56.62
N ILE B 500 5.49 14.35 -55.97
CA ILE B 500 5.27 14.46 -54.53
C ILE B 500 6.20 13.48 -53.80
N GLN B 501 6.98 14.01 -52.87
CA GLN B 501 7.97 13.21 -52.18
C GLN B 501 7.97 13.55 -50.70
N ARG B 502 7.97 12.51 -49.86
CA ARG B 502 8.05 12.71 -48.42
C ARG B 502 9.47 13.12 -48.03
N LEU B 503 9.57 13.80 -46.89
CA LEU B 503 10.86 14.27 -46.40
C LEU B 503 10.94 13.98 -44.91
N ASN B 504 11.97 14.51 -44.25
CA ASN B 504 12.13 14.39 -42.82
C ASN B 504 11.89 15.70 -42.07
N ARG B 505 11.79 16.82 -42.77
CA ARG B 505 11.56 18.11 -42.15
C ARG B 505 10.09 18.21 -41.73
N THR B 506 9.86 18.54 -40.46
CA THR B 506 8.50 18.63 -39.93
C THR B 506 8.14 20.09 -39.69
N ILE B 507 6.92 20.33 -39.23
CA ILE B 507 6.42 21.67 -38.90
C ILE B 507 6.63 21.88 -37.42
N MET B 508 7.30 22.98 -37.06
CA MET B 508 7.51 23.32 -35.66
C MET B 508 6.63 24.50 -35.28
N PRO B 509 5.86 24.42 -34.21
CA PRO B 509 5.08 25.58 -33.77
C PRO B 509 5.98 26.66 -33.19
N ASP B 510 5.40 27.83 -32.98
CA ASP B 510 6.13 28.95 -32.39
C ASP B 510 6.32 28.66 -30.90
N GLY B 511 7.38 27.91 -30.61
CA GLY B 511 7.60 27.44 -29.25
C GLY B 511 7.84 28.56 -28.25
N LYS B 512 8.48 29.65 -28.69
CA LYS B 512 8.74 30.75 -27.76
C LYS B 512 7.44 31.38 -27.26
N GLN B 513 6.47 31.58 -28.16
CA GLN B 513 5.20 32.14 -27.75
C GLN B 513 4.41 31.18 -26.87
N ILE B 514 4.50 29.87 -27.14
CA ILE B 514 3.85 28.89 -26.29
C ILE B 514 4.45 28.93 -24.88
N ARG B 515 5.77 29.01 -24.80
CA ARG B 515 6.43 29.14 -23.49
C ARG B 515 5.98 30.41 -22.78
N LYS B 516 5.93 31.52 -23.51
CA LYS B 516 5.53 32.79 -22.90
C LYS B 516 4.10 32.73 -22.37
N GLN B 517 3.17 32.16 -23.13
CA GLN B 517 1.79 32.07 -22.68
C GLN B 517 1.61 31.09 -21.53
N LEU B 518 2.26 29.93 -21.59
CA LEU B 518 2.14 28.97 -20.50
C LEU B 518 2.82 29.47 -19.23
N GLU B 519 3.82 30.35 -19.35
CA GLU B 519 4.34 31.01 -18.16
C GLU B 519 3.28 31.91 -17.53
N LEU B 520 2.51 32.62 -18.35
CA LEU B 520 1.41 33.42 -17.85
C LEU B 520 0.33 32.57 -17.20
N ASN B 521 0.06 31.39 -17.74
CA ASN B 521 -0.98 30.52 -17.22
C ASN B 521 -0.44 29.49 -16.22
N ARG B 522 0.81 29.64 -15.77
CA ARG B 522 1.41 28.67 -14.87
C ARG B 522 0.60 28.58 -13.58
N PRO B 523 0.24 27.37 -13.13
CA PRO B 523 -0.67 27.27 -11.97
C PRO B 523 -0.05 27.75 -10.67
N ASP B 524 1.15 27.28 -10.32
CA ASP B 524 1.77 27.59 -9.04
C ASP B 524 2.47 28.94 -9.04
N LYS B 525 2.12 29.82 -9.99
CA LYS B 525 2.73 31.14 -10.06
C LYS B 525 2.18 32.03 -8.94
N THR B 526 3.02 32.38 -7.98
CA THR B 526 2.58 33.22 -6.88
C THR B 526 2.26 34.63 -7.36
N LEU B 527 1.25 35.24 -6.75
CA LEU B 527 0.81 36.57 -7.13
C LEU B 527 0.60 37.41 -5.88
N TRP B 528 0.80 38.72 -6.01
CA TRP B 528 0.59 39.66 -4.93
C TRP B 528 -0.79 40.30 -5.11
N ARG B 529 -1.60 40.27 -4.06
CA ARG B 529 -2.96 40.81 -4.17
C ARG B 529 -2.92 42.30 -4.49
N ASP B 530 -2.08 43.07 -3.79
CA ASP B 530 -1.99 44.50 -4.05
C ASP B 530 -1.49 44.78 -5.47
N LYS B 531 -0.43 44.07 -5.88
CA LYS B 531 0.14 44.29 -7.21
C LYS B 531 -0.86 43.92 -8.30
N VAL B 532 -1.53 42.78 -8.15
CA VAL B 532 -2.49 42.34 -9.16
C VAL B 532 -3.67 43.30 -9.21
N VAL B 533 -4.13 43.76 -8.05
CA VAL B 533 -5.25 44.70 -7.99
C VAL B 533 -4.89 46.00 -8.69
N GLU B 534 -3.68 46.51 -8.41
CA GLU B 534 -3.26 47.76 -9.04
C GLU B 534 -3.10 47.59 -10.55
N GLU B 535 -2.55 46.45 -10.99
CA GLU B 535 -2.38 46.20 -12.40
C GLU B 535 -3.72 46.12 -13.12
N LEU B 536 -4.68 45.42 -12.51
CA LEU B 536 -6.01 45.32 -13.11
C LEU B 536 -6.72 46.66 -13.13
N GLY B 537 -6.53 47.47 -12.08
CA GLY B 537 -7.11 48.81 -12.07
C GLY B 537 -6.55 49.68 -13.17
N GLU B 538 -5.24 49.60 -13.39
CA GLU B 538 -4.62 50.35 -14.48
C GLU B 538 -5.02 49.83 -15.85
N LEU B 539 -5.26 48.53 -15.99
CA LEU B 539 -5.69 47.94 -17.25
C LEU B 539 -7.18 48.09 -17.51
N ARG B 540 -7.95 48.52 -16.51
CA ARG B 540 -9.39 48.69 -16.69
C ARG B 540 -9.77 49.55 -17.90
N PRO B 541 -9.17 50.73 -18.14
CA PRO B 541 -9.62 51.55 -19.28
C PRO B 541 -9.48 50.85 -20.62
N MET B 542 -8.57 49.89 -20.72
CA MET B 542 -8.28 49.26 -22.00
C MET B 542 -9.30 48.18 -22.37
N VAL B 543 -10.24 47.86 -21.47
CA VAL B 543 -11.16 46.75 -21.74
C VAL B 543 -12.13 47.14 -22.85
N SER B 544 -12.99 48.13 -22.58
CA SER B 544 -13.86 48.75 -23.58
C SER B 544 -14.55 47.76 -24.52
N GLY B 545 -15.35 46.85 -23.99
CA GLY B 545 -16.02 45.85 -24.80
C GLY B 545 -17.52 45.90 -24.63
N ASP B 546 -18.18 44.76 -24.84
CA ASP B 546 -19.62 44.68 -24.69
C ASP B 546 -20.00 44.58 -23.22
N SER B 547 -21.31 44.50 -22.96
CA SER B 547 -21.80 44.56 -21.59
C SER B 547 -21.32 43.37 -20.76
N ASP B 548 -21.50 42.16 -21.27
CA ASP B 548 -21.08 40.97 -20.54
C ASP B 548 -19.58 40.88 -20.35
N TYR B 549 -18.79 41.28 -21.35
CA TYR B 549 -17.34 41.26 -21.25
C TYR B 549 -16.84 42.18 -20.14
N VAL B 550 -17.30 43.44 -20.14
CA VAL B 550 -16.86 44.37 -19.10
C VAL B 550 -17.41 43.94 -17.74
N ALA B 551 -18.62 43.39 -17.70
CA ALA B 551 -19.19 42.93 -16.44
C ALA B 551 -18.34 41.81 -15.84
N ALA B 552 -17.94 40.84 -16.68
CA ALA B 552 -17.08 39.77 -16.19
C ALA B 552 -15.73 40.31 -15.75
N TYR B 553 -15.18 41.29 -16.48
CA TYR B 553 -13.90 41.87 -16.09
C TYR B 553 -14.00 42.54 -14.71
N GLU B 554 -15.08 43.30 -14.50
CA GLU B 554 -15.25 43.96 -13.20
C GLU B 554 -15.49 42.95 -12.09
N GLN B 555 -16.22 41.87 -12.39
CA GLN B 555 -16.44 40.83 -11.38
C GLN B 555 -15.11 40.18 -10.98
N LEU B 556 -14.27 39.87 -11.96
CA LEU B 556 -12.95 39.33 -11.64
C LEU B 556 -12.11 40.33 -10.87
N GLN B 557 -12.19 41.61 -11.24
CA GLN B 557 -11.44 42.65 -10.56
C GLN B 557 -11.83 42.74 -9.09
N ALA B 558 -13.13 42.68 -8.80
CA ALA B 558 -13.62 42.72 -7.44
C ALA B 558 -13.40 41.41 -6.69
N LEU B 559 -13.25 40.30 -7.40
CA LEU B 559 -13.01 39.01 -6.77
C LEU B 559 -11.61 38.91 -6.18
N VAL B 560 -10.64 39.55 -6.83
CA VAL B 560 -9.23 39.45 -6.45
C VAL B 560 -9.04 39.93 -5.01
N THR B 561 -9.73 41.00 -4.65
CA THR B 561 -9.58 41.58 -3.31
C THR B 561 -9.96 40.61 -2.20
N GLY B 562 -10.78 39.61 -2.49
CA GLY B 562 -11.25 38.69 -1.47
C GLY B 562 -10.17 37.83 -0.83
N MET B 563 -9.25 37.32 -1.62
CA MET B 563 -8.28 36.35 -1.12
C MET B 563 -7.17 37.05 -0.34
N ARG B 564 -6.23 36.23 0.15
CA ARG B 564 -5.14 36.70 0.99
C ARG B 564 -4.15 37.52 0.18
N PRO B 565 -3.29 38.31 0.86
CA PRO B 565 -2.36 39.18 0.13
C PRO B 565 -1.49 38.46 -0.88
N SER B 566 -1.14 37.20 -0.65
CA SER B 566 -0.40 36.41 -1.62
C SER B 566 -1.10 35.09 -1.83
N PHE B 567 -1.07 34.58 -3.07
CA PHE B 567 -1.80 33.37 -3.40
C PHE B 567 -1.25 32.79 -4.68
N PRO B 568 -1.21 31.47 -4.82
CA PRO B 568 -0.92 30.89 -6.14
C PRO B 568 -2.04 31.17 -7.11
N LEU B 569 -1.72 31.13 -8.40
CA LEU B 569 -2.73 31.40 -9.42
C LEU B 569 -3.86 30.38 -9.40
N LYS B 570 -3.60 29.18 -8.86
CA LYS B 570 -4.65 28.18 -8.74
C LYS B 570 -5.78 28.66 -7.83
N ASP B 571 -5.45 29.38 -6.75
CA ASP B 571 -6.47 29.90 -5.87
C ASP B 571 -7.38 30.88 -6.59
N LEU B 572 -6.78 31.79 -7.38
CA LEU B 572 -7.58 32.73 -8.16
C LEU B 572 -8.44 31.99 -9.18
N ASP B 573 -7.87 30.98 -9.82
CA ASP B 573 -8.61 30.21 -10.81
C ASP B 573 -9.82 29.52 -10.18
N GLU B 574 -9.62 28.89 -9.02
CA GLU B 574 -10.72 28.22 -8.34
C GLU B 574 -11.76 29.20 -7.85
N ALA B 575 -11.32 30.37 -7.37
CA ALA B 575 -12.27 31.39 -6.93
C ALA B 575 -13.12 31.88 -8.10
N ALA B 576 -12.49 32.08 -9.26
CA ALA B 576 -13.25 32.49 -10.43
C ALA B 576 -14.22 31.40 -10.88
N ARG B 577 -13.76 30.15 -10.87
CA ARG B 577 -14.62 29.04 -11.30
C ARG B 577 -15.83 28.89 -10.38
N LYS B 578 -15.61 29.01 -9.07
CA LYS B 578 -16.71 28.91 -8.13
C LYS B 578 -17.69 30.07 -8.30
N ALA B 579 -17.18 31.27 -8.59
CA ALA B 579 -18.01 32.45 -8.76
C ALA B 579 -18.77 32.41 -10.07
N GLY B 580 -18.58 31.36 -10.87
CA GLY B 580 -19.29 31.18 -12.11
C GLY B 580 -18.53 31.61 -13.35
N LEU B 581 -17.26 31.98 -13.22
CA LEU B 581 -16.46 32.42 -14.37
C LEU B 581 -15.87 31.20 -15.09
N ASN B 582 -16.78 30.39 -15.63
CA ASN B 582 -16.36 29.22 -16.39
C ASN B 582 -15.68 29.65 -17.68
N PRO B 583 -14.47 29.17 -17.96
CA PRO B 583 -13.74 29.64 -19.16
C PRO B 583 -14.47 29.34 -20.47
N LYS B 584 -15.35 28.34 -20.49
CA LYS B 584 -16.09 28.04 -21.72
C LYS B 584 -17.07 29.14 -22.11
N ARG B 585 -17.44 30.02 -21.19
CA ARG B 585 -18.43 31.05 -21.48
C ARG B 585 -17.86 32.09 -22.44
N ARG B 586 -18.76 32.82 -23.09
CA ARG B 586 -18.35 33.78 -24.10
C ARG B 586 -17.71 35.02 -23.49
N ASP B 587 -18.21 35.46 -22.33
CA ASP B 587 -17.67 36.64 -21.65
C ASP B 587 -16.34 36.38 -20.99
N MET B 588 -16.19 35.23 -20.32
CA MET B 588 -14.93 34.91 -19.65
C MET B 588 -13.81 34.65 -20.65
N ARG B 589 -14.14 34.15 -21.84
CA ARG B 589 -13.12 33.87 -22.84
C ARG B 589 -12.45 35.16 -23.31
N GLN B 590 -13.22 36.22 -23.53
CA GLN B 590 -12.63 37.50 -23.92
C GLN B 590 -11.78 38.09 -22.80
N VAL B 591 -12.20 37.94 -21.55
CA VAL B 591 -11.38 38.39 -20.43
C VAL B 591 -10.06 37.63 -20.39
N ASN B 592 -10.12 36.31 -20.62
CA ASN B 592 -8.89 35.52 -20.65
C ASN B 592 -7.97 35.97 -21.78
N GLN B 593 -8.53 36.24 -22.95
CA GLN B 593 -7.73 36.71 -24.08
C GLN B 593 -7.09 38.06 -23.77
N PHE B 594 -7.87 38.97 -23.17
CA PHE B 594 -7.33 40.28 -22.81
C PHE B 594 -6.20 40.16 -21.80
N LEU B 595 -6.36 39.29 -20.80
CA LEU B 595 -5.31 39.10 -19.82
C LEU B 595 -4.07 38.49 -20.48
N THR B 596 -4.27 37.55 -21.41
CA THR B 596 -3.14 36.94 -22.10
C THR B 596 -2.37 37.96 -22.92
N GLU B 597 -3.08 38.86 -23.60
CA GLU B 597 -2.40 39.81 -24.47
C GLU B 597 -1.70 40.91 -23.68
N ASN B 598 -2.29 41.34 -22.56
CA ASN B 598 -1.82 42.52 -21.86
C ASN B 598 -1.46 42.45 -20.39
N ALA B 599 -1.92 41.43 -19.67
CA ALA B 599 -1.75 41.39 -18.23
C ALA B 599 -0.57 40.44 -18.06
N THR B 600 -0.01 40.44 -16.85
CA THR B 600 1.11 39.56 -16.53
C THR B 600 0.66 38.16 -16.16
N PHE B 601 -0.65 37.91 -16.11
CA PHE B 601 -1.19 36.61 -15.78
C PHE B 601 -2.48 36.39 -16.57
N THR B 602 -2.90 35.13 -16.68
CA THR B 602 -4.15 34.80 -17.32
C THR B 602 -4.69 33.48 -16.79
N LEU B 603 -5.99 33.44 -16.48
CA LEU B 603 -6.60 32.25 -15.93
C LEU B 603 -6.60 31.11 -16.95
N LYS B 604 -6.88 31.43 -18.21
CA LYS B 604 -6.80 30.46 -19.29
C LYS B 604 -6.04 31.05 -20.47
N THR B 605 -5.25 30.20 -21.12
CA THR B 605 -4.43 30.63 -22.25
C THR B 605 -5.16 30.39 -23.57
N THR B 606 -4.93 31.30 -24.52
CA THR B 606 -5.57 31.21 -25.82
C THR B 606 -4.69 30.48 -26.82
N LEU B 607 -4.30 29.24 -26.50
CA LEU B 607 -3.48 28.43 -27.40
C LEU B 607 -4.32 27.56 -28.32
N GLN B 608 -5.25 26.78 -27.75
CA GLN B 608 -6.10 25.93 -28.57
C GLN B 608 -7.10 26.76 -29.38
N ARG B 609 -7.31 28.02 -29.00
CA ARG B 609 -8.24 28.87 -29.74
C ARG B 609 -7.71 29.16 -31.13
N GLU B 610 -8.63 29.36 -32.08
CA GLU B 610 -8.25 29.74 -33.43
C GLU B 610 -8.14 31.26 -33.50
N LEU B 611 -6.94 31.77 -33.68
CA LEU B 611 -6.63 33.20 -33.66
C LEU B 611 -5.96 33.57 -34.96
N PRO B 612 -6.02 34.86 -35.35
CA PRO B 612 -5.42 35.27 -36.63
C PRO B 612 -3.95 34.88 -36.79
N ASP B 613 -3.16 34.98 -35.72
CA ASP B 613 -1.74 34.59 -35.76
C ASP B 613 -1.49 33.65 -34.58
N SER B 614 -1.77 32.37 -34.77
CA SER B 614 -1.59 31.46 -33.66
C SER B 614 -0.17 30.91 -33.65
N PRO B 615 0.39 30.70 -32.46
CA PRO B 615 1.68 30.00 -32.37
C PRO B 615 1.62 28.57 -32.87
N LEU B 616 0.43 27.97 -32.92
CA LEU B 616 0.24 26.62 -33.44
C LEU B 616 0.01 26.59 -34.94
N ALA B 617 0.46 27.61 -35.66
CA ALA B 617 0.25 27.66 -37.10
C ALA B 617 1.00 26.53 -37.80
N GLY B 618 0.37 25.96 -38.82
CA GLY B 618 0.95 24.88 -39.58
C GLY B 618 0.57 23.49 -39.08
N MET B 619 0.01 23.38 -37.88
CA MET B 619 -0.40 22.11 -37.32
C MET B 619 -1.91 21.90 -37.42
N LYS B 620 -2.61 22.77 -38.14
CA LYS B 620 -4.07 22.74 -38.14
C LYS B 620 -4.84 22.75 -39.46
N TRP B 621 -4.18 23.05 -40.56
CA TRP B 621 -4.87 23.28 -41.82
C TRP B 621 -3.90 22.81 -42.90
N ILE B 622 -4.35 22.87 -44.14
CA ILE B 622 -3.56 22.49 -45.31
C ILE B 622 -3.09 23.77 -46.00
N GLY B 623 -1.78 23.90 -46.18
CA GLY B 623 -1.22 25.07 -46.81
C GLY B 623 0.05 24.72 -47.56
N LEU B 624 0.55 25.67 -48.33
CA LEU B 624 1.74 25.48 -49.15
C LEU B 624 2.77 26.53 -48.79
N THR B 625 4.04 26.11 -48.74
CA THR B 625 5.13 26.99 -48.33
C THR B 625 6.21 26.97 -49.41
N ARG B 626 7.05 28.01 -49.37
CA ARG B 626 8.13 28.20 -50.34
C ARG B 626 9.42 28.48 -49.57
N ILE B 627 10.15 27.42 -49.26
CA ILE B 627 11.41 27.54 -48.52
C ILE B 627 12.52 27.87 -49.51
N GLU B 628 13.40 28.80 -49.14
CA GLU B 628 14.52 29.18 -49.98
C GLU B 628 15.44 28.00 -50.23
N GLU B 629 15.84 27.30 -49.16
CA GLU B 629 16.77 26.18 -49.25
C GLU B 629 18.04 26.58 -50.03
N GLY B 630 18.56 27.76 -49.66
CA GLY B 630 19.74 28.30 -50.32
C GLY B 630 19.41 29.48 -51.22
N GLU B 631 20.01 29.51 -52.41
CA GLU B 631 19.91 30.65 -53.31
C GLU B 631 19.12 30.26 -54.55
N GLY B 632 17.89 30.77 -54.64
CA GLY B 632 17.14 30.77 -55.87
C GLY B 632 16.49 29.46 -56.31
N HIS B 633 16.64 28.37 -55.56
CA HIS B 633 15.97 27.12 -55.94
C HIS B 633 14.47 27.18 -55.70
N PHE B 634 14.04 27.93 -54.69
CA PHE B 634 12.62 28.15 -54.38
C PHE B 634 11.88 26.84 -54.17
N ASN B 635 12.45 25.99 -53.31
CA ASN B 635 11.83 24.70 -53.05
C ASN B 635 10.43 24.86 -52.47
N THR B 636 9.48 24.06 -52.97
CA THR B 636 8.07 24.16 -52.62
C THR B 636 7.67 22.95 -51.77
N PHE B 637 6.93 23.21 -50.70
CA PHE B 637 6.45 22.17 -49.80
C PHE B 637 5.02 22.46 -49.39
N TYR B 638 4.39 21.47 -48.77
CA TYR B 638 3.05 21.65 -48.21
C TYR B 638 2.92 20.78 -46.97
N PHE B 639 1.91 21.09 -46.15
CA PHE B 639 1.68 20.40 -44.90
C PHE B 639 0.20 20.07 -44.78
N VAL B 640 -0.11 19.12 -43.90
CA VAL B 640 -1.48 18.72 -43.63
C VAL B 640 -1.67 18.64 -42.12
N GLY B 641 -2.67 19.36 -41.62
CA GLY B 641 -2.92 19.40 -40.18
C GLY B 641 -4.32 18.91 -39.86
N SER B 642 -4.55 18.68 -38.57
CA SER B 642 -5.83 18.15 -38.12
C SER B 642 -6.92 19.21 -38.24
N ASP B 643 -8.02 18.84 -38.89
CA ASP B 643 -9.13 19.77 -39.09
C ASP B 643 -9.75 20.19 -37.76
N LYS B 644 -9.91 19.24 -36.84
CA LYS B 644 -10.48 19.55 -35.54
C LYS B 644 -9.54 20.43 -34.73
N SER B 645 -10.08 21.04 -33.68
CA SER B 645 -9.25 21.82 -32.77
C SER B 645 -8.24 20.91 -32.08
N LEU B 646 -7.01 21.40 -31.94
CA LEU B 646 -5.94 20.59 -31.40
C LEU B 646 -6.21 20.24 -29.94
N LYS B 647 -5.95 18.98 -29.60
CA LYS B 647 -6.11 18.49 -28.24
C LYS B 647 -4.93 18.95 -27.41
N PRO B 648 -5.03 18.92 -26.06
CA PRO B 648 -3.92 19.43 -25.25
C PRO B 648 -2.58 18.81 -25.59
N VAL B 649 -2.55 17.53 -25.96
CA VAL B 649 -1.32 16.88 -26.39
C VAL B 649 -1.46 16.51 -27.86
N VAL B 650 -0.33 16.54 -28.56
CA VAL B 650 -0.25 16.16 -29.97
C VAL B 650 0.91 15.17 -30.08
N ASN B 651 0.59 13.91 -30.39
CA ASN B 651 1.61 12.88 -30.35
C ASN B 651 2.63 13.04 -31.46
N ARG B 652 2.17 13.29 -32.69
CA ARG B 652 3.04 13.29 -33.85
C ARG B 652 3.10 14.68 -34.47
N ALA B 653 4.24 14.97 -35.07
CA ALA B 653 4.40 16.20 -35.86
C ALA B 653 3.69 16.02 -37.20
N VAL B 654 3.83 17.00 -38.08
CA VAL B 654 3.23 16.94 -39.41
C VAL B 654 4.33 17.17 -40.44
N THR B 655 4.64 16.12 -41.20
CA THR B 655 5.76 16.13 -42.12
C THR B 655 5.45 17.02 -43.32
N LEU B 656 6.51 17.46 -44.00
CA LEU B 656 6.43 18.32 -45.17
C LEU B 656 6.71 17.49 -46.42
N ARG B 657 5.71 17.32 -47.27
CA ARG B 657 5.95 16.73 -48.57
C ARG B 657 6.61 17.76 -49.49
N ARG B 658 7.14 17.28 -50.60
CA ARG B 658 7.85 18.13 -51.55
C ARG B 658 7.12 18.14 -52.89
N LEU B 659 7.06 19.31 -53.51
CA LEU B 659 6.41 19.50 -54.80
C LEU B 659 7.48 19.90 -55.81
N LEU B 660 7.99 18.91 -56.54
CA LEU B 660 9.05 19.16 -57.51
C LEU B 660 8.50 19.00 -58.92
N PRO B 661 8.45 20.07 -59.72
CA PRO B 661 7.94 19.94 -61.10
C PRO B 661 8.91 19.20 -62.01
N LEU B 662 8.60 17.95 -62.34
CA LEU B 662 9.44 17.20 -63.27
C LEU B 662 9.34 17.78 -64.68
N ALA B 663 8.14 18.16 -65.10
CA ALA B 663 7.90 18.74 -66.41
C ALA B 663 7.07 20.00 -66.26
N GLY B 664 7.37 20.99 -67.11
CA GLY B 664 6.65 22.25 -67.07
C GLY B 664 7.39 23.33 -66.30
N ASP B 665 6.79 24.51 -66.30
CA ASP B 665 7.37 25.67 -65.63
C ASP B 665 6.95 25.67 -64.16
N ALA B 666 7.31 26.72 -63.43
CA ALA B 666 6.97 26.83 -62.02
C ALA B 666 5.49 27.05 -61.71
N GLY B 667 4.67 27.42 -62.70
CA GLY B 667 3.26 27.63 -62.45
C GLY B 667 2.46 26.35 -62.29
N ILE B 668 3.08 25.20 -62.55
CA ILE B 668 2.40 23.92 -62.38
C ILE B 668 1.91 23.77 -60.95
N ILE B 669 2.78 24.09 -59.98
CA ILE B 669 2.41 24.02 -58.58
C ILE B 669 1.27 24.98 -58.27
N ASP B 670 1.42 26.25 -58.67
CA ASP B 670 0.45 27.28 -58.37
C ASP B 670 -0.91 27.02 -58.98
N GLU B 671 -0.98 26.22 -60.06
CA GLU B 671 -2.27 25.90 -60.65
C GLU B 671 -2.82 24.53 -60.29
N LEU B 672 -1.98 23.61 -59.80
CA LEU B 672 -2.50 22.29 -59.44
C LEU B 672 -2.71 22.10 -57.94
N PHE B 673 -2.03 22.88 -57.10
CA PHE B 673 -2.16 22.68 -55.65
C PHE B 673 -3.58 22.79 -55.12
N PRO B 674 -4.43 23.73 -55.56
CA PRO B 674 -5.83 23.69 -55.10
C PRO B 674 -6.53 22.37 -55.40
N LYS B 675 -6.27 21.76 -56.55
CA LYS B 675 -6.87 20.47 -56.85
C LYS B 675 -6.36 19.39 -55.91
N LEU B 676 -5.06 19.38 -55.62
CA LEU B 676 -4.51 18.40 -54.69
C LEU B 676 -5.08 18.59 -53.30
N ALA B 677 -5.24 19.85 -52.87
CA ALA B 677 -5.84 20.12 -51.56
C ALA B 677 -7.28 19.65 -51.52
N ALA B 678 -8.03 19.87 -52.61
CA ALA B 678 -9.40 19.39 -52.67
C ALA B 678 -9.46 17.87 -52.58
N MET B 679 -8.56 17.17 -53.27
CA MET B 679 -8.49 15.72 -53.11
C MET B 679 -8.05 15.31 -51.71
N MET B 680 -7.30 16.15 -51.03
CA MET B 680 -6.78 15.81 -49.71
C MET B 680 -7.81 16.00 -48.60
N SER B 681 -8.92 16.67 -48.89
CA SER B 681 -9.98 16.90 -47.91
C SER B 681 -10.99 15.79 -48.22
N VAL B 682 -10.74 14.60 -47.67
CA VAL B 682 -11.63 13.47 -47.83
C VAL B 682 -11.55 12.68 -46.53
N GLU B 683 -12.60 11.90 -46.27
CA GLU B 683 -12.73 11.18 -45.00
C GLU B 683 -12.46 9.68 -45.13
N PHE B 684 -12.63 9.11 -46.32
CA PHE B 684 -12.53 7.66 -46.46
C PHE B 684 -11.09 7.18 -46.44
N VAL B 685 -10.15 7.97 -46.96
CA VAL B 685 -8.76 7.53 -47.04
C VAL B 685 -8.17 7.41 -45.63
N ARG B 686 -8.33 8.45 -44.82
CA ARG B 686 -7.84 8.48 -43.45
C ARG B 686 -9.02 8.74 -42.52
N SER B 687 -9.18 7.89 -41.51
CA SER B 687 -10.35 7.94 -40.65
C SER B 687 -10.33 9.23 -39.84
N GLY B 688 -11.28 10.12 -40.10
CA GLY B 688 -11.48 11.30 -39.29
C GLY B 688 -10.47 12.39 -39.47
N GLN B 689 -9.56 12.28 -40.44
CA GLN B 689 -8.53 13.28 -40.65
C GLN B 689 -8.42 13.58 -42.15
N TYR B 690 -7.62 14.59 -42.47
CA TYR B 690 -7.21 14.78 -43.86
C TYR B 690 -6.25 13.67 -44.26
N THR B 691 -6.06 13.52 -45.57
CA THR B 691 -5.05 12.62 -46.10
C THR B 691 -3.89 13.45 -46.62
N VAL B 692 -2.67 13.06 -46.26
CA VAL B 692 -1.48 13.84 -46.60
C VAL B 692 -1.27 13.83 -48.11
N VAL B 693 -1.62 12.71 -48.76
CA VAL B 693 -1.45 12.57 -50.20
C VAL B 693 -2.82 12.52 -50.84
N PRO B 694 -2.96 12.78 -52.14
CA PRO B 694 -4.27 12.70 -52.80
C PRO B 694 -4.86 11.31 -52.67
N TYR B 695 -6.20 11.26 -52.74
CA TYR B 695 -6.93 10.02 -52.55
C TYR B 695 -6.69 8.95 -53.61
N PRO B 696 -6.41 9.28 -54.89
CA PRO B 696 -6.10 8.22 -55.85
C PRO B 696 -4.85 7.42 -55.50
N VAL B 697 -3.98 7.95 -54.64
CA VAL B 697 -2.87 7.16 -54.14
C VAL B 697 -3.39 5.95 -53.37
N LYS B 698 -4.51 6.12 -52.66
CA LYS B 698 -5.12 4.99 -51.97
C LYS B 698 -5.58 3.93 -52.96
N TYR B 699 -6.20 4.34 -54.07
CA TYR B 699 -6.62 3.40 -55.09
C TYR B 699 -5.42 2.67 -55.68
N LEU B 700 -4.35 3.41 -55.97
CA LEU B 700 -3.15 2.80 -56.53
C LEU B 700 -2.54 1.80 -55.55
N ARG B 701 -2.48 2.16 -54.26
CA ARG B 701 -1.94 1.27 -53.25
C ARG B 701 -2.77 0.00 -53.11
N GLU B 702 -4.09 0.11 -53.14
CA GLU B 702 -4.93 -1.08 -53.04
C GLU B 702 -4.80 -1.95 -54.29
N TYR B 703 -4.75 -1.32 -55.46
CA TYR B 703 -4.61 -2.07 -56.70
C TYR B 703 -3.29 -2.81 -56.76
N TRP B 704 -2.21 -2.17 -56.32
CA TRP B 704 -0.91 -2.81 -56.29
C TRP B 704 -0.86 -3.96 -55.29
N TYR B 705 -1.52 -3.81 -54.15
CA TYR B 705 -1.61 -4.91 -53.20
C TYR B 705 -2.39 -6.09 -53.78
N SER B 706 -3.44 -5.80 -54.56
CA SER B 706 -4.18 -6.86 -55.23
C SER B 706 -3.27 -7.65 -56.16
N ILE B 707 -2.39 -6.97 -56.90
CA ILE B 707 -1.44 -7.65 -57.76
C ILE B 707 -0.44 -8.44 -56.94
N LEU B 708 0.07 -7.86 -55.86
CA LEU B 708 1.00 -8.56 -54.99
C LEU B 708 0.40 -9.83 -54.41
N ARG B 709 -0.91 -9.88 -54.22
CA ARG B 709 -1.56 -11.10 -53.76
C ARG B 709 -1.41 -12.26 -54.75
N GLN B 710 -1.15 -11.97 -56.03
CA GLN B 710 -1.03 -13.00 -57.04
C GLN B 710 0.36 -13.13 -57.65
N HIS B 711 1.25 -12.18 -57.41
CA HIS B 711 2.59 -12.18 -57.99
C HIS B 711 3.63 -12.09 -56.88
N PRO B 712 4.06 -13.23 -56.33
CA PRO B 712 5.11 -13.20 -55.30
C PRO B 712 6.45 -12.68 -55.79
N GLU B 713 6.64 -12.51 -57.09
CA GLU B 713 7.90 -11.99 -57.61
C GLU B 713 8.14 -10.55 -57.19
N TYR B 714 7.08 -9.80 -56.87
CA TYR B 714 7.20 -8.41 -56.49
C TYR B 714 6.98 -8.17 -55.00
N ARG B 715 6.57 -9.18 -54.25
CA ARG B 715 6.30 -9.03 -52.83
C ARG B 715 7.54 -8.57 -52.06
N VAL C 3 31.18 -54.70 -9.01
CA VAL C 3 30.40 -53.92 -9.95
C VAL C 3 29.19 -54.70 -10.42
N SER C 4 29.44 -55.76 -11.19
CA SER C 4 28.35 -56.60 -11.67
C SER C 4 27.63 -57.28 -10.51
N ASP C 5 28.36 -57.60 -9.44
CA ASP C 5 27.75 -58.18 -8.25
C ASP C 5 26.72 -57.24 -7.64
N PHE C 6 27.11 -55.97 -7.43
CA PHE C 6 26.18 -55.00 -6.87
C PHE C 6 25.04 -54.71 -7.84
N SER C 7 25.32 -54.68 -9.14
CA SER C 7 24.24 -54.47 -10.11
C SER C 7 23.22 -55.60 -10.04
N GLY C 8 23.69 -56.85 -9.96
CA GLY C 8 22.77 -57.96 -9.84
C GLY C 8 22.00 -57.93 -8.53
N MET C 9 22.66 -57.49 -7.46
CA MET C 9 21.98 -57.36 -6.17
C MET C 9 20.87 -56.34 -6.24
N ILE C 10 21.12 -55.21 -6.90
CA ILE C 10 20.10 -54.16 -7.01
C ILE C 10 19.04 -54.52 -8.04
N LYS C 11 19.35 -55.49 -8.92
CA LYS C 11 18.43 -55.88 -9.99
C LYS C 11 17.09 -56.38 -9.47
N LYS C 12 17.11 -57.29 -8.48
CA LYS C 12 15.89 -57.95 -8.07
C LYS C 12 14.98 -57.04 -7.26
N LEU C 13 15.49 -55.88 -6.83
CA LEU C 13 14.69 -54.97 -6.00
C LEU C 13 13.48 -54.44 -6.77
N GLN C 14 13.66 -54.10 -8.04
CA GLN C 14 12.56 -53.62 -8.86
C GLN C 14 11.49 -54.69 -9.03
N SER C 15 11.91 -55.93 -9.27
CA SER C 15 10.96 -57.03 -9.34
C SER C 15 10.29 -57.27 -7.99
N GLN C 16 11.06 -57.12 -6.91
CA GLN C 16 10.52 -57.31 -5.58
C GLN C 16 9.83 -56.04 -5.07
N SER C 17 9.80 -55.00 -5.90
CA SER C 17 9.17 -53.73 -5.52
C SER C 17 7.65 -53.83 -5.51
N PRO C 18 7.12 -55.02 -5.83
CA PRO C 18 5.69 -55.27 -5.64
C PRO C 18 5.32 -55.08 -4.18
N GLU C 19 6.26 -55.37 -3.28
CA GLU C 19 6.12 -55.06 -1.86
C GLU C 19 7.28 -54.24 -1.32
N HIS C 20 8.18 -53.77 -2.19
CA HIS C 20 9.31 -52.93 -1.79
C HIS C 20 10.17 -53.64 -0.75
N ALA C 21 10.85 -54.71 -1.16
CA ALA C 21 11.53 -55.65 -0.29
C ALA C 21 12.73 -55.05 0.43
N LEU C 22 13.23 -55.79 1.42
CA LEU C 22 14.53 -55.56 2.04
C LEU C 22 15.63 -56.10 1.12
N MET C 23 16.87 -55.71 1.41
CA MET C 23 18.01 -56.16 0.62
C MET C 23 19.13 -56.63 1.52
N LEU C 24 18.78 -56.91 2.76
CA LEU C 24 19.66 -57.43 3.82
C LEU C 24 20.79 -56.54 4.30
N LEU C 25 22.03 -57.02 4.17
CA LEU C 25 23.21 -56.29 4.62
C LEU C 25 24.53 -56.79 4.02
N ASN C 26 24.78 -56.46 2.75
CA ASN C 26 26.03 -56.85 2.11
C ASN C 26 27.13 -56.28 3.00
N ALA C 27 27.87 -57.15 3.68
CA ALA C 27 28.94 -56.72 4.58
C ALA C 27 30.34 -56.96 4.00
N PRO C 28 31.21 -55.98 4.21
CA PRO C 28 32.59 -55.98 3.73
C PRO C 28 33.37 -54.78 4.28
N THR C 29 34.69 -54.90 4.32
CA THR C 29 35.54 -53.81 4.80
C THR C 29 36.14 -52.76 3.89
N THR C 31 36.62 -48.56 2.22
CA THR C 31 36.33 -47.60 1.18
C THR C 31 36.09 -48.28 -0.17
N GLY C 32 36.71 -49.45 -0.35
CA GLY C 32 36.53 -50.17 -1.58
C GLY C 32 35.11 -50.64 -1.80
N LYS C 33 34.44 -51.02 -0.71
CA LYS C 33 33.04 -51.45 -0.80
C LYS C 33 32.15 -50.31 -1.29
N SER C 34 32.39 -49.10 -0.79
CA SER C 34 31.60 -47.94 -1.20
C SER C 34 31.82 -47.63 -2.68
N TYR C 35 33.07 -47.73 -3.15
CA TYR C 35 33.37 -47.42 -4.54
C TYR C 35 32.71 -48.41 -5.50
N THR C 36 32.38 -49.61 -5.00
CA THR C 36 31.73 -50.60 -5.85
C THR C 36 30.30 -50.21 -6.15
N ILE C 37 29.58 -49.70 -5.13
CA ILE C 37 28.15 -49.42 -5.30
C ILE C 37 27.91 -48.25 -6.25
N ILE C 38 28.84 -47.29 -6.26
CA ILE C 38 28.64 -46.10 -7.08
C ILE C 38 28.75 -46.43 -8.57
N ARG C 39 29.68 -47.32 -8.92
CA ARG C 39 29.84 -47.73 -10.31
C ARG C 39 28.62 -48.51 -10.80
N ALA C 40 28.15 -49.47 -9.99
CA ALA C 40 26.99 -50.26 -10.35
C ALA C 40 25.74 -49.38 -10.45
N LEU C 41 25.58 -48.46 -9.49
CA LEU C 41 24.43 -47.56 -9.52
C LEU C 41 24.47 -46.67 -10.76
N CYS C 42 25.65 -46.18 -11.11
CA CYS C 42 25.79 -45.35 -12.30
C CYS C 42 25.41 -46.14 -13.55
N ARG C 43 25.89 -47.38 -13.67
CA ARG C 43 25.54 -48.20 -14.82
C ARG C 43 24.04 -48.48 -14.87
N TYR C 44 23.44 -48.76 -13.71
CA TYR C 44 22.01 -49.05 -13.65
C TYR C 44 21.19 -47.85 -14.10
N ALA C 45 21.51 -46.67 -13.58
CA ALA C 45 20.76 -45.47 -13.92
C ALA C 45 20.99 -45.07 -15.38
N ILE C 46 22.18 -45.34 -15.90
CA ILE C 46 22.44 -45.06 -17.31
C ILE C 46 21.63 -46.00 -18.19
N LYS C 47 21.56 -47.27 -17.81
CA LYS C 47 20.86 -48.25 -18.62
C LYS C 47 19.37 -48.00 -18.65
N HIS C 48 18.76 -47.78 -17.48
CA HIS C 48 17.32 -47.59 -17.44
C HIS C 48 16.95 -46.14 -17.17
N GLU C 49 16.03 -45.63 -17.98
CA GLU C 49 15.61 -44.24 -17.94
C GLU C 49 14.69 -43.92 -16.77
N ASN C 50 13.81 -44.86 -16.41
CA ASN C 50 12.82 -44.63 -15.36
C ASN C 50 13.25 -45.44 -14.15
N PHE C 51 14.11 -44.83 -13.32
CA PHE C 51 14.55 -45.40 -12.06
C PHE C 51 15.28 -44.33 -11.27
N ARG C 52 14.93 -44.13 -10.01
CA ARG C 52 15.52 -43.09 -9.19
C ARG C 52 16.16 -43.72 -7.96
N ALA C 53 17.44 -43.41 -7.74
CA ALA C 53 18.18 -43.95 -6.62
C ALA C 53 18.30 -42.89 -5.52
N PHE C 54 18.51 -43.35 -4.28
CA PHE C 54 18.59 -42.44 -3.14
C PHE C 54 19.78 -42.78 -2.25
N PHE C 55 20.97 -42.91 -2.84
CA PHE C 55 22.20 -43.17 -2.10
C PHE C 55 22.30 -42.25 -0.90
N VAL C 56 22.34 -42.83 0.30
CA VAL C 56 22.42 -42.08 1.55
C VAL C 56 23.73 -42.43 2.23
N THR C 57 24.61 -41.45 2.37
CA THR C 57 25.85 -41.63 3.11
C THR C 57 25.68 -41.10 4.53
N ASP C 58 26.77 -41.04 5.29
CA ASP C 58 26.69 -40.55 6.67
C ASP C 58 27.58 -39.37 7.03
N GLN C 59 28.67 -39.18 6.28
CA GLN C 59 29.61 -38.10 6.57
C GLN C 59 29.67 -37.30 5.28
N LYS C 60 29.84 -35.98 5.41
CA LYS C 60 29.96 -35.13 4.24
C LYS C 60 31.19 -35.49 3.42
N LYS C 61 32.31 -35.74 4.10
CA LYS C 61 33.53 -36.17 3.41
C LYS C 61 33.33 -37.54 2.78
N ASN C 62 32.55 -38.40 3.44
CA ASN C 62 32.29 -39.73 2.91
C ASN C 62 31.51 -39.69 1.60
N LEU C 63 30.78 -38.61 1.33
CA LEU C 63 30.08 -38.48 0.07
C LEU C 63 31.08 -38.49 -1.09
N LYS C 64 30.79 -39.32 -2.09
CA LYS C 64 31.72 -39.53 -3.21
C LYS C 64 31.31 -38.69 -4.41
N GLU C 65 31.37 -37.37 -4.22
CA GLU C 65 31.01 -36.47 -5.31
C GLU C 65 32.01 -36.53 -6.46
N GLN C 66 33.30 -36.72 -6.16
CA GLN C 66 34.29 -36.89 -7.22
C GLN C 66 34.23 -38.30 -7.81
N ASP C 67 33.95 -39.30 -6.98
CA ASP C 67 33.92 -40.68 -7.46
C ASP C 67 32.68 -40.92 -8.33
N PHE C 68 31.56 -40.29 -7.97
CA PHE C 68 30.35 -40.44 -8.78
C PHE C 68 30.54 -39.87 -10.18
N GLU C 69 31.20 -38.71 -10.27
CA GLU C 69 31.37 -38.05 -11.57
C GLU C 69 32.46 -38.71 -12.43
N VAL C 70 33.34 -39.50 -11.82
CA VAL C 70 34.42 -40.13 -12.57
C VAL C 70 34.00 -41.56 -12.89
N ALA C 71 32.70 -41.82 -12.81
CA ALA C 71 32.17 -43.14 -13.13
C ALA C 71 30.98 -43.03 -14.08
N TRP C 72 30.46 -41.81 -14.24
CA TRP C 72 29.29 -41.63 -15.10
C TRP C 72 29.65 -41.73 -16.57
N ARG C 73 30.66 -40.96 -17.00
CA ARG C 73 31.08 -41.02 -18.40
C ARG C 73 31.68 -42.38 -18.74
N GLU C 74 32.29 -43.06 -17.76
CA GLU C 74 32.86 -44.38 -18.01
C GLU C 74 31.78 -45.38 -18.39
N GLU C 75 30.65 -45.33 -17.71
CA GLU C 75 29.52 -46.20 -18.03
C GLU C 75 28.62 -45.63 -19.11
N SER C 76 28.87 -44.40 -19.55
CA SER C 76 28.01 -43.76 -20.53
C SER C 76 28.42 -44.11 -21.95
N GLY C 77 27.44 -44.18 -22.83
CA GLY C 77 27.65 -44.44 -24.24
C GLY C 77 27.81 -43.11 -24.97
N ALA C 78 27.87 -43.14 -26.31
CA ALA C 78 27.99 -41.91 -27.08
C ALA C 78 26.88 -40.92 -26.80
N VAL C 79 25.63 -41.42 -26.70
CA VAL C 79 24.48 -40.58 -26.39
C VAL C 79 24.34 -40.49 -24.87
N HIS C 80 25.35 -39.88 -24.26
CA HIS C 80 25.36 -39.70 -22.82
C HIS C 80 24.46 -38.54 -22.40
N LYS C 81 23.95 -38.64 -21.18
CA LYS C 81 23.12 -37.58 -20.63
C LYS C 81 24.00 -36.44 -20.11
N ALA C 82 23.35 -35.42 -19.55
CA ALA C 82 24.06 -34.21 -19.13
C ALA C 82 24.58 -34.31 -17.71
N PHE C 83 24.75 -35.54 -17.21
CA PHE C 83 25.29 -35.78 -15.87
C PHE C 83 24.30 -34.97 -15.05
N SER C 84 24.78 -33.87 -14.45
CA SER C 84 23.95 -33.05 -13.57
C SER C 84 22.45 -33.00 -13.82
N GLU C 85 22.01 -33.23 -15.06
CA GLU C 85 20.58 -33.31 -15.33
C GLU C 85 19.98 -34.57 -14.70
N ARG C 86 20.79 -35.61 -14.50
CA ARG C 86 20.34 -36.82 -13.83
C ARG C 86 20.84 -36.96 -12.41
N VAL C 87 22.12 -36.71 -12.17
CA VAL C 87 22.72 -36.84 -10.84
C VAL C 87 22.52 -35.54 -10.09
N ALA C 88 22.03 -35.65 -8.86
CA ALA C 88 21.78 -34.49 -8.01
C ALA C 88 22.30 -34.77 -6.62
N VAL C 89 23.27 -33.97 -6.17
CA VAL C 89 23.79 -34.05 -4.82
C VAL C 89 23.12 -32.95 -4.00
N VAL C 90 22.37 -33.34 -2.98
CA VAL C 90 21.62 -32.39 -2.16
C VAL C 90 22.58 -31.80 -1.14
N ARG C 91 22.71 -30.48 -1.14
CA ARG C 91 23.68 -29.80 -0.31
C ARG C 91 22.97 -29.01 0.80
N SER C 92 23.77 -28.44 1.69
CA SER C 92 23.25 -27.66 2.82
C SER C 92 23.21 -26.19 2.46
N LEU C 93 22.48 -25.42 3.28
CA LEU C 93 22.34 -23.99 3.04
C LEU C 93 23.69 -23.28 3.14
N GLU C 94 24.50 -23.65 4.14
CA GLU C 94 25.80 -23.03 4.32
C GLU C 94 26.70 -23.23 3.11
N ASP C 95 26.86 -24.47 2.68
CA ASP C 95 27.75 -24.74 1.55
C ASP C 95 27.16 -24.22 0.24
N THR C 96 25.84 -24.21 0.11
CA THR C 96 25.22 -23.61 -1.06
C THR C 96 25.51 -22.12 -1.13
N VAL C 97 25.44 -21.43 0.01
CA VAL C 97 25.78 -20.01 0.07
C VAL C 97 27.25 -19.81 -0.29
N ASN C 98 28.12 -20.65 0.27
CA ASN C 98 29.54 -20.55 -0.04
C ASN C 98 29.80 -20.71 -1.53
N LYS C 99 29.16 -21.71 -2.14
CA LYS C 99 29.34 -21.94 -3.57
C LYS C 99 28.77 -20.79 -4.39
N LEU C 100 27.65 -20.21 -3.94
CA LEU C 100 27.08 -19.07 -4.64
C LEU C 100 28.04 -17.89 -4.65
N ILE C 101 28.63 -17.59 -3.48
CA ILE C 101 29.59 -16.49 -3.41
C ILE C 101 30.81 -16.78 -4.28
N ASN C 102 31.30 -18.02 -4.22
CA ASN C 102 32.47 -18.39 -5.02
C ASN C 102 32.19 -18.25 -6.51
N ASP C 103 31.01 -18.68 -6.96
CA ASP C 103 30.65 -18.57 -8.37
C ASP C 103 30.47 -17.10 -8.76
N TRP C 104 29.91 -16.29 -7.88
CA TRP C 104 29.74 -14.88 -8.19
C TRP C 104 31.06 -14.17 -8.35
N ASP C 105 32.03 -14.45 -7.48
CA ASP C 105 33.30 -13.75 -7.49
C ASP C 105 34.06 -13.96 -8.80
N ARG C 106 34.30 -15.21 -9.17
CA ARG C 106 35.17 -15.52 -10.30
C ARG C 106 34.43 -15.99 -11.54
N GLN C 107 33.25 -15.43 -11.80
CA GLN C 107 32.54 -15.59 -13.06
C GLN C 107 32.23 -17.04 -13.40
N GLN C 108 32.10 -17.90 -12.38
CA GLN C 108 31.70 -19.28 -12.63
C GLN C 108 30.28 -19.34 -13.19
N ILE C 109 29.41 -18.50 -12.66
CA ILE C 109 28.00 -18.48 -13.08
C ILE C 109 27.90 -17.87 -14.48
N PRO C 110 27.02 -18.37 -15.35
CA PRO C 110 26.90 -17.79 -16.70
C PRO C 110 26.44 -16.35 -16.71
N ASP C 111 26.65 -15.67 -17.85
CA ASP C 111 26.29 -14.26 -17.97
C ASP C 111 24.79 -14.01 -18.06
N LEU C 112 23.98 -15.06 -18.26
CA LEU C 112 22.53 -14.87 -18.27
C LEU C 112 22.04 -14.38 -16.92
N TYR C 113 22.57 -14.94 -15.83
CA TYR C 113 22.25 -14.49 -14.49
C TYR C 113 23.25 -13.46 -13.97
N ARG C 114 24.20 -13.04 -14.80
CA ARG C 114 25.14 -11.98 -14.44
C ARG C 114 24.75 -10.63 -15.03
N SER C 115 24.22 -10.60 -16.25
CA SER C 115 23.83 -9.34 -16.87
C SER C 115 22.63 -8.73 -16.16
N SER C 116 21.83 -9.56 -15.50
CA SER C 116 20.65 -9.04 -14.83
C SER C 116 21.05 -8.33 -13.53
N PRO C 117 20.52 -7.12 -13.29
CA PRO C 117 20.94 -6.36 -12.10
C PRO C 117 20.35 -6.86 -10.80
N ILE C 118 19.15 -7.45 -10.87
CA ILE C 118 18.52 -7.98 -9.65
C ILE C 118 19.38 -9.08 -9.06
N PHE C 119 19.99 -9.90 -9.91
CA PHE C 119 20.90 -10.94 -9.43
C PHE C 119 22.12 -10.31 -8.77
N LYS C 120 22.62 -9.21 -9.35
CA LYS C 120 23.76 -8.51 -8.78
C LYS C 120 23.45 -8.01 -7.37
N LYS C 121 22.31 -7.34 -7.20
CA LYS C 121 21.96 -6.80 -5.89
C LYS C 121 21.67 -7.92 -4.89
N SER C 122 21.05 -9.01 -5.36
CA SER C 122 20.79 -10.13 -4.46
C SER C 122 22.10 -10.77 -4.01
N LEU C 123 23.09 -10.85 -4.89
CA LEU C 123 24.37 -11.42 -4.49
C LEU C 123 25.14 -10.49 -3.56
N GLU C 124 25.02 -9.18 -3.75
CA GLU C 124 25.62 -8.26 -2.79
C GLU C 124 25.00 -8.41 -1.41
N ASN C 125 23.66 -8.48 -1.36
CA ASN C 125 22.97 -8.69 -0.09
C ASN C 125 23.37 -10.03 0.52
N LEU C 126 23.52 -11.05 -0.33
CA LEU C 126 23.92 -12.37 0.15
C LEU C 126 25.32 -12.35 0.74
N GLY C 127 26.24 -11.61 0.10
CA GLY C 127 27.59 -11.50 0.63
C GLY C 127 27.61 -10.79 1.97
N ASN C 128 26.84 -9.71 2.09
CA ASN C 128 26.75 -9.02 3.37
C ASN C 128 26.15 -9.93 4.44
N ALA C 129 25.11 -10.68 4.09
CA ALA C 129 24.49 -11.60 5.04
C ALA C 129 25.44 -12.72 5.42
N PHE C 130 26.29 -13.15 4.49
CA PHE C 130 27.25 -14.20 4.81
C PHE C 130 28.36 -13.69 5.71
N LYS C 131 28.78 -12.44 5.51
CA LYS C 131 29.72 -11.83 6.45
C LYS C 131 29.11 -11.76 7.85
N SER C 132 27.83 -11.36 7.93
CA SER C 132 27.14 -11.35 9.21
C SER C 132 27.03 -12.75 9.80
N PHE C 133 26.79 -13.75 8.95
CA PHE C 133 26.71 -15.13 9.42
C PHE C 133 28.06 -15.60 9.98
N GLY C 134 29.15 -15.24 9.31
CA GLY C 134 30.47 -15.59 9.83
C GLY C 134 30.74 -14.92 11.17
N MET C 135 30.36 -13.65 11.30
CA MET C 135 30.50 -12.97 12.58
C MET C 135 29.66 -13.66 13.66
N MET C 136 28.44 -14.09 13.30
CA MET C 136 27.59 -14.79 14.26
C MET C 136 28.19 -16.12 14.68
N LYS C 137 28.78 -16.85 13.72
CA LYS C 137 29.41 -18.12 13.99
C LYS C 137 30.61 -17.92 14.91
N GLU C 138 31.34 -16.83 14.71
CA GLU C 138 32.42 -16.45 15.61
C GLU C 138 31.92 -16.13 17.01
N ASN C 139 30.65 -15.75 17.16
CA ASN C 139 30.08 -15.35 18.44
C ASN C 139 29.73 -16.52 19.35
N GLU C 140 29.70 -17.74 18.82
CA GLU C 140 29.30 -18.93 19.57
C GLU C 140 27.89 -18.76 20.14
N PHE C 141 26.91 -18.64 19.25
CA PHE C 141 25.54 -18.36 19.63
C PHE C 141 24.57 -19.35 19.03
N ASP C 142 23.30 -19.22 19.43
CA ASP C 142 22.23 -20.01 18.84
C ASP C 142 22.11 -19.70 17.36
N LEU C 143 22.36 -20.69 16.51
CA LEU C 143 22.45 -20.47 15.08
C LEU C 143 21.07 -20.34 14.44
N LYS C 144 20.01 -20.33 15.25
CA LYS C 144 18.66 -20.27 14.68
C LYS C 144 18.40 -18.91 14.03
N ASN C 145 18.70 -17.82 14.74
CA ASN C 145 18.43 -16.49 14.20
C ASN C 145 19.28 -16.23 12.95
N ALA C 146 20.57 -16.55 13.03
CA ALA C 146 21.46 -16.35 11.90
C ALA C 146 21.06 -17.24 10.73
N TRP C 147 20.63 -18.47 11.02
CA TRP C 147 20.17 -19.36 9.96
C TRP C 147 18.93 -18.80 9.28
N THR C 148 18.01 -18.23 10.05
CA THR C 148 16.83 -17.62 9.45
C THR C 148 17.21 -16.44 8.56
N MET C 149 18.13 -15.60 9.04
CA MET C 149 18.56 -14.46 8.23
C MET C 149 19.23 -14.92 6.93
N LEU C 150 20.09 -15.93 7.03
CA LEU C 150 20.77 -16.46 5.84
C LEU C 150 19.76 -17.10 4.89
N SER C 151 18.76 -17.78 5.43
CA SER C 151 17.72 -18.37 4.59
C SER C 151 16.92 -17.30 3.86
N ARG C 152 16.63 -16.19 4.54
CA ARG C 152 15.96 -15.08 3.88
C ARG C 152 16.82 -14.51 2.75
N ALA C 153 18.13 -14.33 3.03
CA ALA C 153 19.03 -13.79 2.03
C ALA C 153 19.11 -14.70 0.81
N GLU C 154 19.19 -16.02 1.04
CA GLU C 154 19.24 -16.96 -0.07
C GLU C 154 17.91 -17.07 -0.79
N TYR C 155 16.79 -16.93 -0.08
CA TYR C 155 15.49 -16.91 -0.74
C TYR C 155 15.38 -15.71 -1.66
N GLN C 156 16.02 -14.60 -1.29
CA GLN C 156 15.98 -13.42 -2.15
C GLN C 156 16.59 -13.71 -3.52
N VAL C 157 17.79 -14.30 -3.54
CA VAL C 157 18.44 -14.60 -4.82
C VAL C 157 17.71 -15.74 -5.53
N ARG C 158 17.17 -16.68 -4.77
CA ARG C 158 16.35 -17.73 -5.39
C ARG C 158 15.19 -17.12 -6.15
N ARG C 159 14.43 -16.23 -5.49
CA ARG C 159 13.32 -15.55 -6.15
C ARG C 159 13.80 -14.71 -7.32
N ALA C 160 15.02 -14.16 -7.21
CA ALA C 160 15.60 -13.42 -8.33
C ALA C 160 15.76 -14.33 -9.53
N MET C 161 16.17 -15.58 -9.31
CA MET C 161 16.29 -16.53 -10.42
C MET C 161 14.94 -16.76 -11.09
N ILE C 162 13.87 -16.92 -10.29
CA ILE C 162 12.55 -17.13 -10.87
C ILE C 162 12.11 -15.90 -11.67
N THR C 163 12.33 -14.71 -11.13
CA THR C 163 11.84 -13.52 -11.83
C THR C 163 12.67 -13.25 -13.08
N ILE C 164 13.93 -13.70 -13.12
CA ILE C 164 14.70 -13.66 -14.36
C ILE C 164 14.22 -14.67 -15.38
N LEU C 165 13.92 -15.90 -14.96
CA LEU C 165 13.51 -16.95 -15.89
C LEU C 165 12.08 -16.81 -16.39
N ALA C 166 11.19 -16.21 -15.59
CA ALA C 166 9.77 -16.19 -15.96
C ALA C 166 9.53 -15.32 -17.19
N ASP C 167 10.05 -14.09 -17.18
CA ASP C 167 9.85 -13.21 -18.32
C ASP C 167 10.66 -13.67 -19.53
N LYS C 168 11.75 -14.41 -19.30
CA LYS C 168 12.55 -14.95 -20.39
C LYS C 168 11.75 -16.00 -21.16
N ALA C 169 11.06 -16.85 -20.43
CA ALA C 169 10.28 -17.92 -21.05
C ALA C 169 8.93 -17.40 -21.46
N HIS C 170 8.15 -18.19 -22.17
CA HIS C 170 6.83 -17.73 -22.57
C HIS C 170 5.82 -17.90 -21.44
N VAL C 171 5.89 -16.98 -20.48
CA VAL C 171 5.06 -16.91 -19.29
C VAL C 171 5.34 -15.56 -18.61
N LYS C 172 4.65 -15.33 -17.50
CA LYS C 172 4.82 -14.08 -16.76
C LYS C 172 3.90 -14.51 -15.63
N LEU C 173 3.25 -13.50 -15.07
CA LEU C 173 2.33 -13.55 -13.93
C LEU C 173 3.20 -13.36 -12.70
N LYS C 174 4.13 -12.42 -12.77
CA LYS C 174 5.01 -12.15 -11.65
C LYS C 174 4.87 -10.69 -11.21
N PHE C 184 2.30 -18.25 -6.79
CA PHE C 184 2.97 -19.54 -6.92
C PHE C 184 3.61 -19.71 -8.29
N LYS C 185 3.57 -18.68 -9.13
CA LYS C 185 4.10 -18.73 -10.49
C LYS C 185 3.49 -19.89 -11.27
N LEU C 186 2.18 -20.06 -11.11
CA LEU C 186 1.42 -21.10 -11.81
C LEU C 186 2.04 -22.48 -11.59
N ASP C 187 1.93 -22.96 -10.36
CA ASP C 187 2.62 -24.17 -9.93
C ASP C 187 2.13 -25.42 -10.66
N SER C 188 1.22 -25.24 -11.63
CA SER C 188 0.77 -26.37 -12.44
C SER C 188 0.98 -26.13 -13.92
N ILE C 189 1.20 -24.87 -14.32
CA ILE C 189 1.30 -24.55 -15.74
C ILE C 189 2.63 -23.90 -16.08
N SER C 190 2.89 -22.71 -15.52
CA SER C 190 4.09 -21.98 -15.93
C SER C 190 5.35 -22.62 -15.35
N LYS C 191 5.21 -23.42 -14.30
CA LYS C 191 6.35 -24.21 -13.81
C LYS C 191 6.83 -25.17 -14.89
N GLY C 192 5.90 -25.86 -15.55
CA GLY C 192 6.26 -26.72 -16.65
C GLY C 192 6.88 -25.95 -17.80
N LYS C 193 6.37 -24.75 -18.08
CA LYS C 193 6.94 -23.93 -19.14
C LYS C 193 8.37 -23.53 -18.82
N ILE C 194 8.62 -23.16 -17.55
CA ILE C 194 9.98 -22.79 -17.14
C ILE C 194 10.92 -23.98 -17.28
N ARG C 195 10.49 -25.15 -16.79
CA ARG C 195 11.33 -26.33 -16.86
C ARG C 195 11.60 -26.76 -18.30
N GLU C 196 10.59 -26.63 -19.16
CA GLU C 196 10.79 -26.93 -20.58
C GLU C 196 11.74 -25.93 -21.24
N PHE C 197 11.61 -24.64 -20.90
CA PHE C 197 12.47 -23.62 -21.48
C PHE C 197 13.92 -23.82 -21.08
N VAL C 198 14.15 -24.25 -19.83
CA VAL C 198 15.51 -24.43 -19.36
C VAL C 198 16.04 -25.80 -19.77
N SER C 199 15.31 -26.52 -20.62
CA SER C 199 15.79 -27.83 -21.07
C SER C 199 16.21 -27.84 -22.52
N LYS C 200 15.83 -26.82 -23.30
CA LYS C 200 16.13 -26.81 -24.73
C LYS C 200 17.04 -25.72 -25.31
N GLN C 201 17.03 -24.53 -24.74
CA GLN C 201 17.84 -23.45 -25.30
C GLN C 201 19.18 -23.49 -24.56
N PRO C 202 19.23 -23.69 -23.24
CA PRO C 202 20.52 -23.54 -22.55
C PRO C 202 21.48 -24.66 -22.92
N LYS C 203 22.78 -24.33 -22.91
CA LYS C 203 23.81 -25.32 -23.15
C LYS C 203 24.69 -25.39 -21.91
N ALA C 204 25.22 -24.27 -21.43
CA ALA C 204 26.09 -24.30 -20.27
C ALA C 204 25.43 -23.73 -19.03
N ASP C 205 24.50 -22.78 -19.22
CA ASP C 205 23.77 -22.23 -18.07
C ASP C 205 22.90 -23.29 -17.40
N SER C 206 22.35 -24.20 -18.19
CA SER C 206 21.59 -25.32 -17.60
C SER C 206 22.48 -26.17 -16.72
N LYS C 207 23.73 -26.39 -17.14
CA LYS C 207 24.67 -27.16 -16.35
C LYS C 207 24.90 -26.51 -15.00
N TRP C 208 25.13 -25.20 -14.99
CA TRP C 208 25.35 -24.50 -13.73
C TRP C 208 24.11 -24.52 -12.86
N LEU C 209 22.94 -24.32 -13.47
CA LEU C 209 21.69 -24.31 -12.69
C LEU C 209 21.44 -25.67 -12.05
N ASN C 210 21.68 -26.75 -12.79
CA ASN C 210 21.46 -28.08 -12.25
C ASN C 210 22.50 -28.43 -11.19
N GLU C 211 23.76 -28.03 -11.41
CA GLU C 211 24.82 -28.34 -10.46
C GLU C 211 24.63 -27.56 -9.16
N THR C 212 24.14 -26.32 -9.27
CA THR C 212 24.00 -25.46 -8.09
C THR C 212 22.67 -25.71 -7.37
N TYR C 213 21.57 -25.70 -8.11
CA TYR C 213 20.26 -25.91 -7.51
C TYR C 213 19.63 -27.19 -8.06
N PRO C 214 19.99 -28.35 -7.50
CA PRO C 214 19.39 -29.61 -7.98
C PRO C 214 17.90 -29.70 -7.74
N THR C 215 17.38 -29.02 -6.72
CA THR C 215 15.96 -29.12 -6.37
C THR C 215 15.07 -28.32 -7.31
N PHE C 216 15.63 -27.61 -8.28
CA PHE C 216 14.80 -26.85 -9.21
C PHE C 216 13.84 -27.76 -9.98
N ASP C 217 14.36 -28.86 -10.51
CA ASP C 217 13.55 -29.89 -11.17
C ASP C 217 14.04 -31.23 -10.63
N LEU C 218 13.45 -31.66 -9.50
CA LEU C 218 13.94 -32.83 -8.80
C LEU C 218 13.39 -34.11 -9.40
N GLU C 219 12.16 -34.09 -9.92
CA GLU C 219 11.54 -35.29 -10.45
C GLU C 219 12.34 -35.93 -11.58
N LYS C 220 13.03 -35.14 -12.39
CA LYS C 220 13.85 -35.66 -13.48
C LYS C 220 15.26 -36.04 -13.04
N LYS C 221 15.64 -35.74 -11.80
CA LYS C 221 16.94 -36.17 -11.30
C LYS C 221 16.91 -37.66 -11.01
N GLN C 222 17.99 -38.36 -11.41
CA GLN C 222 18.00 -39.81 -11.32
C GLN C 222 18.60 -40.29 -10.00
N ILE C 223 19.85 -39.92 -9.72
CA ILE C 223 20.55 -40.35 -8.51
C ILE C 223 20.57 -39.19 -7.53
N ILE C 224 20.15 -39.44 -6.29
CA ILE C 224 20.14 -38.42 -5.26
C ILE C 224 21.09 -38.81 -4.14
N ILE C 225 22.35 -38.36 -4.24
CA ILE C 225 23.31 -38.62 -3.18
C ILE C 225 23.20 -37.52 -2.13
N LEU C 226 22.99 -37.92 -0.88
CA LEU C 226 22.81 -36.96 0.19
C LEU C 226 23.13 -37.63 1.52
N THR C 227 23.52 -36.82 2.50
CA THR C 227 23.78 -37.33 3.83
C THR C 227 22.47 -37.68 4.53
N THR C 228 22.58 -38.55 5.54
CA THR C 228 21.38 -38.99 6.27
C THR C 228 20.72 -37.82 7.00
N ALA C 229 21.51 -36.89 7.54
CA ALA C 229 20.93 -35.76 8.26
C ALA C 229 20.01 -34.96 7.36
N LYS C 230 20.47 -34.64 6.15
CA LYS C 230 19.59 -33.94 5.21
C LYS C 230 18.47 -34.85 4.73
N PHE C 231 18.70 -36.16 4.72
CA PHE C 231 17.65 -37.09 4.33
C PHE C 231 16.49 -37.11 5.31
N ILE C 232 16.74 -36.81 6.59
CA ILE C 232 15.70 -36.83 7.60
C ILE C 232 15.30 -35.43 8.08
N LYS C 233 15.97 -34.38 7.63
CA LYS C 233 15.67 -33.03 8.07
C LYS C 233 15.11 -32.13 6.97
N SER C 234 14.38 -32.72 6.00
CA SER C 234 13.67 -31.98 4.96
C SER C 234 14.61 -31.20 4.04
N TYR C 235 14.06 -30.67 2.95
CA TYR C 235 14.81 -29.90 1.98
C TYR C 235 13.97 -28.71 1.53
N THR C 236 14.66 -27.67 1.04
CA THR C 236 13.98 -26.46 0.58
C THR C 236 13.78 -26.52 -0.91
N PRO C 237 12.55 -26.57 -1.41
CA PRO C 237 12.33 -26.53 -2.86
C PRO C 237 12.70 -25.17 -3.43
N PHE C 238 12.97 -25.16 -4.73
CA PHE C 238 13.41 -23.95 -5.41
C PHE C 238 12.34 -22.86 -5.33
N PHE C 239 11.18 -23.11 -5.93
CA PHE C 239 10.15 -22.08 -6.03
C PHE C 239 9.53 -21.78 -4.66
N GLU C 240 9.14 -22.83 -3.93
CA GLU C 240 8.49 -22.63 -2.65
C GLU C 240 9.50 -22.24 -1.57
N LYS C 241 9.00 -21.50 -0.58
CA LYS C 241 9.81 -21.06 0.55
C LYS C 241 9.84 -22.08 1.68
N ARG C 242 8.70 -22.65 2.03
CA ARG C 242 8.64 -23.65 3.08
C ARG C 242 9.32 -24.94 2.63
N SER C 243 10.05 -25.56 3.55
CA SER C 243 10.86 -26.74 3.23
C SER C 243 10.00 -28.00 3.36
N LYS C 244 9.86 -28.73 2.26
CA LYS C 244 9.12 -29.99 2.28
C LYS C 244 9.98 -31.11 2.85
N ALA C 245 9.32 -32.05 3.52
CA ALA C 245 10.02 -33.17 4.15
C ALA C 245 10.31 -34.27 3.14
N PHE C 246 11.48 -34.89 3.29
CA PHE C 246 11.89 -35.96 2.37
C PHE C 246 11.01 -37.19 2.53
N ARG C 247 10.67 -37.54 3.78
CA ARG C 247 9.98 -38.81 4.04
C ARG C 247 8.58 -38.84 3.45
N TYR C 248 8.03 -37.69 3.06
CA TYR C 248 6.68 -37.62 2.53
C TYR C 248 6.62 -37.19 1.08
N SER C 249 7.73 -36.76 0.49
CA SER C 249 7.69 -36.20 -0.86
C SER C 249 7.32 -37.27 -1.88
N PRO C 250 6.42 -36.98 -2.82
CA PRO C 250 6.16 -37.91 -3.94
C PRO C 250 7.42 -38.33 -4.69
N ILE C 251 8.52 -37.60 -4.49
CA ILE C 251 9.79 -37.95 -5.11
C ILE C 251 10.22 -39.35 -4.67
N LEU C 252 10.00 -39.67 -3.40
CA LEU C 252 10.44 -40.93 -2.81
C LEU C 252 9.57 -42.10 -3.26
N LYS C 253 8.57 -41.82 -4.08
CA LYS C 253 7.66 -42.88 -4.54
C LYS C 253 8.40 -43.86 -5.44
N ASP C 254 8.31 -45.14 -5.09
CA ASP C 254 8.88 -46.23 -5.88
C ASP C 254 10.36 -46.00 -6.13
N ALA C 255 11.07 -45.49 -5.13
CA ALA C 255 12.49 -45.24 -5.26
C ALA C 255 13.30 -46.39 -4.68
N LEU C 256 14.58 -46.44 -5.04
CA LEU C 256 15.53 -47.36 -4.44
C LEU C 256 16.53 -46.55 -3.64
N VAL C 257 16.54 -46.74 -2.33
CA VAL C 257 17.36 -45.95 -1.42
C VAL C 257 18.47 -46.83 -0.88
N VAL C 258 19.69 -46.57 -1.33
CA VAL C 258 20.86 -47.27 -0.81
C VAL C 258 21.26 -46.61 0.50
N LEU C 259 21.42 -47.41 1.55
CA LEU C 259 21.81 -46.90 2.86
C LEU C 259 23.25 -47.33 3.12
N ASP C 260 24.19 -46.51 2.64
CA ASP C 260 25.59 -46.71 3.00
C ASP C 260 25.78 -46.38 4.47
N GLU C 261 26.59 -47.21 5.14
CA GLU C 261 26.77 -47.11 6.58
C GLU C 261 25.42 -47.20 7.29
N PHE C 262 24.58 -48.15 6.84
CA PHE C 262 23.21 -48.27 7.33
C PHE C 262 23.15 -48.46 8.83
N ASP C 263 24.21 -49.04 9.41
CA ASP C 263 24.25 -49.19 10.86
C ASP C 263 24.21 -47.84 11.58
N SER C 264 24.66 -46.78 10.93
CA SER C 264 24.63 -45.45 11.54
C SER C 264 23.33 -44.71 11.32
N THR C 265 22.41 -45.26 10.53
CA THR C 265 21.11 -44.63 10.30
C THR C 265 20.12 -45.06 11.36
N LYS C 266 20.61 -45.50 12.51
CA LYS C 266 19.80 -45.85 13.66
C LYS C 266 19.85 -44.77 14.74
N LYS C 267 21.05 -44.38 15.15
CA LYS C 267 21.19 -43.34 16.17
C LYS C 267 20.62 -42.01 15.70
N GLN C 268 20.87 -41.64 14.44
CA GLN C 268 20.33 -40.39 13.92
C GLN C 268 18.82 -40.39 13.93
N ILE C 269 18.21 -41.50 13.48
CA ILE C 269 16.75 -41.58 13.45
C ILE C 269 16.18 -41.51 14.87
N LEU C 270 16.78 -42.26 15.81
CA LEU C 270 16.27 -42.25 17.17
C LEU C 270 16.41 -40.87 17.80
N GLU C 271 17.56 -40.22 17.61
CA GLU C 271 17.77 -38.88 18.15
C GLU C 271 16.80 -37.86 17.57
N SER C 272 16.57 -37.89 16.26
CA SER C 272 15.59 -37.01 15.66
C SER C 272 14.18 -37.29 16.17
N ALA C 273 13.81 -38.56 16.31
CA ALA C 273 12.48 -38.90 16.79
C ALA C 273 12.26 -38.42 18.22
N ILE C 274 13.26 -38.55 19.09
CA ILE C 274 13.08 -38.14 20.48
C ILE C 274 12.96 -36.62 20.58
N ASP C 275 13.73 -35.88 19.78
CA ASP C 275 13.55 -34.42 19.76
C ASP C 275 12.20 -34.03 19.20
N GLU C 276 11.73 -34.74 18.17
CA GLU C 276 10.42 -34.43 17.60
C GLU C 276 9.31 -34.69 18.62
N ALA C 277 9.43 -35.79 19.37
CA ALA C 277 8.42 -36.10 20.38
C ALA C 277 8.44 -35.08 21.52
N LEU C 278 9.64 -34.70 21.98
CA LEU C 278 9.72 -33.75 23.08
C LEU C 278 9.26 -32.35 22.66
N LYS C 279 9.54 -31.98 21.41
CA LYS C 279 9.23 -30.63 20.94
C LYS C 279 7.73 -30.39 20.80
N ILE C 280 6.96 -31.40 20.42
CA ILE C 280 5.54 -31.21 20.12
C ILE C 280 4.70 -31.82 21.24
N GLN C 281 4.07 -30.96 22.04
CA GLN C 281 3.24 -31.37 23.16
C GLN C 281 1.83 -30.82 23.01
N ALA C 282 0.88 -31.54 23.60
CA ALA C 282 -0.51 -31.12 23.57
C ALA C 282 -1.25 -31.76 24.74
N ASP C 283 -2.39 -31.16 25.10
CA ASP C 283 -3.21 -31.71 26.17
C ASP C 283 -4.07 -32.85 25.64
N LEU C 284 -4.03 -33.99 26.33
CA LEU C 284 -4.75 -35.17 25.87
C LEU C 284 -6.26 -34.96 25.95
N ASN C 285 -6.73 -34.33 27.03
CA ASN C 285 -8.16 -34.18 27.24
C ASN C 285 -8.80 -33.29 26.17
N SER C 286 -8.21 -32.12 25.93
CA SER C 286 -8.76 -31.21 24.94
C SER C 286 -8.63 -31.77 23.52
N LEU C 287 -7.51 -32.46 23.27
CA LEU C 287 -7.26 -33.00 21.93
C LEU C 287 -8.27 -34.09 21.57
N PHE C 288 -8.59 -34.95 22.53
CA PHE C 288 -9.56 -36.01 22.27
C PHE C 288 -10.94 -35.44 21.98
N VAL C 289 -11.42 -34.54 22.85
CA VAL C 289 -12.77 -34.01 22.70
C VAL C 289 -12.89 -33.19 21.41
N ASP C 290 -11.82 -32.50 21.03
CA ASP C 290 -11.83 -31.74 19.78
C ASP C 290 -11.95 -32.67 18.58
N LEU C 291 -11.25 -33.81 18.63
CA LEU C 291 -11.32 -34.76 17.53
C LEU C 291 -12.72 -35.35 17.40
N SER C 292 -13.35 -35.67 18.54
CA SER C 292 -14.68 -36.28 18.51
C SER C 292 -15.70 -35.31 17.93
N LYS C 293 -15.59 -34.02 18.26
CA LYS C 293 -16.49 -33.04 17.67
C LYS C 293 -16.29 -32.95 16.16
N GLY C 294 -15.03 -32.97 15.72
CA GLY C 294 -14.77 -33.03 14.29
C GLY C 294 -15.24 -34.31 13.65
N LEU C 295 -15.08 -35.44 14.33
CA LEU C 295 -15.61 -36.69 13.83
C LEU C 295 -17.14 -36.66 13.78
N ASN C 296 -17.77 -36.11 14.81
CA ASN C 296 -19.22 -35.96 14.80
C ASN C 296 -19.67 -34.99 13.71
N LYS C 297 -18.80 -34.05 13.33
CA LYS C 297 -19.12 -33.13 12.24
C LYS C 297 -19.32 -33.88 10.93
N VAL C 298 -18.52 -34.92 10.72
CA VAL C 298 -18.62 -35.67 9.47
C VAL C 298 -19.98 -36.32 9.39
N ASN C 299 -20.31 -37.14 10.36
CA ASN C 299 -21.56 -37.87 10.31
C ASN C 299 -22.70 -36.92 10.06
N GLU C 300 -22.73 -35.82 10.80
CA GLU C 300 -23.83 -34.88 10.67
C GLU C 300 -23.60 -33.91 9.52
N GLY C 301 -23.59 -34.43 8.30
CA GLY C 301 -23.42 -33.57 7.15
C GLY C 301 -22.17 -32.77 7.30
N GLN C 302 -22.22 -31.50 6.90
CA GLN C 302 -21.06 -30.63 7.03
C GLN C 302 -19.89 -31.18 6.25
N LEU C 303 -18.74 -30.54 6.36
CA LEU C 303 -17.57 -30.96 5.60
C LEU C 303 -17.81 -30.69 4.13
N PRO C 304 -16.75 -30.60 3.34
CA PRO C 304 -16.95 -30.22 1.93
C PRO C 304 -17.42 -31.34 1.02
N ALA C 305 -17.84 -32.47 1.57
CA ALA C 305 -18.38 -33.57 0.76
C ALA C 305 -17.30 -34.26 -0.05
N LYS C 306 -16.51 -33.48 -0.78
CA LYS C 306 -15.41 -34.07 -1.51
C LYS C 306 -14.72 -34.98 -0.53
N LEU C 307 -14.62 -34.52 0.71
CA LEU C 307 -14.00 -35.32 1.74
C LEU C 307 -15.06 -36.12 2.46
N GLY C 308 -16.31 -35.70 2.35
CA GLY C 308 -17.37 -36.38 3.07
C GLY C 308 -17.65 -37.78 2.61
N LYS C 309 -17.64 -38.02 1.31
CA LYS C 309 -17.96 -39.33 0.79
C LYS C 309 -17.05 -40.38 1.40
N SER C 310 -15.80 -40.40 0.96
CA SER C 310 -14.83 -41.36 1.50
C SER C 310 -15.16 -41.70 2.95
N PHE C 311 -15.54 -40.70 3.73
CA PHE C 311 -15.76 -40.92 5.16
C PHE C 311 -17.02 -41.74 5.41
N THR C 312 -18.11 -41.43 4.71
CA THR C 312 -19.35 -42.18 4.90
C THR C 312 -19.19 -43.62 4.45
N PHE C 313 -18.43 -43.84 3.37
CA PHE C 313 -18.05 -45.18 2.96
C PHE C 313 -17.08 -45.76 3.99
N ARG C 314 -16.67 -47.02 3.80
CA ARG C 314 -15.68 -47.65 4.67
C ARG C 314 -16.15 -47.67 6.12
N ASP C 315 -17.15 -48.52 6.36
CA ASP C 315 -18.05 -48.55 7.52
C ASP C 315 -17.42 -48.16 8.86
N ALA C 316 -16.17 -48.55 9.10
CA ALA C 316 -15.50 -48.33 10.39
C ALA C 316 -15.59 -46.88 10.89
N PHE C 317 -15.94 -45.97 9.98
CA PHE C 317 -16.14 -44.58 10.35
C PHE C 317 -17.22 -44.43 11.42
N LYS C 318 -18.30 -45.23 11.32
CA LYS C 318 -19.35 -45.11 12.32
C LYS C 318 -18.96 -45.84 13.61
N GLU C 319 -18.16 -46.89 13.53
CA GLU C 319 -17.79 -47.61 14.74
C GLU C 319 -16.82 -46.80 15.59
N ILE C 320 -15.89 -46.08 14.96
CA ILE C 320 -15.00 -45.23 15.76
C ILE C 320 -15.81 -44.12 16.44
N LEU C 321 -16.82 -43.58 15.75
CA LEU C 321 -17.66 -42.54 16.34
C LEU C 321 -18.51 -43.06 17.49
N ASN C 322 -19.13 -44.24 17.36
CA ASN C 322 -19.95 -44.72 18.46
C ASN C 322 -19.05 -45.13 19.62
N ASP C 323 -17.83 -45.60 19.35
CA ASP C 323 -16.87 -45.85 20.43
C ASP C 323 -16.56 -44.55 21.17
N ALA C 324 -16.31 -43.48 20.42
CA ALA C 324 -16.02 -42.18 21.03
C ALA C 324 -17.18 -41.73 21.91
N GLU C 325 -18.39 -41.75 21.35
CA GLU C 325 -19.56 -41.28 22.10
C GLU C 325 -19.82 -42.17 23.30
N GLN C 326 -19.53 -43.48 23.18
CA GLN C 326 -19.73 -44.38 24.29
C GLN C 326 -18.79 -44.06 25.44
N LEU C 327 -17.50 -43.95 25.17
CA LEU C 327 -16.55 -43.72 26.25
C LEU C 327 -16.53 -42.29 26.76
N THR C 328 -17.04 -41.33 25.99
CA THR C 328 -17.14 -39.96 26.48
C THR C 328 -18.05 -39.88 27.70
N ALA C 329 -19.19 -40.58 27.66
CA ALA C 329 -20.06 -40.63 28.82
C ALA C 329 -19.42 -41.41 29.97
N GLU C 330 -18.68 -42.47 29.64
CA GLU C 330 -18.04 -43.27 30.70
C GLU C 330 -17.00 -42.48 31.48
N PHE C 331 -16.19 -41.66 30.80
CA PHE C 331 -15.10 -40.97 31.48
C PHE C 331 -15.33 -39.47 31.62
N LYS C 332 -16.47 -38.95 31.16
CA LYS C 332 -16.87 -37.57 31.39
C LYS C 332 -15.81 -36.57 30.95
N LEU C 333 -15.19 -36.81 29.80
CA LEU C 333 -14.20 -35.88 29.27
C LEU C 333 -14.91 -34.63 28.76
N ASP C 334 -16.24 -34.69 28.64
CA ASP C 334 -17.05 -33.51 28.41
C ASP C 334 -16.94 -32.53 29.58
N PHE C 335 -16.76 -33.07 30.80
CA PHE C 335 -16.59 -32.25 31.99
C PHE C 335 -15.10 -32.01 32.23
N LEU C 336 -14.76 -30.84 32.73
CA LEU C 336 -13.35 -30.45 32.85
C LEU C 336 -12.72 -30.99 34.12
N TYR C 337 -11.56 -31.62 33.95
CA TYR C 337 -10.82 -32.24 35.05
C TYR C 337 -10.29 -31.19 36.01
N LYS C 338 -9.81 -31.64 37.17
CA LYS C 338 -9.40 -30.73 38.24
C LYS C 338 -8.32 -31.37 39.09
N MET C 339 -7.21 -30.66 39.26
CA MET C 339 -6.19 -31.01 40.25
C MET C 339 -6.53 -30.38 41.60
N GLU C 340 -5.96 -30.94 42.65
CA GLU C 340 -6.04 -30.32 43.98
C GLU C 340 -4.66 -30.26 44.64
N GLY C 347 4.63 -35.15 38.53
CA GLY C 347 5.37 -36.36 38.25
C GLY C 347 4.89 -37.08 37.00
N PHE C 348 5.82 -37.70 36.28
CA PHE C 348 5.48 -38.42 35.07
C PHE C 348 4.73 -39.70 35.40
N VAL C 349 3.94 -40.18 34.43
CA VAL C 349 3.26 -41.46 34.54
C VAL C 349 3.61 -42.29 33.31
N MET C 350 4.63 -43.14 33.44
CA MET C 350 5.06 -43.97 32.32
C MET C 350 4.04 -45.07 32.04
N ARG C 351 4.06 -45.57 30.81
CA ARG C 351 3.13 -46.60 30.38
C ARG C 351 3.83 -47.56 29.43
N VAL C 352 3.32 -48.78 29.37
CA VAL C 352 3.86 -49.81 28.49
C VAL C 352 2.73 -50.52 27.76
N LYS C 362 -0.48 -43.01 46.61
CA LYS C 362 0.49 -42.61 45.59
C LYS C 362 -0.01 -42.64 44.14
N PRO C 363 -1.00 -43.51 43.78
CA PRO C 363 -1.57 -43.41 42.43
C PRO C 363 -2.75 -42.45 42.37
N TRP C 364 -3.18 -42.07 41.18
CA TRP C 364 -4.30 -41.14 41.05
C TRP C 364 -5.66 -41.77 40.78
N ASN C 365 -6.69 -41.13 41.31
CA ASN C 365 -8.08 -41.58 41.15
C ASN C 365 -9.00 -40.43 40.72
N ALA C 366 -10.23 -40.74 40.33
CA ALA C 366 -11.14 -39.69 39.88
C ALA C 366 -12.63 -40.01 40.01
N TYR C 367 -13.32 -39.25 40.84
CA TYR C 367 -14.75 -39.42 41.07
C TYR C 367 -15.56 -38.58 40.11
N PHE C 368 -16.55 -37.87 40.63
CA PHE C 368 -17.33 -36.95 39.81
C PHE C 368 -18.33 -36.29 40.74
N ASP C 369 -17.85 -35.33 41.52
CA ASP C 369 -18.72 -34.65 42.46
C ASP C 369 -19.71 -33.82 41.71
N GLU C 370 -20.98 -34.22 41.76
CA GLU C 370 -21.99 -33.50 41.02
C GLU C 370 -22.04 -32.06 41.48
N GLU C 371 -21.93 -31.85 42.78
CA GLU C 371 -21.95 -30.50 43.30
C GLU C 371 -20.99 -29.65 42.53
N LEU C 372 -19.76 -30.11 42.43
CA LEU C 372 -18.75 -29.34 41.72
C LEU C 372 -18.98 -29.40 40.22
N ARG C 373 -19.69 -30.42 39.76
CA ARG C 373 -19.89 -30.57 38.32
C ARG C 373 -18.55 -30.70 37.60
N GLN C 374 -17.64 -31.51 38.14
CA GLN C 374 -16.34 -31.74 37.52
C GLN C 374 -15.82 -33.02 38.10
N VAL C 375 -14.57 -33.38 37.81
CA VAL C 375 -14.06 -34.55 38.48
C VAL C 375 -12.78 -34.16 39.18
N VAL C 376 -12.57 -34.65 40.40
CA VAL C 376 -11.45 -34.20 41.25
C VAL C 376 -9.99 -34.70 41.19
N LEU C 377 -9.76 -36.01 41.13
CA LEU C 377 -8.41 -36.60 41.14
C LEU C 377 -7.41 -36.28 42.30
N GLY C 378 -7.92 -36.02 43.51
CA GLY C 378 -7.14 -35.85 44.74
C GLY C 378 -7.19 -37.22 45.45
N ARG C 379 -6.20 -37.64 46.28
CA ARG C 379 -6.34 -39.04 46.63
C ARG C 379 -7.15 -39.25 47.91
N GLN C 380 -8.38 -39.75 47.74
CA GLN C 380 -9.29 -40.17 48.80
C GLN C 380 -10.24 -41.18 48.18
N PRO C 381 -9.75 -42.38 47.81
CA PRO C 381 -10.45 -43.21 46.81
C PRO C 381 -11.94 -43.40 47.07
N ARG C 382 -12.76 -42.78 46.22
CA ARG C 382 -14.21 -42.92 46.29
C ARG C 382 -14.74 -43.84 45.20
N ASN C 383 -14.51 -43.45 43.94
CA ASN C 383 -15.07 -44.15 42.78
C ASN C 383 -14.00 -44.28 41.69
N ASP C 384 -12.84 -44.79 42.10
CA ASP C 384 -11.72 -44.91 41.17
C ASP C 384 -12.08 -45.87 40.05
N LEU C 385 -12.34 -45.32 38.86
CA LEU C 385 -12.61 -46.12 37.67
C LEU C 385 -11.30 -46.63 37.07
N ASN C 386 -10.24 -46.59 37.88
CA ASN C 386 -8.89 -46.97 37.49
C ASN C 386 -8.55 -46.03 36.33
N PHE C 387 -8.43 -44.74 36.68
CA PHE C 387 -7.93 -43.72 35.77
C PHE C 387 -6.71 -44.23 34.98
N GLN C 388 -5.91 -45.08 35.62
CA GLN C 388 -4.77 -45.71 34.96
C GLN C 388 -5.21 -46.55 33.77
N ARG C 389 -6.50 -46.95 33.74
CA ARG C 389 -7.02 -47.60 32.54
C ARG C 389 -7.77 -46.60 31.66
N MET C 390 -8.10 -45.42 32.20
CA MET C 390 -8.64 -44.36 31.35
C MET C 390 -7.60 -43.94 30.32
N LEU C 391 -6.35 -43.80 30.76
CA LEU C 391 -5.30 -43.33 29.84
C LEU C 391 -5.14 -44.23 28.62
N PRO C 392 -4.95 -45.56 28.77
CA PRO C 392 -4.74 -46.40 27.59
C PRO C 392 -5.93 -46.48 26.66
N ARG C 393 -7.17 -46.44 27.18
CA ARG C 393 -8.32 -46.47 26.29
C ARG C 393 -8.33 -45.27 25.36
N ILE C 394 -8.11 -44.08 25.93
CA ILE C 394 -8.04 -42.88 25.11
C ILE C 394 -6.87 -42.97 24.14
N SER C 395 -5.74 -43.48 24.60
CA SER C 395 -4.56 -43.60 23.74
C SER C 395 -4.84 -44.48 22.53
N VAL C 396 -5.42 -45.67 22.77
CA VAL C 396 -5.67 -46.60 21.67
C VAL C 396 -6.77 -46.08 20.74
N PHE C 397 -7.79 -45.40 21.30
CA PHE C 397 -8.80 -44.80 20.44
C PHE C 397 -8.18 -43.74 19.54
N LEU C 398 -7.30 -42.91 20.11
CA LEU C 398 -6.63 -41.89 19.30
C LEU C 398 -5.77 -42.53 18.22
N LYS C 399 -5.07 -43.62 18.56
CA LYS C 399 -4.28 -44.32 17.57
C LYS C 399 -5.14 -44.81 16.40
N GLY C 400 -6.24 -45.50 16.72
CA GLY C 400 -7.09 -46.01 15.66
C GLY C 400 -7.71 -44.91 14.81
N ALA C 401 -8.20 -43.85 15.47
CA ALA C 401 -8.78 -42.73 14.73
C ALA C 401 -7.75 -42.07 13.85
N THR C 402 -6.51 -41.96 14.33
CA THR C 402 -5.47 -41.32 13.54
C THR C 402 -5.09 -42.19 12.33
N LYS C 403 -5.06 -43.51 12.49
CA LYS C 403 -4.83 -44.36 11.32
C LYS C 403 -5.95 -44.21 10.30
N PHE C 404 -7.19 -44.15 10.77
CA PHE C 404 -8.32 -43.97 9.86
C PHE C 404 -8.20 -42.65 9.11
N ILE C 405 -7.86 -41.58 9.84
CA ILE C 405 -7.69 -40.27 9.22
C ILE C 405 -6.54 -40.29 8.24
N LEU C 406 -5.47 -41.02 8.55
CA LEU C 406 -4.35 -41.13 7.62
C LEU C 406 -4.78 -41.81 6.33
N ASN C 407 -5.58 -42.87 6.43
CA ASN C 407 -6.07 -43.54 5.22
C ASN C 407 -6.94 -42.60 4.39
N ARG C 408 -7.83 -41.86 5.05
CA ARG C 408 -8.66 -40.91 4.32
C ARG C 408 -7.84 -39.81 3.70
N ALA C 409 -6.79 -39.36 4.39
CA ALA C 409 -5.90 -38.34 3.84
C ALA C 409 -5.16 -38.87 2.62
N ARG C 410 -4.76 -40.15 2.66
CA ARG C 410 -4.11 -40.76 1.49
C ARG C 410 -5.07 -40.80 0.30
N GLU C 411 -6.33 -41.17 0.55
CA GLU C 411 -7.32 -41.20 -0.52
C GLU C 411 -7.55 -39.81 -1.11
N TYR C 412 -7.70 -38.82 -0.24
CA TYR C 412 -7.91 -37.45 -0.71
C TYR C 412 -6.68 -36.94 -1.44
N GLN C 413 -5.49 -37.35 -0.99
CA GLN C 413 -4.25 -37.01 -1.68
C GLN C 413 -4.23 -37.56 -3.10
N VAL C 414 -4.49 -38.85 -3.26
CA VAL C 414 -4.36 -39.46 -4.58
C VAL C 414 -5.42 -38.85 -5.49
N SER C 415 -6.62 -38.59 -4.95
CA SER C 415 -7.65 -37.95 -5.76
C SER C 415 -7.22 -36.57 -6.22
N GLU C 416 -6.75 -35.73 -5.31
CA GLU C 416 -6.39 -34.36 -5.65
C GLU C 416 -5.24 -34.32 -6.64
N ASN C 417 -4.25 -35.18 -6.46
CA ASN C 417 -3.13 -35.23 -7.39
C ASN C 417 -3.54 -35.79 -8.74
N GLN C 418 -4.54 -36.67 -8.76
CA GLN C 418 -4.93 -37.27 -10.04
C GLN C 418 -5.76 -36.29 -10.87
N LYS C 419 -6.63 -35.50 -10.22
CA LYS C 419 -7.39 -34.54 -11.01
C LYS C 419 -6.53 -33.37 -11.46
N LEU C 420 -5.59 -32.97 -10.61
CA LEU C 420 -4.69 -31.92 -10.98
C LEU C 420 -3.42 -32.54 -11.53
N SER C 421 -3.50 -33.04 -12.75
CA SER C 421 -2.31 -33.59 -13.36
C SER C 421 -1.24 -32.52 -13.34
N SER C 422 -0.03 -32.88 -12.92
CA SER C 422 1.01 -31.88 -12.78
C SER C 422 2.41 -32.48 -12.81
N LEU C 423 3.42 -31.64 -12.65
CA LEU C 423 4.79 -32.10 -12.67
C LEU C 423 5.27 -32.59 -11.30
N ASP C 424 4.70 -33.70 -10.83
CA ASP C 424 5.14 -34.27 -9.56
C ASP C 424 5.42 -33.21 -8.50
N ASP C 425 4.40 -32.47 -8.10
CA ASP C 425 4.56 -31.46 -7.05
C ASP C 425 3.22 -31.01 -6.47
N ALA C 426 2.68 -31.77 -5.52
CA ALA C 426 1.41 -31.38 -4.88
C ALA C 426 1.01 -32.29 -3.73
N MET C 427 0.45 -31.72 -2.66
CA MET C 427 -0.05 -32.56 -1.59
C MET C 427 0.88 -33.67 -1.08
N THR C 428 1.91 -33.24 -0.36
CA THR C 428 2.96 -34.12 0.13
C THR C 428 2.51 -35.00 1.30
N ILE C 429 1.20 -35.19 1.47
CA ILE C 429 0.53 -36.06 2.43
C ILE C 429 0.89 -35.64 3.86
N GLU C 430 1.41 -34.43 4.03
CA GLU C 430 1.55 -33.90 5.39
C GLU C 430 0.48 -32.83 5.22
N ASP C 431 0.46 -32.19 4.05
CA ASP C 431 -0.58 -31.23 3.74
C ASP C 431 -1.96 -31.88 3.73
N ALA C 432 -2.05 -33.12 3.24
CA ALA C 432 -3.34 -33.80 3.18
C ALA C 432 -3.91 -34.02 4.58
N CYS C 433 -3.13 -34.63 5.48
CA CYS C 433 -3.62 -34.85 6.84
C CYS C 433 -3.85 -33.54 7.57
N PHE C 434 -2.99 -32.55 7.37
CA PHE C 434 -3.19 -31.28 8.06
C PHE C 434 -4.44 -30.57 7.56
N SER C 435 -4.75 -30.68 6.27
CA SER C 435 -5.99 -30.15 5.73
C SER C 435 -7.20 -30.89 6.30
N ILE C 436 -7.10 -32.22 6.43
CA ILE C 436 -8.19 -32.99 7.02
C ILE C 436 -8.44 -32.52 8.45
N TYR C 437 -7.37 -32.32 9.22
CA TYR C 437 -7.52 -31.93 10.62
C TYR C 437 -8.00 -30.49 10.74
N ALA C 438 -7.56 -29.60 9.86
CA ALA C 438 -8.02 -28.22 9.88
C ALA C 438 -9.48 -28.09 9.47
N ALA C 439 -9.95 -28.95 8.57
CA ALA C 439 -11.38 -28.97 8.23
C ALA C 439 -12.21 -29.48 9.41
N LEU C 440 -11.66 -30.42 10.17
CA LEU C 440 -12.35 -31.01 11.31
C LEU C 440 -12.38 -30.12 12.53
N GLY C 441 -11.84 -28.90 12.44
CA GLY C 441 -11.84 -28.01 13.57
C GLY C 441 -10.85 -28.39 14.65
N LEU C 442 -9.56 -28.43 14.30
CA LEU C 442 -8.50 -28.75 15.23
C LEU C 442 -7.37 -27.75 15.07
N SER C 443 -6.66 -27.51 16.17
CA SER C 443 -5.57 -26.55 16.17
C SER C 443 -4.35 -27.12 15.46
N LYS C 444 -3.39 -26.25 15.17
CA LYS C 444 -2.18 -26.66 14.47
C LYS C 444 -1.38 -27.66 15.29
N SER C 445 -1.22 -27.38 16.59
CA SER C 445 -0.48 -28.30 17.45
C SER C 445 -1.21 -29.63 17.59
N GLN C 446 -2.53 -29.59 17.73
CA GLN C 446 -3.31 -30.82 17.80
C GLN C 446 -3.18 -31.61 16.50
N ALA C 447 -3.21 -30.92 15.36
CA ALA C 447 -3.03 -31.60 14.08
C ALA C 447 -1.66 -32.25 13.99
N LYS C 448 -0.63 -31.55 14.48
CA LYS C 448 0.72 -32.12 14.47
C LYS C 448 0.79 -33.39 15.32
N ILE C 449 0.22 -33.33 16.53
CA ILE C 449 0.24 -34.51 17.41
C ILE C 449 -0.53 -35.66 16.77
N LEU C 450 -1.70 -35.37 16.19
CA LEU C 450 -2.50 -36.42 15.58
C LEU C 450 -1.77 -37.06 14.40
N PHE C 451 -1.11 -36.25 13.56
CA PHE C 451 -0.37 -36.81 12.44
C PHE C 451 0.81 -37.63 12.92
N SER C 452 1.50 -37.17 13.96
CA SER C 452 2.62 -37.93 14.52
C SER C 452 2.14 -39.28 15.05
N LEU C 453 1.01 -39.30 15.74
CA LEU C 453 0.43 -40.56 16.18
C LEU C 453 0.01 -41.42 15.00
N GLY C 454 -0.55 -40.80 13.96
CA GLY C 454 -1.08 -41.52 12.81
C GLY C 454 -0.06 -42.20 11.93
N HIS C 455 1.10 -41.58 11.72
CA HIS C 455 1.99 -42.14 10.70
C HIS C 455 2.59 -43.45 11.19
N ASP C 456 1.79 -44.52 11.19
CA ASP C 456 2.21 -45.82 11.66
C ASP C 456 1.70 -46.92 10.73
N PHE C 457 1.48 -46.57 9.47
CA PHE C 457 0.99 -47.53 8.48
C PHE C 457 1.48 -47.17 7.08
N GLY C 472 5.92 -59.53 17.54
CA GLY C 472 6.30 -58.18 17.88
C GLY C 472 6.44 -57.95 19.38
N ARG C 473 7.41 -57.16 19.77
CA ARG C 473 7.63 -56.87 21.18
C ARG C 473 6.70 -55.76 21.65
N ARG C 474 6.71 -55.50 22.95
CA ARG C 474 5.84 -54.48 23.51
C ARG C 474 6.26 -53.08 23.08
N PHE C 475 7.55 -52.78 23.09
CA PHE C 475 7.93 -51.44 22.68
C PHE C 475 7.61 -51.23 21.22
N GLN C 476 7.88 -52.22 20.39
CA GLN C 476 7.66 -52.04 18.97
C GLN C 476 6.18 -52.15 18.60
N GLN C 477 5.31 -52.45 19.56
CA GLN C 477 3.88 -52.58 19.27
C GLN C 477 3.09 -51.32 19.60
N ARG C 478 3.27 -50.76 20.80
CA ARG C 478 2.50 -49.59 21.21
C ARG C 478 3.42 -48.50 21.76
N GLY C 479 4.64 -48.87 22.12
CA GLY C 479 5.62 -47.88 22.52
C GLY C 479 5.35 -47.22 23.87
N LEU C 480 6.09 -46.14 24.08
CA LEU C 480 6.03 -45.39 25.33
C LEU C 480 5.01 -44.25 25.22
N SER C 481 4.30 -44.01 26.31
CA SER C 481 3.36 -42.91 26.39
C SER C 481 3.37 -42.29 27.78
N LEU C 482 4.15 -41.23 27.96
CA LEU C 482 4.32 -40.62 29.27
C LEU C 482 3.39 -39.41 29.40
N PHE C 483 2.70 -39.31 30.52
CA PHE C 483 1.79 -38.22 30.82
C PHE C 483 2.26 -37.46 32.05
N GLN C 484 1.91 -36.18 32.10
CA GLN C 484 2.35 -35.33 33.20
C GLN C 484 1.29 -34.27 33.47
N PHE C 485 0.79 -34.23 34.70
CA PHE C 485 -0.17 -33.21 35.08
C PHE C 485 0.54 -31.86 35.25
N THR C 486 -0.26 -30.80 35.28
CA THR C 486 0.29 -29.45 35.44
C THR C 486 -0.81 -28.54 35.98
N ASN C 487 -0.41 -27.37 36.44
CA ASN C 487 -1.33 -26.34 36.89
C ASN C 487 -0.78 -24.98 36.49
N ASP C 488 -1.69 -24.03 36.30
CA ASP C 488 -1.31 -22.70 35.89
C ASP C 488 -2.35 -21.70 36.37
N PRO C 489 -1.91 -20.57 36.94
CA PRO C 489 -2.88 -19.53 37.31
C PRO C 489 -3.64 -18.98 36.11
N GLN C 490 -3.09 -19.12 34.90
CA GLN C 490 -3.81 -18.69 33.71
C GLN C 490 -5.09 -19.48 33.49
N HIS C 491 -5.13 -20.74 33.93
CA HIS C 491 -6.32 -21.60 33.84
C HIS C 491 -6.37 -22.44 35.12
N ASP C 492 -7.12 -21.96 36.11
CA ASP C 492 -7.17 -22.64 37.40
C ASP C 492 -8.35 -23.60 37.53
N LEU C 493 -9.42 -23.37 36.77
CA LEU C 493 -10.58 -24.26 36.87
C LEU C 493 -10.40 -25.57 36.12
N GLN C 494 -9.35 -25.71 35.33
CA GLN C 494 -9.05 -26.95 34.63
C GLN C 494 -7.58 -27.30 34.81
N THR C 495 -7.26 -28.57 34.62
CA THR C 495 -5.90 -29.07 34.69
C THR C 495 -5.55 -29.71 33.37
N LYS C 496 -4.48 -29.21 32.74
CA LYS C 496 -4.06 -29.73 31.44
C LYS C 496 -3.28 -31.02 31.65
N ILE C 497 -3.82 -32.13 31.14
CA ILE C 497 -3.14 -33.42 31.20
C ILE C 497 -2.22 -33.45 30.00
N ASN C 498 -1.01 -32.91 30.16
CA ASN C 498 -0.05 -32.86 29.08
C ASN C 498 0.45 -34.25 28.76
N ALA C 499 0.44 -34.60 27.48
CA ALA C 499 0.77 -35.94 27.01
C ALA C 499 1.95 -35.90 26.06
N CYS C 500 2.98 -36.69 26.37
CA CYS C 500 4.10 -36.91 25.46
C CYS C 500 3.99 -38.32 24.91
N PHE C 501 4.01 -38.44 23.58
CA PHE C 501 3.75 -39.70 22.90
C PHE C 501 4.95 -40.10 22.08
N PHE C 502 5.34 -41.37 22.19
CA PHE C 502 6.41 -41.93 21.38
C PHE C 502 5.96 -43.28 20.86
N ASN C 503 5.77 -43.38 19.55
CA ASN C 503 5.41 -44.65 18.93
C ASN C 503 6.24 -44.98 17.70
N GLU C 504 7.13 -44.09 17.26
CA GLU C 504 7.90 -44.28 16.04
C GLU C 504 9.33 -44.67 16.43
N THR C 505 9.54 -45.95 16.68
CA THR C 505 10.88 -46.47 16.87
C THR C 505 11.59 -46.55 15.52
N PRO C 506 12.92 -46.57 15.52
CA PRO C 506 13.65 -46.60 14.23
C PRO C 506 13.26 -47.76 13.33
N GLU C 507 12.88 -48.89 13.90
CA GLU C 507 12.41 -50.01 13.07
C GLU C 507 11.13 -49.64 12.32
N ARG C 508 10.21 -48.94 12.98
CA ARG C 508 8.99 -48.53 12.29
C ARG C 508 9.27 -47.44 11.25
N TYR C 509 10.25 -46.58 11.51
CA TYR C 509 10.67 -45.63 10.50
C TYR C 509 11.21 -46.37 9.27
N LEU C 510 12.03 -47.40 9.50
CA LEU C 510 12.53 -48.21 8.40
C LEU C 510 11.38 -48.89 7.66
N LEU C 511 10.38 -49.36 8.40
CA LEU C 511 9.22 -50.00 7.77
C LEU C 511 8.44 -49.01 6.91
N ASN C 512 8.27 -47.78 7.38
CA ASN C 512 7.56 -46.77 6.59
C ASN C 512 8.35 -46.39 5.34
N LEU C 513 9.66 -46.24 5.47
CA LEU C 513 10.52 -45.98 4.32
C LEU C 513 10.45 -47.17 3.37
N LEU C 514 10.21 -48.35 3.94
CA LEU C 514 9.98 -49.56 3.18
C LEU C 514 8.62 -49.60 2.51
N SER C 515 7.63 -48.85 3.00
CA SER C 515 6.36 -48.74 2.29
C SER C 515 6.46 -47.71 1.15
N LYS C 516 7.12 -46.59 1.41
CA LYS C 516 7.30 -45.59 0.36
C LYS C 516 8.28 -46.09 -0.70
N ALA C 517 9.40 -46.67 -0.27
CA ALA C 517 10.45 -47.11 -1.19
C ALA C 517 11.10 -48.38 -0.66
N ASN C 518 12.12 -48.88 -1.34
CA ASN C 518 12.87 -50.02 -0.82
C ASN C 518 14.35 -49.74 -0.53
N VAL C 519 14.84 -50.28 0.58
CA VAL C 519 16.18 -49.97 1.07
C VAL C 519 17.19 -51.01 0.61
N LEU C 520 18.47 -50.66 0.70
CA LEU C 520 19.59 -51.57 0.45
C LEU C 520 20.36 -51.68 1.76
N GLY C 521 21.37 -52.56 1.80
CA GLY C 521 22.02 -52.88 3.06
C GLY C 521 23.54 -52.79 3.05
N LEU C 522 24.09 -51.77 2.40
CA LEU C 522 25.54 -51.64 2.23
C LEU C 522 26.29 -51.52 3.56
N SER C 523 25.59 -51.57 4.69
CA SER C 523 26.22 -51.51 6.00
C SER C 523 27.17 -52.69 6.20
N ALA C 524 28.15 -52.49 7.08
CA ALA C 524 29.13 -53.53 7.36
C ALA C 524 29.75 -53.35 8.73
N VAL C 531 23.74 -52.47 21.94
CA VAL C 531 22.38 -53.04 22.01
C VAL C 531 21.33 -52.20 21.28
N LEU C 532 21.34 -50.89 21.46
CA LEU C 532 20.36 -49.99 20.87
C LEU C 532 20.94 -49.25 19.67
N ASP C 533 21.96 -49.83 19.04
CA ASP C 533 22.58 -49.23 17.87
C ASP C 533 22.79 -50.26 16.76
N ASN C 534 21.97 -51.30 16.76
CA ASN C 534 22.06 -52.34 15.72
C ASN C 534 20.66 -52.76 15.29
N TYR C 535 19.70 -51.85 15.42
CA TYR C 535 18.30 -52.11 15.10
C TYR C 535 17.78 -53.34 15.83
N ASP C 536 16.73 -53.97 15.28
CA ASP C 536 16.14 -55.15 15.89
C ASP C 536 15.87 -56.20 14.81
N LEU C 537 16.91 -56.52 14.04
CA LEU C 537 16.83 -57.34 12.84
C LEU C 537 15.88 -58.54 12.96
N GLY C 538 15.79 -59.13 14.16
CA GLY C 538 14.82 -60.17 14.38
C GLY C 538 13.39 -59.70 14.16
N TYR C 539 13.06 -58.52 14.71
CA TYR C 539 11.72 -57.96 14.52
C TYR C 539 11.45 -57.67 13.05
N LEU C 540 12.47 -57.18 12.33
CA LEU C 540 12.32 -56.93 10.91
C LEU C 540 12.05 -58.22 10.15
N ARG C 541 12.80 -59.28 10.47
CA ARG C 541 12.57 -60.56 9.81
C ARG C 541 11.19 -61.12 10.15
N GLU C 542 10.68 -60.79 11.34
CA GLU C 542 9.30 -61.16 11.67
C GLU C 542 8.30 -60.41 10.80
N MET C 543 8.44 -59.09 10.71
CA MET C 543 7.46 -58.26 10.00
C MET C 543 7.52 -58.43 8.49
N LEU C 544 8.67 -58.07 7.90
CA LEU C 544 8.83 -58.18 6.45
C LEU C 544 8.66 -59.61 5.97
N GLY C 545 9.22 -60.57 6.71
CA GLY C 545 9.01 -61.97 6.43
C GLY C 545 9.66 -62.44 5.15
N PRO C 546 8.84 -62.69 4.11
CA PRO C 546 9.38 -63.21 2.85
C PRO C 546 10.42 -62.31 2.20
N ARG C 547 10.49 -61.04 2.62
CA ARG C 547 11.43 -60.09 2.04
C ARG C 547 12.27 -59.47 3.16
N LEU C 548 13.28 -60.20 3.59
CA LEU C 548 14.19 -59.68 4.62
C LEU C 548 15.64 -60.10 4.44
N LEU C 549 16.01 -60.78 3.36
CA LEU C 549 17.28 -61.47 3.31
C LEU C 549 17.70 -61.75 1.87
N ASP C 550 18.86 -62.41 1.72
CA ASP C 550 19.47 -62.86 0.46
C ASP C 550 20.63 -61.93 0.19
N GLY C 551 21.47 -62.30 -0.78
CA GLY C 551 22.68 -61.54 -1.08
C GLY C 551 23.12 -61.77 -2.52
N ASP C 790 14.40 -33.62 29.58
CA ASP C 790 13.59 -34.82 29.48
C ASP C 790 14.14 -35.75 28.40
N ALA C 791 15.02 -35.22 27.56
CA ALA C 791 15.62 -36.01 26.50
C ALA C 791 16.27 -37.25 27.07
N ALA C 792 17.16 -37.04 28.03
CA ALA C 792 17.87 -38.12 28.68
C ALA C 792 16.89 -39.14 29.25
N GLY C 793 15.88 -38.65 29.97
CA GLY C 793 14.89 -39.53 30.56
C GLY C 793 14.24 -40.41 29.53
N LEU C 794 13.77 -39.80 28.45
CA LEU C 794 13.12 -40.55 27.40
C LEU C 794 14.06 -41.59 26.82
N ARG C 795 15.31 -41.21 26.57
CA ARG C 795 16.31 -42.12 26.05
C ARG C 795 16.40 -43.35 26.93
N SER C 796 16.58 -43.10 28.22
CA SER C 796 16.69 -44.17 29.20
C SER C 796 15.48 -45.09 29.13
N ILE C 797 14.30 -44.51 29.17
CA ILE C 797 13.06 -45.27 29.12
C ILE C 797 13.03 -46.18 27.91
N ILE C 798 13.32 -45.59 26.76
CA ILE C 798 13.36 -46.29 25.50
C ILE C 798 14.29 -47.50 25.57
N GLU C 799 15.51 -47.26 26.01
CA GLU C 799 16.49 -48.34 26.13
C GLU C 799 15.94 -49.46 27.01
N GLN C 800 15.39 -49.08 28.15
CA GLN C 800 14.88 -50.08 29.07
C GLN C 800 13.95 -51.07 28.40
N GLU C 801 12.78 -50.62 27.98
CA GLU C 801 11.81 -51.56 27.42
C GLU C 801 12.36 -52.26 26.20
N TYR C 802 13.23 -51.60 25.44
CA TYR C 802 13.87 -52.29 24.33
C TYR C 802 14.40 -53.54 24.95
N LEU C 803 15.30 -53.37 25.92
CA LEU C 803 15.88 -54.51 26.63
C LEU C 803 14.84 -55.49 27.17
N PHE C 804 13.79 -54.98 27.82
CA PHE C 804 12.76 -55.86 28.35
C PHE C 804 12.16 -56.69 27.23
N ASP C 805 11.81 -56.02 26.14
CA ASP C 805 11.24 -56.68 24.99
C ASP C 805 12.17 -57.80 24.51
N ALA C 806 13.44 -57.47 24.34
CA ALA C 806 14.44 -58.44 23.90
C ALA C 806 14.42 -59.70 24.76
#